data_8HMN
#
_entry.id   8HMN
#
_cell.length_a   77.850
_cell.length_b   123.964
_cell.length_c   132.859
_cell.angle_alpha   90.00
_cell.angle_beta   90.00
_cell.angle_gamma   90.00
#
_symmetry.space_group_name_H-M   'P 21 21 21'
#
loop_
_entity.id
_entity.type
_entity.pdbx_description
1 polymer 'Glyceraldehyde-3-phosphate dehydrogenase'
2 non-polymer NICOTINAMIDE-ADENINE-DINUCLEOTIDE
3 non-polymer ARSENATE
4 non-polymer 1,2-ETHANEDIOL
5 non-polymer 2-AMINO-2-HYDROXYMETHYL-PROPANE-1,3-DIOL
6 water water
#
_entity_poly.entity_id   1
_entity_poly.type   'polypeptide(L)'
_entity_poly.pdbx_seq_one_letter_code
;MGSSHHHHHHSSGLVPRGSHMSVKIGINGFGRIGRLAFRRILELGEKSSDIEVVAINDLTSPALLAHLLKYDSTHGTLNA
DVSATDDSIVVNGKNYRVYAEPQAQNIPWVKNDGVDFVLECTGFYTSKAKSQAHLDAGAKRVLISAPAGSDLKTIVYNVN
DDILTADDRIVSAGSCTTNCLAPLAFFENKEFGIKVGTMTTIHAYTSTQMLLDGPVRGGNFRAARAAGVNTIPHSTGAAK
ALGLVIPELNGKLQGHAQRVGVVDGSLTELVAILDKKVTADEVNAAIKKHTEGNESFGYNDDEIVSSDVIGTTFGSIFDP
TQTEVTSDGDNQLVKTVAWYDNEYGFTCQMVRTLLKFATL
;
_entity_poly.pdbx_strand_id   A,B,C,D
#
# COMPACT_ATOMS: atom_id res chain seq x y z
N ILE A 25 -29.35 -11.13 -22.73
CA ILE A 25 -28.05 -10.57 -22.27
C ILE A 25 -27.21 -11.65 -21.59
N GLY A 26 -26.09 -12.00 -22.21
CA GLY A 26 -25.16 -12.96 -21.61
C GLY A 26 -23.85 -12.27 -21.30
N ILE A 27 -23.41 -12.33 -20.06
CA ILE A 27 -22.12 -11.71 -19.68
C ILE A 27 -21.04 -12.78 -19.79
N ASN A 28 -20.18 -12.66 -20.77
CA ASN A 28 -19.00 -13.55 -20.86
C ASN A 28 -17.85 -12.85 -20.10
N GLY A 29 -17.37 -13.47 -19.01
CA GLY A 29 -16.34 -12.90 -18.14
C GLY A 29 -16.98 -12.11 -17.02
N PHE A 30 -17.18 -12.75 -15.88
CA PHE A 30 -17.80 -12.21 -14.66
C PHE A 30 -16.66 -11.72 -13.76
N GLY A 31 -15.83 -10.85 -14.33
CA GLY A 31 -14.67 -10.22 -13.68
C GLY A 31 -15.05 -8.85 -13.17
N ARG A 32 -14.08 -7.96 -13.06
CA ARG A 32 -14.31 -6.59 -12.56
C ARG A 32 -15.43 -5.95 -13.40
N ILE A 33 -15.25 -5.94 -14.72
CA ILE A 33 -16.20 -5.25 -15.65
C ILE A 33 -17.52 -6.04 -15.69
N GLY A 34 -17.45 -7.36 -15.77
CA GLY A 34 -18.64 -8.22 -15.90
C GLY A 34 -19.55 -8.10 -14.69
N ARG A 35 -18.99 -8.13 -13.49
CA ARG A 35 -19.78 -8.09 -12.24
C ARG A 35 -20.31 -6.66 -12.07
N LEU A 36 -19.55 -5.64 -12.43
CA LEU A 36 -20.04 -4.25 -12.29
C LEU A 36 -21.13 -3.98 -13.33
N ALA A 37 -21.01 -4.53 -14.54
CA ALA A 37 -22.06 -4.46 -15.59
C ALA A 37 -23.35 -5.04 -15.01
N PHE A 38 -23.25 -6.21 -14.39
CA PHE A 38 -24.39 -6.90 -13.70
C PHE A 38 -24.98 -5.94 -12.65
N ARG A 39 -24.14 -5.38 -11.78
CA ARG A 39 -24.64 -4.44 -10.73
C ARG A 39 -25.34 -3.24 -11.39
N ARG A 40 -24.74 -2.69 -12.44
CA ARG A 40 -25.29 -1.49 -13.08
C ARG A 40 -26.65 -1.81 -13.71
N ILE A 41 -26.72 -2.89 -14.49
CA ILE A 41 -27.98 -3.33 -15.18
C ILE A 41 -29.04 -3.56 -14.10
N LEU A 42 -28.68 -4.25 -13.00
CA LEU A 42 -29.60 -4.51 -11.87
C LEU A 42 -30.12 -3.18 -11.30
N GLU A 43 -29.23 -2.24 -10.97
CA GLU A 43 -29.63 -0.99 -10.26
C GLU A 43 -30.46 -0.10 -11.20
N LEU A 44 -30.30 -0.21 -12.51
CA LEU A 44 -31.08 0.61 -13.47
C LEU A 44 -32.54 0.13 -13.49
N ILE A 51 -33.72 -3.03 -18.72
CA ILE A 51 -32.81 -4.08 -19.30
C ILE A 51 -32.66 -5.18 -18.24
N GLU A 52 -32.30 -6.41 -18.64
CA GLU A 52 -31.99 -7.50 -17.67
C GLU A 52 -31.02 -8.55 -18.25
N VAL A 53 -30.09 -8.95 -17.39
CA VAL A 53 -29.13 -10.08 -17.56
C VAL A 53 -29.90 -11.39 -17.36
N VAL A 54 -29.58 -12.44 -18.10
CA VAL A 54 -30.20 -13.80 -17.95
C VAL A 54 -29.16 -14.90 -17.72
N ALA A 55 -27.89 -14.70 -18.06
CA ALA A 55 -26.89 -15.79 -17.89
C ALA A 55 -25.46 -15.26 -17.90
N ILE A 56 -24.53 -16.08 -17.39
CA ILE A 56 -23.13 -15.69 -17.08
C ILE A 56 -22.22 -16.83 -17.52
N ASN A 57 -21.06 -16.52 -18.06
CA ASN A 57 -20.03 -17.54 -18.35
C ASN A 57 -18.69 -17.07 -17.80
N ASP A 58 -17.93 -17.97 -17.19
CA ASP A 58 -16.58 -17.67 -16.64
C ASP A 58 -15.78 -18.98 -16.61
N LEU A 59 -14.79 -19.09 -15.72
CA LEU A 59 -13.93 -20.27 -15.54
C LEU A 59 -14.08 -20.81 -14.12
N THR A 60 -15.23 -20.59 -13.46
CA THR A 60 -15.34 -20.74 -11.98
C THR A 60 -16.70 -21.28 -11.52
N SER A 61 -16.73 -21.76 -10.28
CA SER A 61 -17.93 -22.22 -9.54
C SER A 61 -18.95 -21.08 -9.44
N PRO A 62 -20.24 -21.40 -9.51
CA PRO A 62 -21.29 -20.45 -9.18
C PRO A 62 -21.17 -19.88 -7.75
N ALA A 63 -20.71 -20.71 -6.81
CA ALA A 63 -20.54 -20.31 -5.39
C ALA A 63 -19.57 -19.12 -5.32
N LEU A 64 -18.41 -19.20 -5.99
CA LEU A 64 -17.40 -18.09 -5.97
C LEU A 64 -17.96 -16.87 -6.72
N LEU A 65 -18.64 -17.07 -7.85
CA LEU A 65 -19.16 -15.93 -8.65
C LEU A 65 -20.18 -15.17 -7.81
N ALA A 66 -21.06 -15.86 -7.07
CA ALA A 66 -22.07 -15.27 -6.17
C ALA A 66 -21.36 -14.47 -5.07
N HIS A 67 -20.29 -15.05 -4.52
CA HIS A 67 -19.48 -14.43 -3.43
C HIS A 67 -18.85 -13.12 -3.92
N LEU A 68 -18.24 -13.12 -5.11
CA LEU A 68 -17.53 -11.95 -5.69
C LEU A 68 -18.53 -10.85 -6.09
N LEU A 69 -19.70 -11.24 -6.61
CA LEU A 69 -20.79 -10.26 -6.89
C LEU A 69 -21.22 -9.58 -5.60
N LYS A 70 -21.39 -10.36 -4.53
CA LYS A 70 -21.92 -9.87 -3.23
C LYS A 70 -20.90 -8.93 -2.56
N TYR A 71 -19.65 -9.38 -2.45
CA TYR A 71 -18.58 -8.68 -1.68
C TYR A 71 -17.53 -8.17 -2.65
N ASP A 72 -17.38 -6.85 -2.72
CA ASP A 72 -16.47 -6.17 -3.67
C ASP A 72 -15.56 -5.25 -2.85
N SER A 73 -14.26 -5.56 -2.87
CA SER A 73 -13.20 -4.82 -2.14
C SER A 73 -13.17 -3.34 -2.59
N THR A 74 -13.48 -3.03 -3.84
CA THR A 74 -13.49 -1.63 -4.32
C THR A 74 -14.84 -0.95 -4.06
N HIS A 75 -15.96 -1.60 -4.40
CA HIS A 75 -17.27 -0.90 -4.52
C HIS A 75 -18.22 -1.26 -3.38
N GLY A 76 -17.82 -2.13 -2.45
CA GLY A 76 -18.62 -2.45 -1.26
C GLY A 76 -19.60 -3.59 -1.51
N THR A 77 -20.45 -3.83 -0.53
CA THR A 77 -21.32 -5.01 -0.42
C THR A 77 -22.60 -4.71 -1.21
N LEU A 78 -23.03 -5.62 -2.07
CA LEU A 78 -24.26 -5.47 -2.88
C LEU A 78 -25.44 -5.45 -1.93
N ASN A 79 -26.26 -4.42 -1.97
CA ASN A 79 -27.48 -4.38 -1.13
C ASN A 79 -28.56 -5.18 -1.85
N ALA A 80 -28.47 -6.51 -1.77
CA ALA A 80 -29.42 -7.49 -2.34
C ALA A 80 -29.10 -8.87 -1.76
N ASP A 81 -30.08 -9.79 -1.86
CA ASP A 81 -29.95 -11.19 -1.39
C ASP A 81 -29.26 -12.00 -2.48
N VAL A 82 -28.04 -12.45 -2.20
CA VAL A 82 -27.20 -13.20 -3.17
C VAL A 82 -26.97 -14.59 -2.59
N SER A 83 -27.18 -15.61 -3.43
CA SER A 83 -26.92 -17.03 -3.14
C SER A 83 -26.48 -17.73 -4.43
N ALA A 84 -26.12 -19.01 -4.32
CA ALA A 84 -25.68 -19.86 -5.45
C ALA A 84 -26.45 -21.19 -5.38
N THR A 85 -26.57 -21.86 -6.51
CA THR A 85 -26.98 -23.29 -6.63
C THR A 85 -25.79 -24.01 -7.29
N ASP A 86 -25.95 -25.27 -7.66
CA ASP A 86 -24.84 -26.06 -8.29
C ASP A 86 -24.53 -25.47 -9.67
N ASP A 87 -25.43 -24.70 -10.29
CA ASP A 87 -25.26 -24.29 -11.71
C ASP A 87 -25.69 -22.83 -11.96
N SER A 88 -25.84 -22.00 -10.93
CA SER A 88 -26.37 -20.63 -11.11
C SER A 88 -26.10 -19.75 -9.88
N ILE A 89 -26.40 -18.47 -10.03
CA ILE A 89 -26.40 -17.43 -8.98
C ILE A 89 -27.84 -16.96 -8.81
N VAL A 90 -28.26 -16.68 -7.57
CA VAL A 90 -29.64 -16.18 -7.30
C VAL A 90 -29.49 -14.79 -6.68
N VAL A 91 -30.12 -13.77 -7.28
CA VAL A 91 -30.18 -12.40 -6.73
C VAL A 91 -31.65 -11.98 -6.61
N ASN A 92 -32.11 -11.75 -5.39
CA ASN A 92 -33.49 -11.28 -5.07
C ASN A 92 -34.50 -12.17 -5.78
N GLY A 93 -34.37 -13.49 -5.59
CA GLY A 93 -35.36 -14.50 -6.02
C GLY A 93 -35.31 -14.74 -7.51
N LYS A 94 -34.29 -14.25 -8.20
CA LYS A 94 -34.16 -14.37 -9.67
C LYS A 94 -32.93 -15.25 -9.96
N ASN A 95 -33.06 -16.21 -10.88
CA ASN A 95 -32.02 -17.22 -11.16
C ASN A 95 -31.20 -16.75 -12.37
N TYR A 96 -29.88 -16.82 -12.26
CA TYR A 96 -28.95 -16.43 -13.34
C TYR A 96 -28.00 -17.60 -13.58
N ARG A 97 -28.23 -18.28 -14.69
CA ARG A 97 -27.52 -19.53 -15.04
C ARG A 97 -26.04 -19.20 -15.23
N VAL A 98 -25.17 -20.04 -14.69
CA VAL A 98 -23.70 -19.90 -14.79
C VAL A 98 -23.16 -21.06 -15.62
N TYR A 99 -22.47 -20.73 -16.71
CA TYR A 99 -21.69 -21.71 -17.53
C TYR A 99 -20.21 -21.50 -17.20
N ALA A 100 -19.37 -22.49 -17.49
CA ALA A 100 -17.89 -22.43 -17.38
C ALA A 100 -17.25 -23.00 -18.66
N GLU A 101 -17.71 -22.52 -19.82
CA GLU A 101 -17.25 -22.92 -21.18
C GLU A 101 -16.14 -21.94 -21.63
N PRO A 102 -14.87 -22.35 -21.69
CA PRO A 102 -13.80 -21.48 -22.22
C PRO A 102 -14.02 -21.07 -23.70
N GLN A 103 -14.57 -21.94 -24.53
CA GLN A 103 -14.82 -21.55 -25.93
C GLN A 103 -16.24 -21.01 -26.02
N ALA A 104 -16.37 -19.75 -26.45
CA ALA A 104 -17.69 -19.10 -26.55
C ALA A 104 -18.57 -19.86 -27.52
N GLN A 105 -17.97 -20.74 -28.33
CA GLN A 105 -18.73 -21.54 -29.34
C GLN A 105 -19.57 -22.63 -28.66
N ASN A 106 -19.82 -22.54 -27.34
CA ASN A 106 -20.65 -23.52 -26.58
C ASN A 106 -21.80 -22.84 -25.81
N VAL A 118 -24.67 -10.42 -26.31
CA VAL A 118 -23.51 -10.85 -25.46
C VAL A 118 -22.66 -9.64 -25.07
N LEU A 119 -22.52 -9.39 -23.77
CA LEU A 119 -21.52 -8.47 -23.20
C LEU A 119 -20.21 -9.24 -23.00
N GLU A 120 -19.24 -9.03 -23.87
CA GLU A 120 -17.97 -9.80 -23.88
C GLU A 120 -16.94 -9.08 -23.00
N CYS A 121 -16.71 -9.58 -21.78
CA CYS A 121 -15.88 -8.91 -20.74
C CYS A 121 -14.72 -9.79 -20.27
N THR A 122 -14.25 -10.76 -21.06
CA THR A 122 -13.20 -11.73 -20.66
C THR A 122 -11.80 -11.17 -20.90
N GLY A 123 -11.65 -10.27 -21.88
CA GLY A 123 -10.36 -9.78 -22.39
C GLY A 123 -9.70 -10.76 -23.36
N PHE A 124 -10.34 -11.89 -23.70
CA PHE A 124 -9.75 -12.95 -24.55
C PHE A 124 -10.44 -13.00 -25.93
N TYR A 125 -11.41 -12.12 -26.20
CA TYR A 125 -12.19 -12.09 -27.48
C TYR A 125 -12.22 -10.66 -28.05
N THR A 126 -11.06 -9.99 -27.98
CA THR A 126 -10.87 -8.55 -28.37
C THR A 126 -10.66 -8.40 -29.88
N SER A 127 -11.50 -9.03 -30.68
CA SER A 127 -11.50 -9.03 -32.17
C SER A 127 -12.87 -9.40 -32.72
N LYS A 128 -13.21 -8.84 -33.90
CA LYS A 128 -14.39 -9.22 -34.71
C LYS A 128 -14.36 -10.74 -34.93
N ALA A 129 -13.21 -11.27 -35.34
CA ALA A 129 -12.99 -12.69 -35.71
C ALA A 129 -13.27 -13.61 -34.50
N LYS A 130 -12.75 -13.26 -33.33
CA LYS A 130 -12.91 -14.08 -32.09
C LYS A 130 -14.36 -13.95 -31.61
N SER A 131 -14.87 -12.71 -31.52
CA SER A 131 -16.22 -12.43 -30.99
C SER A 131 -17.30 -12.99 -31.93
N GLN A 132 -16.94 -13.32 -33.18
CA GLN A 132 -17.84 -14.01 -34.14
C GLN A 132 -18.51 -15.21 -33.45
N ALA A 133 -17.73 -15.91 -32.60
CA ALA A 133 -18.19 -17.09 -31.84
C ALA A 133 -19.56 -16.84 -31.17
N HIS A 134 -19.80 -15.64 -30.68
CA HIS A 134 -21.08 -15.45 -29.96
C HIS A 134 -22.25 -15.41 -30.97
N LYS A 140 -27.82 -12.05 -30.98
CA LYS A 140 -28.10 -11.07 -32.07
C LYS A 140 -26.90 -10.14 -32.20
N ARG A 141 -26.46 -9.55 -31.07
CA ARG A 141 -25.35 -8.57 -31.11
C ARG A 141 -24.27 -8.89 -30.07
N VAL A 142 -23.03 -8.43 -30.26
CA VAL A 142 -21.92 -8.54 -29.28
C VAL A 142 -21.36 -7.15 -29.05
N LEU A 143 -21.31 -6.72 -27.78
CA LEU A 143 -20.55 -5.52 -27.35
C LEU A 143 -19.31 -5.98 -26.57
N ILE A 144 -18.13 -5.65 -27.08
CA ILE A 144 -16.81 -6.00 -26.46
C ILE A 144 -16.37 -4.87 -25.53
N SER A 145 -16.02 -5.21 -24.28
CA SER A 145 -15.68 -4.27 -23.19
C SER A 145 -14.23 -3.80 -23.34
N ALA A 146 -13.73 -3.58 -24.56
CA ALA A 146 -12.31 -3.23 -24.78
C ALA A 146 -12.11 -2.80 -26.24
N PRO A 147 -10.98 -2.16 -26.56
CA PRO A 147 -10.61 -1.94 -27.95
C PRO A 147 -10.57 -3.33 -28.61
N ALA A 148 -10.96 -3.42 -29.88
CA ALA A 148 -11.13 -4.70 -30.61
C ALA A 148 -10.79 -4.51 -32.09
N GLY A 149 -9.97 -3.51 -32.43
CA GLY A 149 -9.37 -3.37 -33.78
C GLY A 149 -10.02 -2.28 -34.60
N SER A 150 -9.58 -2.10 -35.85
CA SER A 150 -9.96 -0.98 -36.74
C SER A 150 -11.04 -1.43 -37.74
N ASP A 151 -11.52 -2.67 -37.66
CA ASP A 151 -12.43 -3.27 -38.66
C ASP A 151 -13.82 -3.47 -38.04
N LEU A 152 -14.12 -2.81 -36.91
CA LEU A 152 -15.51 -2.63 -36.42
C LEU A 152 -15.63 -1.26 -35.75
N LYS A 153 -16.84 -0.85 -35.41
CA LYS A 153 -17.12 0.45 -34.75
C LYS A 153 -16.65 0.37 -33.30
N THR A 154 -15.96 1.40 -32.84
CA THR A 154 -15.60 1.65 -31.42
C THR A 154 -16.45 2.80 -30.92
N ILE A 155 -17.35 2.55 -29.97
CA ILE A 155 -18.35 3.54 -29.48
C ILE A 155 -17.95 4.05 -28.10
N VAL A 156 -17.79 5.36 -27.99
CA VAL A 156 -17.80 6.10 -26.70
C VAL A 156 -19.17 6.78 -26.61
N TYR A 157 -20.04 6.32 -25.72
CA TYR A 157 -21.39 6.90 -25.60
C TYR A 157 -21.24 8.41 -25.36
N ASN A 158 -22.08 9.19 -26.05
CA ASN A 158 -22.15 10.68 -26.02
C ASN A 158 -20.96 11.31 -26.74
N VAL A 159 -20.18 10.53 -27.50
CA VAL A 159 -19.25 11.12 -28.50
C VAL A 159 -19.67 10.65 -29.90
N ASN A 160 -19.84 9.35 -30.15
CA ASN A 160 -20.10 8.83 -31.52
C ASN A 160 -21.08 7.66 -31.52
N ASP A 161 -21.92 7.53 -30.49
CA ASP A 161 -22.93 6.45 -30.43
C ASP A 161 -23.91 6.57 -31.62
N ASP A 162 -23.87 7.69 -32.36
CA ASP A 162 -24.83 7.93 -33.48
C ASP A 162 -24.38 7.21 -34.76
N ILE A 163 -23.14 6.70 -34.83
CA ILE A 163 -22.68 5.92 -36.01
C ILE A 163 -23.24 4.49 -35.95
N LEU A 164 -23.89 4.09 -34.85
CA LEU A 164 -24.51 2.75 -34.70
C LEU A 164 -25.73 2.66 -35.62
N THR A 165 -25.85 1.54 -36.33
CA THR A 165 -26.99 1.19 -37.23
C THR A 165 -27.46 -0.22 -36.88
N ALA A 166 -28.66 -0.61 -37.34
CA ALA A 166 -29.31 -1.90 -37.05
C ALA A 166 -28.52 -3.06 -37.66
N ASP A 167 -27.62 -2.80 -38.61
CA ASP A 167 -26.76 -3.81 -39.27
C ASP A 167 -25.54 -4.17 -38.41
N ASP A 168 -25.16 -3.33 -37.44
CA ASP A 168 -23.96 -3.54 -36.59
C ASP A 168 -24.19 -4.74 -35.66
N ARG A 169 -23.34 -5.77 -35.76
CA ARG A 169 -23.51 -7.03 -34.98
C ARG A 169 -22.40 -7.12 -33.91
N ILE A 170 -21.15 -6.73 -34.23
CA ILE A 170 -20.01 -6.79 -33.28
C ILE A 170 -19.39 -5.39 -33.13
N VAL A 171 -19.49 -4.83 -31.93
CA VAL A 171 -19.13 -3.42 -31.61
C VAL A 171 -18.16 -3.44 -30.41
N SER A 172 -17.17 -2.54 -30.43
CA SER A 172 -16.24 -2.28 -29.30
C SER A 172 -16.80 -1.08 -28.52
N ALA A 173 -16.86 -1.20 -27.18
CA ALA A 173 -17.20 -0.11 -26.25
C ALA A 173 -15.95 0.71 -25.93
N GLY A 174 -14.83 0.44 -26.62
CA GLY A 174 -13.55 1.13 -26.39
C GLY A 174 -12.93 0.73 -25.06
N SER A 175 -11.86 1.39 -24.64
CA SER A 175 -11.22 1.19 -23.31
C SER A 175 -11.78 2.24 -22.35
N CYS A 176 -11.54 2.06 -21.05
CA CYS A 176 -11.78 3.05 -19.98
C CYS A 176 -11.09 4.37 -20.38
N THR A 177 -9.83 4.33 -20.79
CA THR A 177 -9.06 5.54 -21.15
C THR A 177 -9.70 6.22 -22.36
N THR A 178 -10.20 5.46 -23.34
CA THR A 178 -10.89 5.99 -24.54
C THR A 178 -12.13 6.77 -24.10
N ASN A 179 -12.86 6.25 -23.13
CA ASN A 179 -14.13 6.87 -22.67
C ASN A 179 -13.81 8.13 -21.85
N CYS A 180 -12.61 8.19 -21.26
CA CYS A 180 -12.16 9.39 -20.53
C CYS A 180 -11.64 10.44 -21.51
N LEU A 181 -10.67 10.05 -22.35
CA LEU A 181 -10.01 10.96 -23.34
C LEU A 181 -10.99 11.51 -24.38
N ALA A 182 -11.88 10.68 -24.92
CA ALA A 182 -12.66 11.00 -26.14
C ALA A 182 -13.39 12.35 -25.93
N PRO A 183 -14.23 12.50 -24.89
CA PRO A 183 -15.01 13.73 -24.74
C PRO A 183 -14.10 14.94 -24.46
N LEU A 184 -13.05 14.77 -23.66
CA LEU A 184 -12.09 15.87 -23.37
C LEU A 184 -11.49 16.35 -24.69
N ALA A 185 -10.98 15.44 -25.52
CA ALA A 185 -10.36 15.77 -26.83
C ALA A 185 -11.42 16.30 -27.81
N PHE A 186 -12.57 15.63 -27.91
CA PHE A 186 -13.67 16.04 -28.83
C PHE A 186 -14.05 17.51 -28.58
N PHE A 187 -14.37 17.89 -27.35
CA PHE A 187 -14.88 19.25 -27.02
C PHE A 187 -13.74 20.25 -27.03
N GLU A 188 -12.54 19.87 -26.57
CA GLU A 188 -11.36 20.77 -26.64
C GLU A 188 -11.07 21.08 -28.11
N ASN A 189 -11.07 20.07 -28.97
CA ASN A 189 -10.78 20.25 -30.42
C ASN A 189 -11.89 21.08 -31.08
N LYS A 190 -13.15 20.80 -30.78
CA LYS A 190 -14.30 21.57 -31.33
C LYS A 190 -14.09 23.06 -31.05
N GLU A 191 -13.71 23.41 -29.81
CA GLU A 191 -13.68 24.81 -29.33
C GLU A 191 -12.42 25.52 -29.80
N PHE A 192 -11.28 24.83 -29.93
CA PHE A 192 -9.96 25.48 -30.08
C PHE A 192 -9.12 24.90 -31.22
N GLY A 193 -9.46 23.69 -31.71
CA GLY A 193 -8.68 23.00 -32.75
C GLY A 193 -7.37 22.44 -32.19
N ILE A 194 -7.30 21.11 -31.99
CA ILE A 194 -6.05 20.42 -31.56
C ILE A 194 -5.22 20.16 -32.82
N LYS A 195 -4.04 20.76 -32.91
CA LYS A 195 -3.09 20.48 -34.02
C LYS A 195 -2.40 19.15 -33.72
N VAL A 196 -1.97 19.01 -32.47
CA VAL A 196 -1.23 17.81 -32.00
C VAL A 196 -1.33 17.78 -30.47
N GLY A 197 -1.43 16.56 -29.92
CA GLY A 197 -1.53 16.34 -28.46
C GLY A 197 -0.78 15.08 -28.04
N THR A 198 -0.32 15.07 -26.78
CA THR A 198 0.12 13.84 -26.10
C THR A 198 -0.67 13.70 -24.79
N MET A 199 -0.94 12.45 -24.44
CA MET A 199 -1.70 12.05 -23.24
C MET A 199 -0.79 11.25 -22.29
N THR A 200 -0.91 11.47 -20.99
CA THR A 200 -0.47 10.53 -19.94
C THR A 200 -1.66 10.23 -19.02
N THR A 201 -2.04 8.96 -18.88
CA THR A 201 -3.05 8.51 -17.88
C THR A 201 -2.33 7.95 -16.66
N ILE A 202 -2.54 8.59 -15.51
CA ILE A 202 -2.13 8.07 -14.18
C ILE A 202 -3.26 7.16 -13.71
N HIS A 203 -3.05 5.86 -13.86
CA HIS A 203 -4.12 4.84 -13.97
C HIS A 203 -3.97 3.81 -12.85
N ALA A 204 -5.07 3.48 -12.17
CA ALA A 204 -5.17 2.39 -11.17
C ALA A 204 -4.61 1.11 -11.78
N TYR A 205 -4.06 0.22 -10.94
CA TYR A 205 -3.63 -1.11 -11.41
C TYR A 205 -4.89 -1.90 -11.76
N THR A 206 -4.72 -2.84 -12.70
CA THR A 206 -5.79 -3.71 -13.23
C THR A 206 -5.38 -5.19 -13.11
N SER A 207 -6.32 -6.07 -13.42
CA SER A 207 -6.22 -7.51 -13.13
C SER A 207 -5.18 -8.18 -14.05
N THR A 208 -4.74 -7.56 -15.15
CA THR A 208 -3.66 -8.08 -16.00
C THR A 208 -2.29 -7.87 -15.33
N GLN A 209 -2.19 -7.00 -14.35
CA GLN A 209 -0.90 -6.69 -13.69
C GLN A 209 -0.60 -7.79 -12.66
N MET A 210 0.63 -7.78 -12.13
CA MET A 210 1.18 -8.79 -11.21
C MET A 210 1.08 -8.27 -9.77
N LEU A 211 0.68 -9.14 -8.84
CA LEU A 211 0.68 -8.83 -7.39
C LEU A 211 2.13 -8.71 -6.89
N LEU A 212 3.00 -9.61 -7.35
CA LEU A 212 4.44 -9.58 -7.02
C LEU A 212 5.20 -9.85 -8.31
N ASP A 213 6.45 -9.37 -8.40
CA ASP A 213 7.28 -9.52 -9.62
C ASP A 213 7.17 -10.96 -10.09
N GLY A 214 6.75 -11.21 -11.34
CA GLY A 214 6.85 -12.55 -11.92
C GLY A 214 6.40 -12.62 -13.37
N PRO A 215 6.47 -13.82 -13.98
CA PRO A 215 6.04 -14.03 -15.36
C PRO A 215 4.58 -13.59 -15.50
N VAL A 216 4.33 -12.84 -16.57
CA VAL A 216 3.02 -12.21 -16.92
C VAL A 216 2.73 -12.59 -18.37
N ARG A 217 1.47 -12.79 -18.73
CA ARG A 217 1.15 -13.15 -20.13
C ARG A 217 1.49 -11.96 -21.03
N GLY A 218 2.13 -12.20 -22.16
CA GLY A 218 2.69 -11.16 -23.04
C GLY A 218 4.17 -10.92 -22.80
N GLY A 219 4.69 -11.24 -21.61
CA GLY A 219 6.15 -11.19 -21.34
C GLY A 219 6.69 -9.78 -21.16
N ASN A 220 5.83 -8.76 -21.04
CA ASN A 220 6.25 -7.34 -20.92
C ASN A 220 7.06 -7.14 -19.63
N PHE A 221 8.22 -6.48 -19.71
CA PHE A 221 9.19 -6.29 -18.60
C PHE A 221 8.57 -5.50 -17.46
N ARG A 222 7.62 -4.62 -17.79
CA ARG A 222 7.02 -3.65 -16.84
C ARG A 222 5.75 -4.23 -16.25
N ALA A 223 4.87 -4.83 -17.08
CA ALA A 223 3.62 -5.49 -16.62
C ALA A 223 3.95 -6.61 -15.62
N ALA A 224 5.18 -7.15 -15.67
CA ALA A 224 5.68 -8.24 -14.81
C ALA A 224 5.84 -7.79 -13.35
N ARG A 225 5.89 -6.48 -13.08
CA ARG A 225 6.37 -5.94 -11.78
C ARG A 225 5.22 -5.70 -10.81
N ALA A 226 5.48 -5.91 -9.51
CA ALA A 226 4.54 -5.78 -8.39
C ALA A 226 3.75 -4.47 -8.51
N ALA A 227 2.44 -4.56 -8.71
CA ALA A 227 1.58 -3.41 -9.07
C ALA A 227 1.41 -2.45 -7.90
N GLY A 228 1.35 -2.95 -6.67
CA GLY A 228 1.02 -2.15 -5.47
C GLY A 228 2.14 -1.27 -4.96
N VAL A 229 3.39 -1.52 -5.38
CA VAL A 229 4.57 -0.80 -4.84
C VAL A 229 5.40 -0.23 -5.98
N ASN A 230 4.79 -0.02 -7.15
CA ASN A 230 5.49 0.55 -8.33
C ASN A 230 4.57 1.50 -9.08
N THR A 231 5.16 2.60 -9.55
CA THR A 231 4.74 3.36 -10.75
C THR A 231 5.33 2.65 -11.96
N ILE A 232 4.44 2.17 -12.85
CA ILE A 232 4.81 1.25 -13.96
C ILE A 232 4.38 1.91 -15.26
N PRO A 233 5.34 2.37 -16.11
CA PRO A 233 5.00 2.85 -17.44
C PRO A 233 4.32 1.69 -18.20
N HIS A 234 3.32 2.03 -19.01
CA HIS A 234 2.41 1.06 -19.64
C HIS A 234 1.80 1.65 -20.91
N SER A 235 1.65 0.83 -21.95
CA SER A 235 1.02 1.18 -23.24
C SER A 235 -0.47 1.39 -23.04
N THR A 236 -1.05 2.35 -23.76
CA THR A 236 -2.49 2.43 -24.13
C THR A 236 -2.52 2.82 -25.60
N GLY A 237 -3.47 2.28 -26.35
CA GLY A 237 -3.77 2.71 -27.73
C GLY A 237 -4.76 3.87 -27.74
N ALA A 238 -5.26 4.27 -26.56
CA ALA A 238 -6.41 5.20 -26.44
C ALA A 238 -6.12 6.45 -27.28
N ALA A 239 -4.90 6.99 -27.23
CA ALA A 239 -4.54 8.22 -27.98
C ALA A 239 -4.33 7.89 -29.47
N LYS A 240 -3.43 6.92 -29.76
CA LYS A 240 -3.02 6.61 -31.17
C LYS A 240 -4.26 6.24 -31.98
N ALA A 241 -5.17 5.45 -31.40
CA ALA A 241 -6.36 4.90 -32.09
C ALA A 241 -7.61 5.76 -31.82
N LEU A 242 -7.47 7.00 -31.33
CA LEU A 242 -8.66 7.83 -30.96
C LEU A 242 -9.37 8.24 -32.25
N GLY A 243 -8.63 8.20 -33.36
CA GLY A 243 -9.13 8.28 -34.75
C GLY A 243 -10.38 7.45 -35.00
N LEU A 244 -10.53 6.29 -34.34
CA LEU A 244 -11.69 5.38 -34.57
C LEU A 244 -12.96 6.05 -34.02
N VAL A 245 -12.84 6.85 -32.97
CA VAL A 245 -13.99 7.49 -32.26
C VAL A 245 -14.18 8.90 -32.81
N ILE A 246 -13.08 9.63 -33.00
CA ILE A 246 -13.02 11.03 -33.49
C ILE A 246 -12.13 11.07 -34.73
N PRO A 247 -12.68 10.78 -35.93
CA PRO A 247 -11.85 10.61 -37.13
C PRO A 247 -10.86 11.75 -37.39
N GLU A 248 -11.26 13.02 -37.17
CA GLU A 248 -10.39 14.20 -37.46
C GLU A 248 -9.17 14.26 -36.52
N LEU A 249 -9.13 13.48 -35.43
CA LEU A 249 -7.97 13.48 -34.50
C LEU A 249 -7.08 12.28 -34.82
N ASN A 250 -7.44 11.53 -35.86
CA ASN A 250 -6.61 10.41 -36.37
C ASN A 250 -5.19 10.91 -36.64
N GLY A 251 -4.20 10.23 -36.08
CA GLY A 251 -2.77 10.53 -36.30
C GLY A 251 -2.30 11.78 -35.57
N LYS A 252 -3.14 12.44 -34.76
CA LYS A 252 -2.82 13.75 -34.12
C LYS A 252 -2.41 13.57 -32.65
N LEU A 253 -2.71 12.42 -32.04
CA LEU A 253 -2.49 12.17 -30.60
C LEU A 253 -1.67 10.89 -30.45
N GLN A 254 -0.81 10.91 -29.44
CA GLN A 254 -0.15 9.71 -28.89
C GLN A 254 -0.24 9.80 -27.37
N GLY A 255 0.25 8.77 -26.68
CA GLY A 255 0.20 8.77 -25.22
C GLY A 255 0.39 7.39 -24.66
N HIS A 256 0.43 7.33 -23.33
CA HIS A 256 0.83 6.12 -22.57
C HIS A 256 0.27 6.28 -21.17
N ALA A 257 0.42 5.24 -20.36
CA ALA A 257 -0.09 5.19 -18.99
C ALA A 257 1.08 5.07 -18.04
N GLN A 258 0.89 5.56 -16.83
CA GLN A 258 1.68 5.18 -15.63
C GLN A 258 0.71 4.42 -14.73
N ARG A 259 0.91 3.10 -14.57
CA ARG A 259 0.09 2.29 -13.64
C ARG A 259 0.61 2.56 -12.23
N VAL A 260 -0.26 2.97 -11.33
CA VAL A 260 0.11 3.37 -9.94
C VAL A 260 -0.68 2.54 -8.93
N GLY A 261 -0.32 2.66 -7.66
CA GLY A 261 -0.63 1.67 -6.60
C GLY A 261 -1.98 1.92 -5.94
N VAL A 262 -3.04 2.17 -6.71
CA VAL A 262 -4.44 2.20 -6.17
C VAL A 262 -5.27 1.18 -6.96
N VAL A 263 -6.35 0.70 -6.34
CA VAL A 263 -7.22 -0.40 -6.86
C VAL A 263 -8.09 0.07 -8.04
N ASP A 264 -8.33 1.38 -8.14
CA ASP A 264 -9.38 1.95 -9.05
C ASP A 264 -9.32 3.47 -8.95
N GLY A 265 -9.75 4.15 -10.02
CA GLY A 265 -9.72 5.61 -10.12
C GLY A 265 -8.48 6.07 -10.83
N SER A 266 -8.66 6.78 -11.93
CA SER A 266 -7.59 7.15 -12.89
C SER A 266 -7.83 8.58 -13.34
N LEU A 267 -6.81 9.22 -13.87
CA LEU A 267 -6.97 10.52 -14.56
C LEU A 267 -6.13 10.52 -15.83
N THR A 268 -6.61 11.24 -16.82
CA THR A 268 -5.96 11.47 -18.13
C THR A 268 -5.50 12.92 -18.17
N GLU A 269 -4.19 13.14 -18.39
CA GLU A 269 -3.61 14.46 -18.71
C GLU A 269 -3.46 14.54 -20.23
N LEU A 270 -3.93 15.64 -20.83
CA LEU A 270 -3.78 15.96 -22.28
C LEU A 270 -2.94 17.22 -22.39
N VAL A 271 -1.81 17.14 -23.09
CA VAL A 271 -0.98 18.32 -23.45
C VAL A 271 -1.11 18.49 -24.96
N ALA A 272 -1.54 19.68 -25.40
CA ALA A 272 -1.90 19.96 -26.82
C ALA A 272 -1.36 21.32 -27.27
N ILE A 273 -1.04 21.41 -28.56
CA ILE A 273 -0.91 22.68 -29.34
C ILE A 273 -2.28 22.91 -29.98
N LEU A 274 -2.90 24.06 -29.68
CA LEU A 274 -4.24 24.45 -30.18
C LEU A 274 -4.08 25.50 -31.30
N ASP A 275 -5.12 25.68 -32.13
CA ASP A 275 -5.18 26.71 -33.19
C ASP A 275 -5.24 28.10 -32.55
N LYS A 276 -5.96 28.23 -31.43
CA LYS A 276 -6.24 29.55 -30.81
C LYS A 276 -5.33 29.80 -29.62
N LYS A 277 -4.90 31.04 -29.45
CA LYS A 277 -4.29 31.56 -28.19
C LYS A 277 -5.38 31.55 -27.12
N VAL A 278 -5.13 30.98 -25.94
CA VAL A 278 -6.14 30.82 -24.87
C VAL A 278 -5.52 31.16 -23.52
N THR A 279 -6.38 31.38 -22.52
CA THR A 279 -6.07 31.39 -21.07
C THR A 279 -6.73 30.16 -20.44
N ALA A 280 -6.28 29.79 -19.24
CA ALA A 280 -6.85 28.66 -18.46
C ALA A 280 -8.37 28.88 -18.27
N ASP A 281 -8.80 30.07 -17.87
CA ASP A 281 -10.22 30.39 -17.57
C ASP A 281 -11.06 30.17 -18.83
N GLU A 282 -10.53 30.58 -19.98
CA GLU A 282 -11.20 30.47 -21.30
C GLU A 282 -11.34 28.99 -21.69
N VAL A 283 -10.28 28.19 -21.52
CA VAL A 283 -10.31 26.72 -21.76
C VAL A 283 -11.37 26.08 -20.86
N ASN A 284 -11.37 26.41 -19.56
CA ASN A 284 -12.25 25.78 -18.55
C ASN A 284 -13.73 26.11 -18.83
N ALA A 285 -14.07 27.36 -19.14
CA ALA A 285 -15.46 27.79 -19.41
C ALA A 285 -15.96 27.10 -20.68
N ALA A 286 -15.12 27.01 -21.71
CA ALA A 286 -15.49 26.45 -23.04
C ALA A 286 -15.77 24.96 -22.90
N ILE A 287 -14.90 24.23 -22.17
CA ILE A 287 -15.05 22.76 -21.99
C ILE A 287 -16.22 22.49 -21.04
N LYS A 288 -16.35 23.29 -19.99
CA LYS A 288 -17.37 23.09 -18.93
C LYS A 288 -18.77 23.11 -19.55
N LYS A 289 -19.01 23.97 -20.53
CA LYS A 289 -20.38 24.13 -21.09
C LYS A 289 -20.80 22.77 -21.68
N HIS A 290 -19.84 21.98 -22.19
CA HIS A 290 -20.12 20.68 -22.83
C HIS A 290 -20.35 19.58 -21.79
N THR A 291 -20.21 19.88 -20.49
CA THR A 291 -20.52 18.94 -19.37
C THR A 291 -21.94 19.17 -18.84
N GLU A 292 -22.58 20.29 -19.17
CA GLU A 292 -23.92 20.63 -18.62
C GLU A 292 -24.90 19.57 -19.11
N GLY A 293 -25.48 18.80 -18.18
CA GLY A 293 -26.46 17.75 -18.46
C GLY A 293 -25.83 16.52 -19.12
N ASN A 294 -24.51 16.39 -19.03
CA ASN A 294 -23.79 15.30 -19.72
C ASN A 294 -23.53 14.14 -18.75
N GLU A 295 -24.21 13.02 -18.96
CA GLU A 295 -24.17 11.84 -18.05
C GLU A 295 -22.86 11.06 -18.30
N SER A 296 -22.16 11.35 -19.40
CA SER A 296 -20.93 10.65 -19.85
C SER A 296 -19.68 11.49 -19.56
N PHE A 297 -19.79 12.82 -19.61
CA PHE A 297 -18.67 13.78 -19.45
C PHE A 297 -19.07 14.78 -18.36
N GLY A 298 -18.66 14.50 -17.12
CA GLY A 298 -19.02 15.30 -15.95
C GLY A 298 -18.02 16.38 -15.66
N TYR A 299 -18.23 17.07 -14.53
CA TYR A 299 -17.45 18.27 -14.14
C TYR A 299 -17.20 18.21 -12.64
N ASN A 300 -15.99 18.55 -12.19
CA ASN A 300 -15.74 18.69 -10.73
C ASN A 300 -14.61 19.69 -10.48
N ASP A 301 -14.88 20.72 -9.67
CA ASP A 301 -13.88 21.77 -9.33
C ASP A 301 -13.70 21.87 -7.82
N ASP A 302 -14.01 20.79 -7.07
CA ASP A 302 -13.89 20.72 -5.60
C ASP A 302 -12.49 20.27 -5.17
N GLU A 303 -11.58 20.04 -6.11
CA GLU A 303 -10.19 19.59 -5.83
C GLU A 303 -10.25 18.17 -5.27
N ILE A 304 -10.88 17.28 -6.03
CA ILE A 304 -11.00 15.84 -5.67
C ILE A 304 -9.67 15.14 -5.92
N VAL A 305 -9.59 13.89 -5.48
CA VAL A 305 -8.44 12.97 -5.68
C VAL A 305 -9.03 11.64 -6.14
N SER A 306 -8.19 10.70 -6.53
CA SER A 306 -8.60 9.49 -7.31
C SER A 306 -9.76 8.76 -6.63
N SER A 307 -9.74 8.61 -5.32
CA SER A 307 -10.72 7.70 -4.67
C SER A 307 -12.13 8.33 -4.73
N ASP A 308 -12.22 9.64 -4.90
CA ASP A 308 -13.52 10.37 -4.98
C ASP A 308 -14.31 9.97 -6.23
N VAL A 309 -13.66 9.42 -7.26
CA VAL A 309 -14.37 9.08 -8.53
C VAL A 309 -14.79 7.61 -8.51
N ILE A 310 -14.35 6.83 -7.52
CA ILE A 310 -14.74 5.40 -7.38
C ILE A 310 -16.25 5.37 -7.15
N GLY A 311 -16.99 4.77 -8.07
CA GLY A 311 -18.46 4.62 -7.96
C GLY A 311 -19.20 5.67 -8.76
N THR A 312 -18.51 6.62 -9.41
CA THR A 312 -19.14 7.64 -10.28
C THR A 312 -19.54 6.98 -11.61
N THR A 313 -20.50 7.59 -12.31
CA THR A 313 -21.25 6.99 -13.45
C THR A 313 -20.84 7.64 -14.77
N PHE A 314 -19.96 8.65 -14.72
CA PHE A 314 -19.35 9.32 -15.88
C PHE A 314 -18.22 8.46 -16.46
N GLY A 315 -18.01 8.52 -17.79
CA GLY A 315 -16.83 7.92 -18.44
C GLY A 315 -15.62 8.82 -18.27
N SER A 316 -15.87 10.09 -17.90
CA SER A 316 -14.88 11.19 -17.89
C SER A 316 -15.41 12.30 -16.99
N ILE A 317 -14.54 12.87 -16.15
CA ILE A 317 -14.91 14.02 -15.27
C ILE A 317 -13.87 15.12 -15.47
N PHE A 318 -14.23 16.20 -16.16
CA PHE A 318 -13.34 17.35 -16.41
C PHE A 318 -12.98 18.01 -15.07
N ASP A 319 -11.70 18.29 -14.86
CA ASP A 319 -11.17 18.92 -13.63
C ASP A 319 -10.49 20.23 -14.00
N PRO A 320 -11.22 21.38 -14.00
CA PRO A 320 -10.63 22.66 -14.38
C PRO A 320 -9.46 23.10 -13.50
N THR A 321 -9.32 22.57 -12.28
CA THR A 321 -8.32 23.03 -11.27
C THR A 321 -6.92 22.66 -11.74
N GLN A 322 -6.79 21.74 -12.70
CA GLN A 322 -5.46 21.26 -13.18
C GLN A 322 -5.14 21.85 -14.54
N THR A 323 -6.02 22.70 -15.10
CA THR A 323 -5.80 23.34 -16.42
C THR A 323 -4.55 24.21 -16.34
N GLU A 324 -3.70 24.15 -17.37
CA GLU A 324 -2.42 24.89 -17.37
C GLU A 324 -2.10 25.32 -18.81
N VAL A 325 -1.86 26.63 -19.00
CA VAL A 325 -1.42 27.21 -20.29
C VAL A 325 -0.01 27.78 -20.11
N THR A 326 0.97 27.28 -20.85
CA THR A 326 2.38 27.74 -20.84
C THR A 326 2.66 28.48 -22.16
N SER A 327 3.09 29.75 -22.10
CA SER A 327 3.24 30.68 -23.26
C SER A 327 4.62 31.36 -23.24
N ASP A 328 5.34 31.29 -24.35
CA ASP A 328 6.54 32.16 -24.59
C ASP A 328 6.39 32.67 -26.02
N GLY A 329 6.08 33.96 -26.16
CA GLY A 329 5.68 34.59 -27.42
C GLY A 329 4.51 33.84 -28.04
N ASP A 330 4.78 33.14 -29.15
CA ASP A 330 3.81 32.48 -30.06
C ASP A 330 3.71 30.98 -29.78
N ASN A 331 4.56 30.43 -28.92
CA ASN A 331 4.54 28.98 -28.56
C ASN A 331 3.69 28.80 -27.30
N GLN A 332 2.63 27.99 -27.41
CA GLN A 332 1.65 27.78 -26.32
C GLN A 332 1.35 26.28 -26.18
N LEU A 333 1.50 25.76 -24.95
CA LEU A 333 1.08 24.40 -24.54
C LEU A 333 -0.12 24.51 -23.61
N VAL A 334 -1.13 23.68 -23.82
CA VAL A 334 -2.38 23.63 -23.01
C VAL A 334 -2.51 22.23 -22.41
N LYS A 335 -2.53 22.16 -21.08
CA LYS A 335 -2.75 20.93 -20.29
C LYS A 335 -4.18 20.93 -19.76
N THR A 336 -4.93 19.89 -20.07
CA THR A 336 -6.27 19.62 -19.49
C THR A 336 -6.26 18.20 -18.94
N VAL A 337 -7.16 17.94 -18.00
CA VAL A 337 -7.17 16.71 -17.16
C VAL A 337 -8.63 16.32 -16.98
N ALA A 338 -8.92 15.03 -17.07
CA ALA A 338 -10.23 14.46 -16.70
C ALA A 338 -10.00 13.18 -15.91
N TRP A 339 -10.74 13.02 -14.80
CA TRP A 339 -10.78 11.81 -13.95
C TRP A 339 -11.67 10.77 -14.59
N TYR A 340 -11.56 9.52 -14.15
CA TYR A 340 -12.49 8.43 -14.55
C TYR A 340 -12.38 7.28 -13.59
N ASP A 341 -13.53 6.74 -13.23
CA ASP A 341 -13.64 5.39 -12.61
C ASP A 341 -13.52 4.40 -13.76
N ASN A 342 -12.30 3.91 -13.98
CA ASN A 342 -11.95 2.99 -15.09
C ASN A 342 -12.78 1.71 -14.95
N GLU A 343 -13.27 1.41 -13.75
CA GLU A 343 -14.21 0.28 -13.55
C GLU A 343 -15.65 0.76 -13.81
N TYR A 344 -16.29 1.44 -12.86
CA TYR A 344 -17.76 1.63 -12.85
C TYR A 344 -18.18 2.71 -13.86
N GLY A 345 -17.31 3.72 -14.06
CA GLY A 345 -17.55 4.83 -14.99
C GLY A 345 -17.64 4.32 -16.42
N PHE A 346 -16.59 3.61 -16.84
CA PHE A 346 -16.52 2.90 -18.14
C PHE A 346 -17.69 1.94 -18.28
N THR A 347 -18.02 1.20 -17.23
CA THR A 347 -19.09 0.19 -17.23
C THR A 347 -20.44 0.88 -17.50
N CYS A 348 -20.69 2.05 -16.90
CA CYS A 348 -21.94 2.81 -17.10
C CYS A 348 -22.00 3.29 -18.56
N GLN A 349 -20.86 3.62 -19.17
CA GLN A 349 -20.73 3.96 -20.60
C GLN A 349 -21.12 2.74 -21.46
N MET A 350 -20.54 1.58 -21.15
CA MET A 350 -20.81 0.30 -21.86
C MET A 350 -22.31 0.00 -21.79
N VAL A 351 -22.92 0.18 -20.63
CA VAL A 351 -24.37 -0.13 -20.43
C VAL A 351 -25.21 0.85 -21.23
N ARG A 352 -24.85 2.14 -21.27
CA ARG A 352 -25.53 3.14 -22.12
C ARG A 352 -25.48 2.66 -23.58
N THR A 353 -24.30 2.23 -24.04
CA THR A 353 -24.10 1.73 -25.43
C THR A 353 -24.91 0.45 -25.63
N LEU A 354 -25.01 -0.39 -24.60
CA LEU A 354 -25.83 -1.64 -24.61
C LEU A 354 -27.30 -1.29 -24.85
N LEU A 355 -27.82 -0.31 -24.12
CA LEU A 355 -29.26 0.04 -24.13
C LEU A 355 -29.62 0.63 -25.51
N LYS A 356 -28.69 1.38 -26.13
CA LYS A 356 -28.87 1.99 -27.47
C LYS A 356 -29.04 0.88 -28.52
N PHE A 357 -28.49 -0.31 -28.27
CA PHE A 357 -28.64 -1.48 -29.20
C PHE A 357 -30.10 -1.98 -29.25
N ALA A 358 -30.92 -1.63 -28.28
CA ALA A 358 -32.34 -2.04 -28.30
C ALA A 358 -33.12 -1.08 -29.18
N SER B 22 -35.45 17.52 21.25
CA SER B 22 -34.31 16.96 20.48
C SER B 22 -33.03 16.94 21.32
N VAL B 23 -32.25 15.85 21.21
CA VAL B 23 -30.90 15.66 21.84
C VAL B 23 -29.88 16.49 21.03
N LYS B 24 -29.23 17.49 21.66
CA LYS B 24 -28.40 18.52 20.94
C LYS B 24 -26.91 18.33 21.24
N ILE B 25 -26.13 18.00 20.20
CA ILE B 25 -24.74 17.48 20.28
C ILE B 25 -23.74 18.53 19.81
N GLY B 26 -22.68 18.71 20.59
CA GLY B 26 -21.43 19.37 20.14
C GLY B 26 -20.35 18.33 19.89
N ILE B 27 -19.74 18.33 18.71
CA ILE B 27 -18.60 17.43 18.37
C ILE B 27 -17.31 18.22 18.60
N ASN B 28 -16.48 17.77 19.53
CA ASN B 28 -15.11 18.32 19.68
C ASN B 28 -14.12 17.38 18.99
N GLY B 29 -13.46 17.86 17.94
CA GLY B 29 -12.57 17.06 17.07
C GLY B 29 -13.35 16.47 15.92
N PHE B 30 -13.32 17.15 14.77
CA PHE B 30 -13.98 16.77 13.51
C PHE B 30 -12.99 15.99 12.65
N GLY B 31 -12.43 14.93 13.26
CA GLY B 31 -11.46 14.00 12.66
C GLY B 31 -12.19 12.80 12.07
N ARG B 32 -11.51 11.67 11.94
CA ARG B 32 -12.10 10.43 11.40
C ARG B 32 -13.41 10.13 12.16
N ILE B 33 -13.32 10.05 13.49
CA ILE B 33 -14.46 9.67 14.37
C ILE B 33 -15.50 10.80 14.37
N GLY B 34 -15.06 12.05 14.51
CA GLY B 34 -15.95 13.21 14.60
C GLY B 34 -16.80 13.36 13.35
N ARG B 35 -16.19 13.23 12.17
CA ARG B 35 -16.91 13.40 10.88
C ARG B 35 -17.85 12.22 10.67
N LEU B 36 -17.44 11.02 11.05
CA LEU B 36 -18.29 9.82 10.90
C LEU B 36 -19.47 9.90 11.89
N ALA B 37 -19.24 10.40 13.11
CA ALA B 37 -20.31 10.63 14.12
C ALA B 37 -21.36 11.57 13.50
N PHE B 38 -20.89 12.67 12.88
CA PHE B 38 -21.76 13.64 12.19
C PHE B 38 -22.56 12.90 11.09
N ARG B 39 -21.89 12.11 10.25
CA ARG B 39 -22.58 11.33 9.19
C ARG B 39 -23.61 10.38 9.82
N ARG B 40 -23.25 9.71 10.89
CA ARG B 40 -24.16 8.71 11.51
C ARG B 40 -25.39 9.43 12.07
N ILE B 41 -25.19 10.51 12.83
CA ILE B 41 -26.31 11.27 13.46
C ILE B 41 -27.20 11.82 12.34
N LEU B 42 -26.61 12.35 11.26
CA LEU B 42 -27.35 12.84 10.08
C LEU B 42 -28.22 11.71 9.49
N GLU B 43 -27.63 10.54 9.22
CA GLU B 43 -28.36 9.44 8.52
C GLU B 43 -29.44 8.86 9.44
N LEU B 44 -29.31 8.96 10.76
CA LEU B 44 -30.33 8.45 11.72
C LEU B 44 -31.60 9.31 11.60
N SER B 49 -32.38 8.91 16.94
CA SER B 49 -33.01 9.50 15.72
C SER B 49 -33.49 10.93 16.03
N ASP B 50 -34.13 11.11 17.19
CA ASP B 50 -34.42 12.45 17.75
C ASP B 50 -33.12 13.00 18.35
N ILE B 51 -32.02 12.81 17.63
CA ILE B 51 -30.67 13.38 17.96
C ILE B 51 -30.22 14.32 16.84
N GLU B 52 -29.52 15.39 17.19
CA GLU B 52 -29.08 16.42 16.20
C GLU B 52 -27.78 17.09 16.66
N VAL B 53 -26.81 17.14 15.76
CA VAL B 53 -25.55 17.92 15.90
C VAL B 53 -25.89 19.39 15.62
N VAL B 54 -25.35 20.31 16.43
CA VAL B 54 -25.63 21.77 16.27
C VAL B 54 -24.31 22.54 16.09
N ALA B 55 -23.18 22.00 16.51
CA ALA B 55 -21.92 22.74 16.43
C ALA B 55 -20.72 21.78 16.49
N ILE B 56 -19.59 22.28 16.01
CA ILE B 56 -18.34 21.51 15.78
C ILE B 56 -17.18 22.37 16.27
N ASN B 57 -16.17 21.76 16.89
CA ASN B 57 -14.94 22.50 17.27
C ASN B 57 -13.73 21.70 16.77
N ASP B 58 -12.75 22.39 16.20
CA ASP B 58 -11.50 21.80 15.66
C ASP B 58 -10.46 22.91 15.58
N LEU B 59 -9.37 22.69 14.85
CA LEU B 59 -8.20 23.60 14.75
C LEU B 59 -7.97 23.99 13.29
N THR B 60 -9.04 24.07 12.51
CA THR B 60 -8.98 24.18 11.02
C THR B 60 -10.09 25.09 10.49
N SER B 61 -9.92 25.51 9.24
CA SER B 61 -10.92 26.29 8.46
C SER B 61 -12.19 25.48 8.31
N PRO B 62 -13.36 26.12 8.36
CA PRO B 62 -14.62 25.49 7.97
C PRO B 62 -14.57 24.96 6.53
N ALA B 63 -13.88 25.64 5.63
CA ALA B 63 -13.76 25.23 4.20
C ALA B 63 -13.17 23.81 4.13
N LEU B 64 -12.06 23.55 4.83
CA LEU B 64 -11.42 22.21 4.82
C LEU B 64 -12.31 21.19 5.54
N LEU B 65 -12.94 21.57 6.65
CA LEU B 65 -13.81 20.63 7.42
C LEU B 65 -14.97 20.18 6.53
N ALA B 66 -15.59 21.10 5.79
CA ALA B 66 -16.71 20.83 4.84
C ALA B 66 -16.21 19.89 3.74
N HIS B 67 -15.00 20.12 3.23
CA HIS B 67 -14.35 19.30 2.19
C HIS B 67 -14.17 17.85 2.66
N LEU B 68 -13.63 17.67 3.88
CA LEU B 68 -13.32 16.33 4.46
C LEU B 68 -14.60 15.58 4.81
N LEU B 69 -15.63 16.28 5.28
CA LEU B 69 -16.96 15.68 5.54
C LEU B 69 -17.53 15.16 4.21
N LYS B 70 -17.44 15.95 3.15
CA LYS B 70 -18.04 15.65 1.83
C LYS B 70 -17.34 14.45 1.20
N TYR B 71 -16.00 14.50 1.12
CA TYR B 71 -15.18 13.51 0.39
C TYR B 71 -14.35 12.73 1.39
N ASP B 72 -14.60 11.43 1.48
CA ASP B 72 -13.96 10.53 2.45
C ASP B 72 -13.35 9.38 1.65
N SER B 73 -12.01 9.28 1.73
CA SER B 73 -11.19 8.28 1.02
C SER B 73 -11.59 6.87 1.46
N THR B 74 -12.01 6.66 2.71
CA THR B 74 -12.45 5.31 3.18
C THR B 74 -13.93 5.06 2.87
N HIS B 75 -14.83 5.99 3.17
CA HIS B 75 -16.29 5.70 3.24
C HIS B 75 -17.06 6.33 2.09
N GLY B 76 -16.40 7.02 1.16
CA GLY B 76 -17.03 7.55 -0.04
C GLY B 76 -17.63 8.94 0.17
N THR B 77 -18.34 9.41 -0.85
CA THR B 77 -18.81 10.79 -0.97
C THR B 77 -20.15 10.89 -0.25
N LEU B 78 -20.31 11.88 0.62
CA LEU B 78 -21.57 12.11 1.38
C LEU B 78 -22.65 12.48 0.37
N ASN B 79 -23.75 11.75 0.36
CA ASN B 79 -24.89 12.05 -0.55
C ASN B 79 -25.70 13.18 0.08
N ALA B 80 -25.20 14.41 -0.03
CA ALA B 80 -25.82 15.65 0.49
C ALA B 80 -25.10 16.86 -0.09
N ASP B 81 -25.75 18.02 -0.04
CA ASP B 81 -25.16 19.33 -0.45
C ASP B 81 -24.33 19.87 0.71
N VAL B 82 -23.03 19.92 0.53
CA VAL B 82 -22.07 20.38 1.58
C VAL B 82 -21.37 21.62 1.05
N SER B 83 -21.34 22.67 1.88
CA SER B 83 -20.61 23.94 1.64
C SER B 83 -20.09 24.47 2.97
N ALA B 84 -19.36 25.59 2.93
CA ALA B 84 -18.76 26.27 4.09
C ALA B 84 -19.05 27.76 4.01
N THR B 85 -19.03 28.44 5.16
CA THR B 85 -19.00 29.93 5.29
C THR B 85 -17.72 30.25 6.05
N ASP B 86 -17.52 31.51 6.45
CA ASP B 86 -16.30 31.93 7.19
C ASP B 86 -16.25 31.22 8.55
N ASP B 87 -17.39 30.76 9.08
CA ASP B 87 -17.49 30.33 10.50
C ASP B 87 -18.38 29.08 10.67
N SER B 88 -18.67 28.33 9.60
CA SER B 88 -19.63 27.20 9.70
C SER B 88 -19.52 26.28 8.48
N ILE B 89 -20.19 25.15 8.60
CA ILE B 89 -20.42 24.14 7.52
C ILE B 89 -21.94 24.14 7.24
N VAL B 90 -22.33 23.99 5.98
CA VAL B 90 -23.76 23.95 5.59
C VAL B 90 -24.01 22.58 4.95
N VAL B 91 -24.96 21.82 5.47
CA VAL B 91 -25.39 20.50 4.90
C VAL B 91 -26.90 20.53 4.67
N ASN B 92 -27.33 20.43 3.41
CA ASN B 92 -28.76 20.40 3.00
C ASN B 92 -29.51 21.58 3.63
N GLY B 93 -28.97 22.78 3.48
CA GLY B 93 -29.62 24.05 3.86
C GLY B 93 -29.62 24.27 5.37
N LYS B 94 -28.84 23.50 6.11
CA LYS B 94 -28.79 23.60 7.59
C LYS B 94 -27.38 24.05 7.98
N ASN B 95 -27.29 25.01 8.91
CA ASN B 95 -26.01 25.65 9.30
C ASN B 95 -25.45 24.96 10.54
N TYR B 96 -24.17 24.63 10.54
CA TYR B 96 -23.48 23.98 11.68
C TYR B 96 -22.26 24.81 12.00
N ARG B 97 -22.36 25.52 13.12
CA ARG B 97 -21.34 26.48 13.56
C ARG B 97 -20.04 25.70 13.82
N VAL B 98 -18.93 26.26 13.34
CA VAL B 98 -17.57 25.68 13.53
C VAL B 98 -16.81 26.66 14.40
N TYR B 99 -16.34 26.19 15.56
CA TYR B 99 -15.41 26.91 16.44
C TYR B 99 -14.01 26.36 16.22
N ALA B 100 -13.01 27.15 16.63
CA ALA B 100 -11.58 26.81 16.54
C ALA B 100 -10.91 27.12 17.89
N GLU B 101 -11.52 26.71 19.00
CA GLU B 101 -11.04 26.93 20.40
C GLU B 101 -10.24 25.72 20.86
N PRO B 102 -8.89 25.81 20.96
CA PRO B 102 -8.08 24.69 21.48
C PRO B 102 -8.44 24.30 22.92
N GLN B 103 -8.99 25.23 23.71
CA GLN B 103 -9.44 25.03 25.12
C GLN B 103 -10.95 24.74 25.17
N ALA B 104 -11.32 23.53 25.57
CA ALA B 104 -12.71 23.01 25.62
C ALA B 104 -13.60 23.96 26.45
N GLN B 105 -13.06 24.58 27.50
CA GLN B 105 -13.84 25.44 28.45
C GLN B 105 -14.31 26.72 27.73
N ASN B 106 -13.63 27.16 26.67
CA ASN B 106 -13.91 28.41 25.93
C ASN B 106 -14.79 28.18 24.69
N ILE B 107 -15.30 26.96 24.46
CA ILE B 107 -16.22 26.71 23.32
C ILE B 107 -17.59 27.24 23.76
N PRO B 108 -18.13 28.29 23.10
CA PRO B 108 -19.40 28.88 23.51
C PRO B 108 -20.66 28.19 22.97
N TRP B 109 -20.58 26.89 22.64
CA TRP B 109 -21.67 26.19 21.88
C TRP B 109 -22.89 25.98 22.77
N VAL B 110 -22.76 25.99 24.10
CA VAL B 110 -23.94 25.76 24.99
C VAL B 110 -24.84 27.00 24.86
N LYS B 111 -24.30 28.20 25.14
CA LYS B 111 -25.10 29.45 25.10
C LYS B 111 -25.47 29.80 23.65
N ASN B 112 -24.57 29.56 22.69
CA ASN B 112 -24.74 29.95 21.27
C ASN B 112 -25.65 28.97 20.54
N ASP B 113 -25.53 27.67 20.80
CA ASP B 113 -26.13 26.63 19.93
C ASP B 113 -26.99 25.64 20.73
N GLY B 114 -27.03 25.74 22.07
CA GLY B 114 -27.87 24.90 22.94
C GLY B 114 -27.35 23.48 23.13
N VAL B 115 -26.03 23.30 23.05
CA VAL B 115 -25.37 21.97 23.21
C VAL B 115 -25.79 21.38 24.57
N ASP B 116 -26.36 20.16 24.53
CA ASP B 116 -26.64 19.29 25.70
C ASP B 116 -25.39 18.45 26.00
N PHE B 117 -24.99 17.61 25.02
CA PHE B 117 -23.97 16.55 25.17
C PHE B 117 -22.78 16.85 24.24
N VAL B 118 -21.57 16.74 24.77
CA VAL B 118 -20.31 16.87 23.98
C VAL B 118 -19.81 15.47 23.61
N LEU B 119 -19.69 15.19 22.31
CA LEU B 119 -18.95 14.03 21.77
C LEU B 119 -17.48 14.43 21.66
N GLU B 120 -16.64 13.95 22.57
CA GLU B 120 -15.22 14.38 22.68
C GLU B 120 -14.35 13.45 21.83
N CYS B 121 -13.93 13.90 20.64
CA CYS B 121 -13.22 13.07 19.63
C CYS B 121 -11.86 13.67 19.24
N THR B 122 -11.24 14.49 20.09
CA THR B 122 -9.95 15.17 19.77
C THR B 122 -8.74 14.30 20.09
N GLY B 123 -8.87 13.40 21.05
CA GLY B 123 -7.75 12.65 21.65
C GLY B 123 -7.02 13.43 22.74
N PHE B 124 -7.42 14.68 23.03
CA PHE B 124 -6.65 15.58 23.95
C PHE B 124 -7.40 15.80 25.28
N TYR B 125 -8.56 15.16 25.46
CA TYR B 125 -9.41 15.31 26.67
C TYR B 125 -9.83 13.93 27.19
N THR B 126 -8.86 13.02 27.25
CA THR B 126 -9.06 11.56 27.40
C THR B 126 -8.96 11.25 28.92
N SER B 127 -9.70 12.02 29.73
CA SER B 127 -9.70 12.02 31.21
C SER B 127 -10.99 12.61 31.78
N LYS B 128 -11.42 12.16 32.95
CA LYS B 128 -12.52 12.80 33.71
C LYS B 128 -12.14 14.27 33.97
N ALA B 129 -10.92 14.50 34.46
CA ALA B 129 -10.38 15.82 34.86
C ALA B 129 -10.30 16.75 33.65
N LYS B 130 -9.83 16.27 32.49
CA LYS B 130 -9.73 17.08 31.26
C LYS B 130 -11.13 17.35 30.69
N SER B 131 -11.96 16.32 30.57
CA SER B 131 -13.32 16.43 29.99
C SER B 131 -14.23 17.24 30.92
N GLN B 132 -13.83 17.44 32.18
CA GLN B 132 -14.54 18.33 33.15
C GLN B 132 -14.74 19.69 32.49
N ALA B 133 -13.76 20.13 31.67
CA ALA B 133 -13.78 21.43 30.95
C ALA B 133 -15.11 21.61 30.22
N HIS B 134 -15.66 20.54 29.61
CA HIS B 134 -16.94 20.62 28.85
C HIS B 134 -18.10 20.91 29.81
N LEU B 135 -18.07 20.32 31.00
CA LEU B 135 -19.10 20.56 32.03
C LEU B 135 -18.99 22.01 32.55
N ASP B 136 -17.77 22.55 32.60
CA ASP B 136 -17.52 23.98 32.97
C ASP B 136 -18.07 24.92 31.89
N ALA B 137 -17.96 24.56 30.61
CA ALA B 137 -18.51 25.33 29.47
C ALA B 137 -20.04 25.19 29.39
N GLY B 138 -20.63 24.32 30.22
CA GLY B 138 -22.08 24.26 30.48
C GLY B 138 -22.75 23.00 29.94
N ALA B 139 -21.98 21.96 29.57
CA ALA B 139 -22.54 20.72 28.98
C ALA B 139 -23.17 19.89 30.09
N LYS B 140 -24.29 19.22 29.82
CA LYS B 140 -24.94 18.27 30.76
C LYS B 140 -24.04 17.03 30.88
N ARG B 141 -23.62 16.46 29.74
CA ARG B 141 -22.83 15.21 29.68
C ARG B 141 -21.74 15.31 28.60
N VAL B 142 -20.75 14.43 28.75
CA VAL B 142 -19.60 14.22 27.82
C VAL B 142 -19.45 12.72 27.59
N LEU B 143 -19.43 12.29 26.32
CA LEU B 143 -18.97 10.93 25.93
C LEU B 143 -17.62 11.04 25.23
N ILE B 144 -16.59 10.39 25.78
CA ILE B 144 -15.20 10.41 25.25
C ILE B 144 -15.01 9.21 24.31
N SER B 145 -14.51 9.47 23.10
CA SER B 145 -14.32 8.48 22.01
C SER B 145 -13.05 7.67 22.22
N ALA B 146 -12.66 7.36 23.46
CA ALA B 146 -11.44 6.59 23.75
C ALA B 146 -11.45 6.14 25.21
N PRO B 147 -10.54 5.20 25.58
CA PRO B 147 -10.29 4.91 26.98
C PRO B 147 -9.91 6.23 27.66
N ALA B 148 -10.32 6.44 28.91
CA ALA B 148 -10.21 7.74 29.61
C ALA B 148 -10.00 7.52 31.11
N GLY B 149 -9.44 6.37 31.50
CA GLY B 149 -9.04 6.07 32.89
C GLY B 149 -10.05 5.22 33.65
N SER B 150 -9.79 4.99 34.93
CA SER B 150 -10.49 4.00 35.79
C SER B 150 -11.47 4.70 36.71
N ASP B 151 -11.61 6.03 36.62
CA ASP B 151 -12.37 6.84 37.63
C ASP B 151 -13.67 7.37 37.02
N LEU B 152 -14.08 6.83 35.86
CA LEU B 152 -15.42 7.01 35.27
C LEU B 152 -15.80 5.69 34.60
N LYS B 153 -17.05 5.58 34.16
CA LYS B 153 -17.57 4.35 33.55
C LYS B 153 -17.03 4.28 32.11
N THR B 154 -16.62 3.09 31.69
CA THR B 154 -16.31 2.75 30.28
C THR B 154 -17.46 1.90 29.73
N ILE B 155 -18.22 2.42 28.77
CA ILE B 155 -19.44 1.78 28.23
C ILE B 155 -19.17 1.19 26.84
N VAL B 156 -19.41 -0.10 26.72
CA VAL B 156 -19.59 -0.78 25.41
C VAL B 156 -21.09 -1.04 25.25
N TYR B 157 -21.76 -0.32 24.36
CA TYR B 157 -23.22 -0.50 24.18
C TYR B 157 -23.50 -1.99 23.93
N ASN B 158 -24.55 -2.49 24.59
CA ASN B 158 -25.04 -3.89 24.54
C ASN B 158 -24.12 -4.85 25.30
N VAL B 159 -23.20 -4.33 26.10
CA VAL B 159 -22.52 -5.17 27.14
C VAL B 159 -22.88 -4.60 28.53
N ASN B 160 -22.67 -3.31 28.76
CA ASN B 160 -22.78 -2.76 30.14
C ASN B 160 -23.35 -1.34 30.11
N ASP B 161 -24.09 -0.95 29.06
CA ASP B 161 -24.76 0.38 29.00
C ASP B 161 -25.77 0.47 30.16
N ASP B 162 -26.10 -0.63 30.84
CA ASP B 162 -27.09 -0.65 31.94
C ASP B 162 -26.51 -0.09 33.24
N ILE B 163 -25.20 0.02 33.37
CA ILE B 163 -24.55 0.57 34.61
C ILE B 163 -24.64 2.10 34.58
N LEU B 164 -25.10 2.72 33.49
CA LEU B 164 -25.28 4.18 33.37
C LEU B 164 -26.45 4.62 34.26
N THR B 165 -26.23 5.69 35.03
CA THR B 165 -27.21 6.36 35.92
C THR B 165 -27.20 7.86 35.59
N ALA B 166 -28.20 8.60 36.08
CA ALA B 166 -28.42 10.03 35.79
C ALA B 166 -27.28 10.88 36.38
N ASP B 167 -26.50 10.34 37.33
CA ASP B 167 -25.34 11.04 37.94
C ASP B 167 -24.10 11.01 37.04
N ASP B 168 -24.03 10.08 36.10
CA ASP B 168 -22.82 9.89 35.23
C ASP B 168 -22.79 11.05 34.23
N ARG B 169 -21.78 11.92 34.25
CA ARG B 169 -21.74 13.18 33.46
C ARG B 169 -20.60 13.04 32.43
N ILE B 170 -19.55 12.31 32.77
CA ILE B 170 -18.37 12.07 31.87
C ILE B 170 -18.13 10.57 31.75
N VAL B 171 -18.31 10.05 30.54
CA VAL B 171 -18.33 8.58 30.26
C VAL B 171 -17.33 8.32 29.13
N SER B 172 -16.58 7.22 29.23
CA SER B 172 -15.71 6.69 28.13
C SER B 172 -16.52 5.69 27.33
N ALA B 173 -16.49 5.79 26.00
CA ALA B 173 -17.06 4.83 25.03
C ALA B 173 -16.06 3.69 24.81
N GLY B 174 -14.93 3.68 25.52
CA GLY B 174 -13.84 2.71 25.32
C GLY B 174 -13.16 2.96 23.99
N SER B 175 -12.31 2.05 23.55
CA SER B 175 -11.65 2.05 22.22
C SER B 175 -12.50 1.22 21.26
N CYS B 176 -12.19 1.32 19.95
CA CYS B 176 -12.70 0.42 18.89
C CYS B 176 -12.43 -1.03 19.30
N THR B 177 -11.22 -1.37 19.72
CA THR B 177 -10.86 -2.77 20.09
C THR B 177 -11.71 -3.22 21.29
N THR B 178 -11.98 -2.34 22.26
CA THR B 178 -12.82 -2.65 23.45
C THR B 178 -14.23 -3.02 22.97
N ASN B 179 -14.75 -2.31 21.98
CA ASN B 179 -16.14 -2.53 21.49
C ASN B 179 -16.19 -3.81 20.68
N CYS B 180 -15.07 -4.23 20.11
CA CYS B 180 -14.97 -5.51 19.38
C CYS B 180 -14.82 -6.67 20.39
N LEU B 181 -13.81 -6.59 21.24
CA LEU B 181 -13.44 -7.64 22.25
C LEU B 181 -14.57 -7.86 23.28
N ALA B 182 -15.18 -6.80 23.79
CA ALA B 182 -16.04 -6.87 25.01
C ALA B 182 -17.14 -7.91 24.78
N PRO B 183 -17.96 -7.82 23.71
CA PRO B 183 -19.07 -8.75 23.56
C PRO B 183 -18.59 -10.18 23.31
N LEU B 184 -17.51 -10.35 22.54
CA LEU B 184 -16.93 -11.69 22.28
C LEU B 184 -16.53 -12.31 23.62
N ALA B 185 -15.77 -11.57 24.46
CA ALA B 185 -15.32 -12.06 25.78
C ALA B 185 -16.53 -12.24 26.73
N PHE B 186 -17.43 -11.25 26.80
CA PHE B 186 -18.61 -11.29 27.68
C PHE B 186 -19.43 -12.56 27.44
N PHE B 187 -19.81 -12.84 26.20
CA PHE B 187 -20.71 -13.98 25.86
C PHE B 187 -19.92 -15.31 25.91
N GLU B 188 -18.65 -15.30 25.49
CA GLU B 188 -17.82 -16.51 25.60
C GLU B 188 -17.65 -16.87 27.08
N ASN B 189 -17.36 -15.89 27.93
CA ASN B 189 -17.19 -16.11 29.39
C ASN B 189 -18.51 -16.56 30.03
N LYS B 190 -19.63 -15.93 29.68
CA LYS B 190 -20.98 -16.28 30.19
C LYS B 190 -21.21 -17.78 29.94
N GLU B 191 -20.91 -18.26 28.72
CA GLU B 191 -21.29 -19.62 28.28
C GLU B 191 -20.31 -20.65 28.81
N PHE B 192 -19.02 -20.32 28.93
CA PHE B 192 -17.97 -21.35 29.13
C PHE B 192 -17.00 -21.00 30.26
N GLY B 193 -16.98 -19.75 30.74
CA GLY B 193 -16.04 -19.28 31.78
C GLY B 193 -14.61 -19.14 31.25
N ILE B 194 -14.14 -17.90 31.07
CA ILE B 194 -12.73 -17.64 30.66
C ILE B 194 -11.88 -17.61 31.93
N LYS B 195 -10.95 -18.55 32.07
CA LYS B 195 -9.98 -18.56 33.20
C LYS B 195 -8.90 -17.51 32.90
N VAL B 196 -8.40 -17.54 31.67
CA VAL B 196 -7.32 -16.64 31.21
C VAL B 196 -7.39 -16.59 29.68
N GLY B 197 -7.07 -15.43 29.11
CA GLY B 197 -7.06 -15.19 27.64
C GLY B 197 -5.99 -14.22 27.23
N THR B 198 -5.56 -14.33 25.97
CA THR B 198 -4.69 -13.33 25.31
C THR B 198 -5.32 -13.00 23.95
N MET B 199 -5.15 -11.74 23.55
CA MET B 199 -5.76 -11.15 22.35
C MET B 199 -4.64 -10.65 21.42
N THR B 200 -4.82 -10.83 20.12
CA THR B 200 -4.10 -10.05 19.08
C THR B 200 -5.15 -9.43 18.15
N THR B 201 -5.13 -8.10 17.99
CA THR B 201 -5.96 -7.38 16.99
C THR B 201 -5.08 -7.05 15.79
N ILE B 202 -5.46 -7.59 14.63
CA ILE B 202 -4.89 -7.21 13.31
C ILE B 202 -5.68 -6.00 12.85
N HIS B 203 -5.07 -4.83 12.99
CA HIS B 203 -5.76 -3.53 13.09
C HIS B 203 -5.28 -2.60 11.97
N ALA B 204 -6.22 -1.98 11.27
CA ALA B 204 -5.96 -0.90 10.27
C ALA B 204 -5.05 0.16 10.90
N TYR B 205 -4.27 0.84 10.09
CA TYR B 205 -3.45 1.98 10.56
C TYR B 205 -4.41 3.13 10.89
N THR B 206 -3.99 3.97 11.83
CA THR B 206 -4.75 5.13 12.34
C THR B 206 -3.92 6.41 12.21
N SER B 207 -4.58 7.54 12.48
CA SER B 207 -4.07 8.91 12.23
C SER B 207 -2.88 9.23 13.15
N THR B 208 -2.68 8.52 14.26
CA THR B 208 -1.50 8.71 15.14
C THR B 208 -0.24 8.08 14.50
N GLN B 209 -0.39 7.21 13.52
CA GLN B 209 0.77 6.52 12.90
C GLN B 209 1.44 7.45 11.89
N MET B 210 2.63 7.05 11.45
CA MET B 210 3.49 7.82 10.54
C MET B 210 3.27 7.34 9.10
N LEU B 211 3.18 8.27 8.15
CA LEU B 211 3.10 7.94 6.70
C LEU B 211 4.48 7.45 6.24
N LEU B 212 5.55 8.06 6.74
CA LEU B 212 6.94 7.62 6.46
C LEU B 212 7.72 7.65 7.76
N ASP B 213 8.75 6.80 7.87
CA ASP B 213 9.57 6.68 9.09
C ASP B 213 9.88 8.10 9.58
N GLY B 214 9.59 8.43 10.83
CA GLY B 214 10.01 9.71 11.39
C GLY B 214 9.57 9.93 12.82
N PRO B 215 10.00 11.08 13.42
CA PRO B 215 9.63 11.44 14.80
C PRO B 215 8.12 11.43 14.94
N VAL B 216 7.65 10.77 16.00
CA VAL B 216 6.20 10.57 16.33
C VAL B 216 6.04 11.01 17.79
N ARG B 217 4.89 11.58 18.16
CA ARG B 217 4.71 12.00 19.56
C ARG B 217 4.68 10.74 20.44
N GLY B 218 5.35 10.81 21.59
CA GLY B 218 5.55 9.67 22.51
C GLY B 218 6.88 8.99 22.28
N GLY B 219 7.49 9.12 21.09
CA GLY B 219 8.86 8.62 20.83
C GLY B 219 8.94 7.11 20.66
N ASN B 220 7.80 6.42 20.48
CA ASN B 220 7.76 4.93 20.36
C ASN B 220 8.49 4.50 19.07
N PHE B 221 9.39 3.52 19.16
CA PHE B 221 10.27 3.05 18.07
C PHE B 221 9.45 2.44 16.92
N ARG B 222 8.27 1.91 17.25
CA ARG B 222 7.42 1.16 16.29
C ARG B 222 6.38 2.12 15.68
N ALA B 223 5.73 2.96 16.48
CA ALA B 223 4.74 3.96 16.00
C ALA B 223 5.42 4.94 15.02
N ALA B 224 6.75 5.07 15.09
CA ALA B 224 7.56 5.97 14.24
C ALA B 224 7.61 5.47 12.78
N ARG B 225 7.26 4.21 12.51
CA ARG B 225 7.57 3.53 11.24
C ARG B 225 6.40 3.67 10.23
N ALA B 226 6.75 3.80 8.95
CA ALA B 226 5.84 3.95 7.81
C ALA B 226 4.68 2.94 7.90
N ALA B 227 3.44 3.42 8.08
CA ALA B 227 2.27 2.57 8.40
C ALA B 227 1.86 1.69 7.21
N GLY B 228 1.98 2.19 5.99
CA GLY B 228 1.42 1.57 4.77
C GLY B 228 2.23 0.40 4.26
N VAL B 229 3.47 0.26 4.70
CA VAL B 229 4.41 -0.77 4.17
C VAL B 229 5.01 -1.58 5.34
N ASN B 230 4.33 -1.61 6.49
CA ASN B 230 4.81 -2.37 7.67
C ASN B 230 3.65 -3.03 8.41
N THR B 231 3.88 -4.24 8.90
CA THR B 231 3.23 -4.82 10.10
C THR B 231 3.99 -4.29 11.32
N ILE B 232 3.26 -3.57 12.17
CA ILE B 232 3.87 -2.82 13.31
C ILE B 232 3.22 -3.30 14.60
N PRO B 233 3.95 -4.02 15.47
CA PRO B 233 3.44 -4.39 16.78
C PRO B 233 3.15 -3.09 17.55
N HIS B 234 2.09 -3.11 18.35
CA HIS B 234 1.48 -1.90 18.93
C HIS B 234 0.70 -2.27 20.19
N SER B 235 0.77 -1.42 21.22
CA SER B 235 0.02 -1.59 22.49
C SER B 235 -1.47 -1.34 22.24
N THR B 236 -2.32 -2.10 22.93
CA THR B 236 -3.72 -1.75 23.26
C THR B 236 -3.91 -2.08 24.73
N GLY B 237 -4.66 -1.25 25.45
CA GLY B 237 -5.12 -1.54 26.82
C GLY B 237 -6.43 -2.31 26.79
N ALA B 238 -7.00 -2.55 25.60
CA ALA B 238 -8.34 -3.12 25.43
C ALA B 238 -8.46 -4.41 26.26
N ALA B 239 -7.45 -5.27 26.25
CA ALA B 239 -7.51 -6.55 27.01
C ALA B 239 -7.24 -6.28 28.50
N LYS B 240 -6.12 -5.63 28.82
CA LYS B 240 -5.63 -5.44 30.22
C LYS B 240 -6.70 -4.70 31.02
N ALA B 241 -7.32 -3.68 30.44
CA ALA B 241 -8.32 -2.79 31.08
C ALA B 241 -9.75 -3.25 30.77
N LEU B 242 -9.98 -4.46 30.26
CA LEU B 242 -11.35 -4.93 29.90
C LEU B 242 -12.15 -5.10 31.18
N GLY B 243 -11.43 -5.27 32.30
CA GLY B 243 -11.93 -5.16 33.68
C GLY B 243 -12.88 -4.00 33.90
N LEU B 244 -12.71 -2.87 33.21
CA LEU B 244 -13.58 -1.67 33.41
C LEU B 244 -14.98 -1.97 32.86
N VAL B 245 -15.10 -2.81 31.84
CA VAL B 245 -16.38 -3.10 31.13
C VAL B 245 -16.96 -4.39 31.72
N ILE B 246 -16.10 -5.39 31.94
CA ILE B 246 -16.45 -6.73 32.48
C ILE B 246 -15.59 -6.97 33.72
N PRO B 247 -16.01 -6.49 34.92
CA PRO B 247 -15.17 -6.52 36.11
C PRO B 247 -14.53 -7.88 36.40
N GLU B 248 -15.28 -8.98 36.25
CA GLU B 248 -14.83 -10.36 36.56
C GLU B 248 -13.67 -10.80 35.66
N LEU B 249 -13.42 -10.11 34.54
CA LEU B 249 -12.30 -10.50 33.62
C LEU B 249 -11.11 -9.60 33.90
N ASN B 250 -11.21 -8.72 34.89
CA ASN B 250 -10.09 -7.90 35.38
C ASN B 250 -8.90 -8.81 35.73
N GLY B 251 -7.74 -8.52 35.16
CA GLY B 251 -6.50 -9.29 35.42
C GLY B 251 -6.47 -10.64 34.72
N LYS B 252 -7.46 -10.98 33.91
CA LYS B 252 -7.56 -12.32 33.25
C LYS B 252 -7.11 -12.25 31.78
N LEU B 253 -7.09 -11.06 31.19
CA LEU B 253 -6.78 -10.88 29.75
C LEU B 253 -5.61 -9.91 29.59
N GLN B 254 -4.77 -10.19 28.60
CA GLN B 254 -3.78 -9.23 28.05
C GLN B 254 -3.82 -9.37 26.53
N GLY B 255 -3.03 -8.56 25.85
CA GLY B 255 -2.98 -8.58 24.38
C GLY B 255 -2.37 -7.33 23.84
N HIS B 256 -2.32 -7.26 22.53
CA HIS B 256 -1.57 -6.23 21.78
C HIS B 256 -2.15 -6.21 20.37
N ALA B 257 -1.70 -5.26 19.58
CA ALA B 257 -2.15 -5.05 18.19
C ALA B 257 -0.97 -5.30 17.26
N GLN B 258 -1.29 -5.71 16.04
CA GLN B 258 -0.39 -5.61 14.87
C GLN B 258 -1.06 -4.60 13.94
N ARG B 259 -0.46 -3.40 13.81
CA ARG B 259 -0.96 -2.37 12.86
C ARG B 259 -0.51 -2.78 11.47
N VAL B 260 -1.46 -2.89 10.53
CA VAL B 260 -1.19 -3.42 9.18
C VAL B 260 -1.66 -2.40 8.14
N GLY B 261 -1.31 -2.64 6.87
CA GLY B 261 -1.29 -1.62 5.81
C GLY B 261 -2.63 -1.45 5.12
N VAL B 262 -3.74 -1.36 5.84
CA VAL B 262 -5.07 -0.97 5.27
C VAL B 262 -5.59 0.24 6.06
N VAL B 263 -6.46 1.03 5.43
CA VAL B 263 -6.98 2.34 5.94
C VAL B 263 -7.98 2.14 7.08
N ASP B 264 -8.58 0.96 7.19
CA ASP B 264 -9.78 0.73 8.03
C ASP B 264 -10.19 -0.75 7.91
N GLY B 265 -10.84 -1.26 8.96
CA GLY B 265 -11.26 -2.67 9.05
C GLY B 265 -10.23 -3.46 9.82
N SER B 266 -10.65 -4.10 10.90
CA SER B 266 -9.77 -4.77 11.88
C SER B 266 -10.44 -6.06 12.32
N LEU B 267 -9.67 -6.97 12.88
CA LEU B 267 -10.23 -8.15 13.57
C LEU B 267 -9.45 -8.39 14.86
N THR B 268 -10.16 -8.94 15.84
CA THR B 268 -9.63 -9.34 17.16
C THR B 268 -9.64 -10.85 17.24
N GLU B 269 -8.47 -11.45 17.46
CA GLU B 269 -8.33 -12.87 17.81
C GLU B 269 -8.19 -12.98 19.33
N LEU B 270 -8.98 -13.87 19.94
CA LEU B 270 -8.94 -14.18 21.39
C LEU B 270 -8.56 -15.65 21.54
N VAL B 271 -7.48 -15.93 22.26
CA VAL B 271 -7.06 -17.30 22.64
C VAL B 271 -7.24 -17.41 24.16
N ALA B 272 -8.03 -18.40 24.61
CA ALA B 272 -8.49 -18.52 26.01
C ALA B 272 -8.44 -19.97 26.49
N ILE B 273 -8.17 -20.14 27.78
CA ILE B 273 -8.46 -21.37 28.57
C ILE B 273 -9.85 -21.17 29.18
N LEU B 274 -10.79 -22.07 28.87
CA LEU B 274 -12.19 -22.03 29.34
C LEU B 274 -12.38 -23.05 30.48
N ASP B 275 -13.43 -22.89 31.28
CA ASP B 275 -13.84 -23.87 32.34
C ASP B 275 -14.32 -25.17 31.69
N LYS B 276 -15.01 -25.08 30.56
CA LYS B 276 -15.73 -26.21 29.93
C LYS B 276 -14.92 -26.77 28.76
N LYS B 277 -14.90 -28.09 28.61
CA LYS B 277 -14.43 -28.77 27.38
C LYS B 277 -15.45 -28.46 26.28
N VAL B 278 -15.00 -28.02 25.11
CA VAL B 278 -15.87 -27.59 23.99
C VAL B 278 -15.32 -28.13 22.67
N THR B 279 -16.17 -28.12 21.64
CA THR B 279 -15.83 -28.23 20.19
C THR B 279 -16.07 -26.88 19.52
N ALA B 280 -15.51 -26.69 18.32
CA ALA B 280 -15.71 -25.47 17.51
C ALA B 280 -17.22 -25.23 17.27
N ASP B 281 -17.97 -26.26 16.89
CA ASP B 281 -19.42 -26.15 16.58
C ASP B 281 -20.18 -25.65 17.81
N GLU B 282 -19.81 -26.17 18.98
CA GLU B 282 -20.44 -25.83 20.28
C GLU B 282 -20.13 -24.37 20.63
N VAL B 283 -18.88 -23.93 20.47
CA VAL B 283 -18.47 -22.50 20.70
C VAL B 283 -19.27 -21.59 19.75
N ASN B 284 -19.36 -21.95 18.46
CA ASN B 284 -20.00 -21.12 17.41
C ASN B 284 -21.51 -20.99 17.66
N ALA B 285 -22.21 -22.07 17.99
CA ALA B 285 -23.66 -22.05 18.27
C ALA B 285 -23.93 -21.22 19.53
N ALA B 286 -23.10 -21.37 20.56
CA ALA B 286 -23.31 -20.70 21.87
C ALA B 286 -23.13 -19.18 21.70
N ILE B 287 -22.08 -18.76 20.98
CA ILE B 287 -21.79 -17.32 20.77
C ILE B 287 -22.82 -16.73 19.79
N LYS B 288 -23.15 -17.48 18.75
CA LYS B 288 -24.08 -17.01 17.68
C LYS B 288 -25.43 -16.61 18.28
N LYS B 289 -25.91 -17.36 19.28
CA LYS B 289 -27.23 -17.12 19.92
C LYS B 289 -27.26 -15.68 20.43
N HIS B 290 -26.12 -15.18 20.93
CA HIS B 290 -26.03 -13.84 21.55
C HIS B 290 -25.92 -12.74 20.49
N THR B 291 -25.84 -13.10 19.19
CA THR B 291 -25.85 -12.14 18.05
C THR B 291 -27.27 -11.95 17.50
N GLU B 292 -28.22 -12.82 17.84
CA GLU B 292 -29.59 -12.78 17.25
C GLU B 292 -30.23 -11.44 17.66
N GLY B 293 -30.53 -10.61 16.66
CA GLY B 293 -31.17 -9.29 16.84
C GLY B 293 -30.22 -8.27 17.46
N ASN B 294 -28.92 -8.54 17.49
CA ASN B 294 -27.93 -7.70 18.21
C ASN B 294 -27.29 -6.68 17.25
N GLU B 295 -27.63 -5.40 17.44
CA GLU B 295 -27.21 -4.32 16.52
C GLU B 295 -25.75 -3.96 16.82
N SER B 296 -25.19 -4.42 17.94
CA SER B 296 -23.82 -4.11 18.42
C SER B 296 -22.85 -5.27 18.17
N PHE B 297 -23.36 -6.50 18.24
CA PHE B 297 -22.56 -7.76 18.14
C PHE B 297 -23.20 -8.61 17.05
N GLY B 298 -22.67 -8.48 15.83
CA GLY B 298 -23.19 -9.13 14.63
C GLY B 298 -22.59 -10.49 14.40
N TYR B 299 -23.00 -11.10 13.30
CA TYR B 299 -22.62 -12.47 12.90
C TYR B 299 -22.32 -12.47 11.40
N ASN B 300 -21.25 -13.15 10.97
CA ASN B 300 -21.03 -13.35 9.52
C ASN B 300 -20.22 -14.63 9.29
N ASP B 301 -20.77 -15.53 8.45
CA ASP B 301 -20.14 -16.85 8.15
C ASP B 301 -19.96 -16.99 6.64
N ASP B 302 -19.89 -15.87 5.91
CA ASP B 302 -19.72 -15.83 4.42
C ASP B 302 -18.24 -15.82 4.04
N GLU B 303 -17.32 -15.88 5.01
CA GLU B 303 -15.84 -15.88 4.77
C GLU B 303 -15.46 -14.52 4.20
N ILE B 304 -15.82 -13.46 4.91
CA ILE B 304 -15.50 -12.05 4.56
C ILE B 304 -14.01 -11.77 4.83
N VAL B 305 -13.55 -10.61 4.39
CA VAL B 305 -12.18 -10.07 4.63
C VAL B 305 -12.37 -8.63 5.09
N SER B 306 -11.30 -7.97 5.50
CA SER B 306 -11.35 -6.69 6.27
C SER B 306 -12.21 -5.66 5.54
N SER B 307 -12.12 -5.54 4.23
CA SER B 307 -12.76 -4.41 3.53
C SER B 307 -14.29 -4.58 3.58
N ASP B 308 -14.79 -5.80 3.77
CA ASP B 308 -16.24 -6.11 3.78
C ASP B 308 -16.89 -5.48 5.03
N VAL B 309 -16.13 -5.15 6.08
CA VAL B 309 -16.74 -4.59 7.32
C VAL B 309 -16.70 -3.06 7.28
N ILE B 310 -16.00 -2.45 6.32
CA ILE B 310 -15.92 -0.98 6.16
C ILE B 310 -17.35 -0.47 5.90
N GLY B 311 -17.91 0.32 6.81
CA GLY B 311 -19.26 0.88 6.65
C GLY B 311 -20.31 0.11 7.44
N THR B 312 -19.95 -1.00 8.09
CA THR B 312 -20.87 -1.78 8.96
C THR B 312 -21.06 -1.04 10.29
N THR B 313 -22.18 -1.33 10.96
CA THR B 313 -22.77 -0.54 12.07
C THR B 313 -22.63 -1.30 13.39
N PHE B 314 -22.12 -2.54 13.35
CA PHE B 314 -21.76 -3.36 14.54
C PHE B 314 -20.43 -2.85 15.15
N GLY B 315 -20.29 -2.96 16.47
CA GLY B 315 -19.02 -2.73 17.18
C GLY B 315 -18.13 -3.94 17.06
N SER B 316 -18.74 -5.07 16.73
CA SER B 316 -18.11 -6.41 16.72
C SER B 316 -18.90 -7.32 15.80
N ILE B 317 -18.23 -8.12 14.99
CA ILE B 317 -18.92 -9.10 14.09
C ILE B 317 -18.26 -10.46 14.29
N PHE B 318 -18.94 -11.38 14.98
CA PHE B 318 -18.44 -12.73 15.26
C PHE B 318 -18.27 -13.48 13.93
N ASP B 319 -17.12 -14.13 13.76
CA ASP B 319 -16.79 -14.89 12.54
C ASP B 319 -16.56 -16.35 12.92
N PRO B 320 -17.61 -17.22 12.90
CA PRO B 320 -17.44 -18.62 13.30
C PRO B 320 -16.43 -19.39 12.45
N THR B 321 -16.12 -18.93 11.22
CA THR B 321 -15.28 -19.67 10.25
C THR B 321 -13.83 -19.75 10.75
N GLN B 322 -13.46 -18.90 11.72
CA GLN B 322 -12.06 -18.83 12.23
C GLN B 322 -11.98 -19.48 13.63
N THR B 323 -13.08 -20.01 14.16
CA THR B 323 -13.09 -20.66 15.50
C THR B 323 -12.17 -21.88 15.45
N GLU B 324 -11.37 -22.08 16.49
CA GLU B 324 -10.39 -23.19 16.53
C GLU B 324 -10.20 -23.64 17.98
N VAL B 325 -10.37 -24.95 18.21
CA VAL B 325 -10.16 -25.60 19.53
C VAL B 325 -9.00 -26.58 19.37
N THR B 326 -7.92 -26.39 20.13
CA THR B 326 -6.73 -27.27 20.13
C THR B 326 -6.72 -28.03 21.47
N SER B 327 -6.69 -29.38 21.44
CA SER B 327 -6.81 -30.28 22.63
C SER B 327 -5.67 -31.31 22.66
N ASP B 328 -4.99 -31.46 23.79
CA ASP B 328 -4.14 -32.66 24.06
C ASP B 328 -4.49 -33.11 25.48
N GLY B 329 -5.15 -34.27 25.59
CA GLY B 329 -5.73 -34.77 26.85
C GLY B 329 -6.70 -33.75 27.43
N ASP B 330 -6.31 -33.13 28.55
CA ASP B 330 -7.13 -32.22 29.39
C ASP B 330 -6.79 -30.75 29.10
N ASN B 331 -5.77 -30.47 28.29
CA ASN B 331 -5.33 -29.07 28.00
C ASN B 331 -5.99 -28.62 26.70
N GLN B 332 -6.75 -27.53 26.76
CA GLN B 332 -7.57 -27.03 25.63
C GLN B 332 -7.37 -25.51 25.49
N LEU B 333 -7.04 -25.07 24.27
CA LEU B 333 -7.04 -23.65 23.83
C LEU B 333 -8.21 -23.42 22.88
N VAL B 334 -8.95 -22.33 23.07
CA VAL B 334 -10.07 -21.90 22.20
C VAL B 334 -9.71 -20.54 21.60
N LYS B 335 -9.66 -20.49 20.27
CA LYS B 335 -9.46 -19.27 19.46
C LYS B 335 -10.82 -18.85 18.89
N THR B 336 -11.22 -17.61 19.18
CA THR B 336 -12.41 -16.98 18.59
C THR B 336 -11.98 -15.62 18.02
N VAL B 337 -12.76 -15.14 17.06
CA VAL B 337 -12.40 -13.98 16.22
C VAL B 337 -13.67 -13.16 16.00
N ALA B 338 -13.56 -11.84 16.04
CA ALA B 338 -14.61 -10.92 15.62
C ALA B 338 -13.98 -9.77 14.84
N TRP B 339 -14.62 -9.39 13.72
CA TRP B 339 -14.26 -8.23 12.88
C TRP B 339 -14.82 -6.96 13.48
N TYR B 340 -14.33 -5.81 13.03
CA TYR B 340 -14.87 -4.48 13.42
C TYR B 340 -14.38 -3.42 12.46
N ASP B 341 -15.31 -2.56 12.07
CA ASP B 341 -15.01 -1.26 11.44
C ASP B 341 -14.63 -0.34 12.59
N ASN B 342 -13.32 -0.24 12.86
CA ASN B 342 -12.75 0.52 14.00
C ASN B 342 -13.15 2.00 13.84
N GLU B 343 -13.48 2.43 12.62
CA GLU B 343 -14.04 3.79 12.41
C GLU B 343 -15.58 3.77 12.62
N TYR B 344 -16.35 3.30 11.63
CA TYR B 344 -17.82 3.55 11.58
C TYR B 344 -18.56 2.65 12.58
N GLY B 345 -18.05 1.44 12.80
CA GLY B 345 -18.65 0.44 13.71
C GLY B 345 -18.62 0.96 15.15
N PHE B 346 -17.43 1.35 15.59
CA PHE B 346 -17.20 1.97 16.91
C PHE B 346 -18.02 3.25 17.04
N THR B 347 -18.06 4.06 15.97
CA THR B 347 -18.81 5.34 15.94
C THR B 347 -20.31 5.07 16.18
N CYS B 348 -20.86 4.01 15.56
CA CYS B 348 -22.28 3.64 15.70
C CYS B 348 -22.53 3.18 17.14
N GLN B 349 -21.55 2.55 17.78
CA GLN B 349 -21.60 2.17 19.22
C GLN B 349 -21.67 3.44 20.07
N MET B 350 -20.80 4.40 19.81
CA MET B 350 -20.76 5.69 20.55
C MET B 350 -22.10 6.41 20.41
N VAL B 351 -22.69 6.45 19.21
CA VAL B 351 -23.98 7.20 19.00
C VAL B 351 -25.09 6.45 19.74
N ARG B 352 -24.98 5.13 19.81
CA ARG B 352 -25.96 4.35 20.60
C ARG B 352 -25.86 4.76 22.08
N THR B 353 -24.64 4.89 22.59
CA THR B 353 -24.43 5.31 23.99
C THR B 353 -24.92 6.76 24.16
N LEU B 354 -24.77 7.59 23.12
CA LEU B 354 -25.21 8.99 23.17
C LEU B 354 -26.74 9.04 23.27
N LEU B 355 -27.43 8.14 22.58
CA LEU B 355 -28.92 8.17 22.60
C LEU B 355 -29.44 7.72 23.96
N LYS B 356 -28.75 6.75 24.58
CA LYS B 356 -29.10 6.20 25.92
C LYS B 356 -28.92 7.31 26.99
N PHE B 357 -27.96 8.21 26.80
CA PHE B 357 -27.77 9.45 27.61
C PHE B 357 -29.09 10.25 27.73
N ALA B 358 -29.94 10.30 26.70
CA ALA B 358 -31.24 11.02 26.71
C ALA B 358 -32.27 10.36 27.64
N THR B 359 -32.23 9.03 27.77
CA THR B 359 -33.11 8.23 28.66
C THR B 359 -32.71 8.37 30.14
N LEU B 360 -31.63 9.10 30.48
CA LEU B 360 -31.12 9.20 31.87
C LEU B 360 -31.76 10.41 32.57
N ILE C 25 30.11 19.90 9.90
CA ILE C 25 28.67 20.10 9.61
C ILE C 25 27.67 19.87 10.74
N GLY C 26 26.71 20.78 10.85
CA GLY C 26 25.51 20.61 11.70
C GLY C 26 24.29 20.31 10.84
N ILE C 27 23.59 19.21 11.11
CA ILE C 27 22.34 18.84 10.39
C ILE C 27 21.17 19.33 11.23
N ASN C 28 20.39 20.26 10.70
CA ASN C 28 19.11 20.68 11.32
C ASN C 28 17.97 19.93 10.61
N GLY C 29 17.25 19.08 11.36
CA GLY C 29 16.22 18.18 10.81
C GLY C 29 16.85 16.85 10.42
N PHE C 30 16.76 15.88 11.32
CA PHE C 30 17.22 14.49 11.12
C PHE C 30 16.03 13.66 10.66
N GLY C 31 15.40 14.12 9.57
CA GLY C 31 14.23 13.50 8.92
C GLY C 31 14.68 12.59 7.80
N ARG C 32 13.82 12.35 6.82
CA ARG C 32 14.14 11.47 5.67
C ARG C 32 15.46 11.97 5.06
N ILE C 33 15.52 13.26 4.69
CA ILE C 33 16.68 13.84 3.97
C ILE C 33 17.88 13.93 4.92
N GLY C 34 17.68 14.38 6.15
CA GLY C 34 18.76 14.57 7.14
C GLY C 34 19.46 13.24 7.44
N ARG C 35 18.68 12.18 7.67
CA ARG C 35 19.24 10.86 8.03
C ARG C 35 19.92 10.26 6.79
N LEU C 36 19.33 10.43 5.61
CA LEU C 36 19.96 9.89 4.37
C LEU C 36 21.25 10.66 4.05
N ALA C 37 21.30 11.98 4.30
CA ALA C 37 22.51 12.83 4.15
C ALA C 37 23.61 12.24 5.03
N PHE C 38 23.28 11.95 6.28
CA PHE C 38 24.18 11.31 7.26
C PHE C 38 24.68 9.97 6.69
N ARG C 39 23.77 9.11 6.21
CA ARG C 39 24.15 7.80 5.63
C ARG C 39 25.07 8.03 4.43
N ARG C 40 24.76 8.99 3.57
CA ARG C 40 25.54 9.21 2.33
C ARG C 40 26.97 9.65 2.72
N ILE C 41 27.07 10.65 3.60
CA ILE C 41 28.39 11.19 4.05
C ILE C 41 29.19 10.04 4.66
N LEU C 42 28.55 9.22 5.51
CA LEU C 42 29.20 8.05 6.15
C LEU C 42 29.71 7.08 5.08
N GLU C 43 28.87 6.68 4.12
CA GLU C 43 29.24 5.63 3.13
C GLU C 43 30.32 6.16 2.16
N LEU C 44 30.42 7.47 1.96
CA LEU C 44 31.46 8.04 1.07
C LEU C 44 32.84 7.89 1.74
N GLY C 45 32.91 7.86 3.07
CA GLY C 45 34.17 7.68 3.82
C GLY C 45 35.22 8.69 3.40
N GLU C 46 36.21 8.26 2.61
CA GLU C 46 37.42 9.06 2.25
C GLU C 46 37.06 10.07 1.14
N LYS C 47 36.14 9.73 0.25
CA LYS C 47 35.65 10.69 -0.80
C LYS C 47 34.83 11.80 -0.14
N SER C 48 34.51 11.69 1.16
CA SER C 48 33.90 12.75 1.99
C SER C 48 34.87 13.17 3.11
N SER C 49 36.17 12.91 2.99
CA SER C 49 37.10 13.26 4.10
C SER C 49 37.10 14.77 4.33
N ASP C 50 36.72 15.56 3.33
CA ASP C 50 36.81 17.05 3.46
C ASP C 50 35.64 17.62 4.25
N ILE C 51 34.69 16.79 4.67
CA ILE C 51 33.57 17.25 5.57
C ILE C 51 33.49 16.27 6.74
N GLU C 52 32.77 16.65 7.81
CA GLU C 52 32.55 15.72 8.94
C GLU C 52 31.29 16.19 9.68
N VAL C 53 30.31 15.32 9.85
CA VAL C 53 29.13 15.73 10.67
C VAL C 53 29.56 15.70 12.13
N VAL C 54 29.17 16.70 12.89
CA VAL C 54 29.57 16.81 14.33
C VAL C 54 28.34 16.93 15.22
N ALA C 55 27.17 17.29 14.71
CA ALA C 55 26.00 17.54 15.55
C ALA C 55 24.70 17.55 14.73
N ILE C 56 23.58 17.37 15.41
CA ILE C 56 22.22 17.12 14.85
C ILE C 56 21.25 17.92 15.72
N ASN C 57 20.22 18.49 15.12
CA ASN C 57 19.14 19.16 15.86
C ASN C 57 17.81 18.67 15.30
N ASP C 58 16.85 18.37 16.18
CA ASP C 58 15.49 17.97 15.77
C ASP C 58 14.51 18.35 16.89
N LEU C 59 13.37 17.67 16.98
CA LEU C 59 12.31 17.88 18.00
C LEU C 59 12.13 16.60 18.82
N THR C 60 13.16 15.74 18.91
CA THR C 60 13.01 14.32 19.36
C THR C 60 14.18 13.85 20.21
N SER C 61 13.94 12.75 20.94
CA SER C 61 14.94 12.04 21.77
C SER C 61 16.05 11.54 20.87
N PRO C 62 17.30 11.53 21.38
CA PRO C 62 18.40 10.84 20.72
C PRO C 62 18.11 9.34 20.50
N ALA C 63 17.40 8.70 21.42
CA ALA C 63 17.07 7.25 21.34
C ALA C 63 16.28 7.00 20.04
N LEU C 64 15.25 7.79 19.76
CA LEU C 64 14.42 7.58 18.55
C LEU C 64 15.21 7.96 17.30
N LEU C 65 16.01 9.03 17.34
CA LEU C 65 16.82 9.44 16.17
C LEU C 65 17.79 8.32 15.79
N ALA C 66 18.43 7.68 16.77
CA ALA C 66 19.39 6.57 16.58
C ALA C 66 18.65 5.38 15.95
N HIS C 67 17.44 5.12 16.43
CA HIS C 67 16.57 4.01 15.95
C HIS C 67 16.21 4.22 14.47
N LEU C 68 15.79 5.44 14.10
CA LEU C 68 15.34 5.77 12.73
C LEU C 68 16.53 5.77 11.76
N LEU C 69 17.71 6.20 12.21
CA LEU C 69 18.96 6.13 11.41
C LEU C 69 19.27 4.67 11.10
N LYS C 70 19.15 3.81 12.11
CA LYS C 70 19.51 2.37 12.02
C LYS C 70 18.55 1.64 11.10
N TYR C 71 17.24 1.79 11.33
CA TYR C 71 16.20 1.02 10.64
C TYR C 71 15.38 1.96 9.76
N ASP C 72 15.42 1.67 8.45
CA ASP C 72 14.76 2.51 7.42
C ASP C 72 13.86 1.61 6.58
N SER C 73 12.55 1.86 6.64
CA SER C 73 11.50 1.09 5.93
C SER C 73 11.74 1.14 4.42
N THR C 74 12.28 2.25 3.88
CA THR C 74 12.54 2.40 2.43
C THR C 74 13.91 1.84 2.07
N HIS C 75 14.97 2.16 2.81
CA HIS C 75 16.37 1.96 2.33
C HIS C 75 17.07 0.83 3.06
N GLY C 76 16.41 0.20 4.04
CA GLY C 76 16.98 -0.97 4.75
C GLY C 76 17.82 -0.57 5.94
N THR C 77 18.48 -1.55 6.53
CA THR C 77 19.15 -1.46 7.84
C THR C 77 20.56 -0.94 7.60
N LEU C 78 20.98 0.09 8.36
CA LEU C 78 22.34 0.67 8.25
C LEU C 78 23.33 -0.39 8.69
N ASN C 79 24.30 -0.74 7.85
CA ASN C 79 25.36 -1.69 8.23
C ASN C 79 26.41 -0.89 9.02
N ALA C 80 26.12 -0.64 10.29
CA ALA C 80 26.96 0.10 11.25
C ALA C 80 26.39 -0.05 12.65
N ASP C 81 27.23 0.19 13.66
CA ASP C 81 26.87 0.06 15.09
C ASP C 81 26.26 1.38 15.53
N VAL C 82 24.97 1.38 15.83
CA VAL C 82 24.22 2.63 16.14
C VAL C 82 23.66 2.49 17.55
N SER C 83 23.86 3.51 18.38
CA SER C 83 23.34 3.60 19.77
C SER C 83 23.04 5.06 20.07
N ALA C 84 22.46 5.30 21.26
CA ALA C 84 22.12 6.64 21.77
C ALA C 84 22.62 6.79 23.19
N THR C 85 22.82 8.04 23.62
CA THR C 85 23.08 8.46 25.02
C THR C 85 21.96 9.43 25.35
N ASP C 86 22.02 10.06 26.53
CA ASP C 86 20.99 11.03 26.99
C ASP C 86 20.94 12.23 26.03
N ASP C 87 22.03 12.52 25.30
CA ASP C 87 22.20 13.80 24.58
C ASP C 87 22.86 13.62 23.21
N SER C 88 22.94 12.41 22.66
CA SER C 88 23.70 12.18 21.41
C SER C 88 23.34 10.83 20.78
N ILE C 89 23.83 10.65 19.56
CA ILE C 89 23.81 9.38 18.78
C ILE C 89 25.27 8.92 18.63
N VAL C 90 25.51 7.62 18.71
CA VAL C 90 26.88 7.05 18.51
C VAL C 90 26.81 6.12 17.31
N VAL C 91 27.63 6.36 16.30
CA VAL C 91 27.76 5.49 15.09
C VAL C 91 29.24 5.10 14.92
N ASN C 92 29.54 3.81 15.03
CA ASN C 92 30.90 3.26 14.81
C ASN C 92 31.90 4.01 15.70
N GLY C 93 31.57 4.14 16.99
CA GLY C 93 32.45 4.67 18.03
C GLY C 93 32.60 6.18 17.96
N LYS C 94 31.76 6.85 17.18
CA LYS C 94 31.87 8.31 16.94
C LYS C 94 30.63 8.98 17.50
N ASN C 95 30.78 10.08 18.23
CA ASN C 95 29.70 10.73 19.01
C ASN C 95 29.12 11.88 18.17
N TYR C 96 27.81 11.96 18.06
CA TYR C 96 27.12 13.03 17.31
C TYR C 96 26.10 13.65 18.26
N ARG C 97 26.41 14.86 18.73
CA ARG C 97 25.62 15.59 19.72
C ARG C 97 24.23 15.86 19.11
N VAL C 98 23.17 15.65 19.88
CA VAL C 98 21.77 15.87 19.46
C VAL C 98 21.22 17.01 20.31
N TYR C 99 20.78 18.08 19.67
CA TYR C 99 20.00 19.17 20.31
C TYR C 99 18.53 18.98 19.92
N ALA C 100 17.64 19.63 20.66
CA ALA C 100 16.18 19.69 20.41
C ALA C 100 15.72 21.14 20.57
N GLU C 101 16.41 22.08 19.91
CA GLU C 101 16.12 23.54 19.91
C GLU C 101 15.24 23.87 18.70
N PRO C 102 13.94 24.17 18.89
CA PRO C 102 13.08 24.55 17.76
C PRO C 102 13.54 25.84 17.06
N GLN C 103 14.29 26.70 17.76
CA GLN C 103 14.90 27.97 17.26
C GLN C 103 16.36 27.74 16.84
N ALA C 104 16.62 27.86 15.54
CA ALA C 104 17.94 27.60 14.92
C ALA C 104 19.03 28.46 15.59
N GLN C 105 18.71 29.67 16.04
CA GLN C 105 19.71 30.63 16.59
C GLN C 105 20.24 30.12 17.94
N ASN C 106 19.48 29.26 18.63
CA ASN C 106 19.81 28.74 19.99
C ASN C 106 20.53 27.39 19.94
N ILE C 107 20.85 26.86 18.75
CA ILE C 107 21.66 25.62 18.64
C ILE C 107 23.12 26.00 18.91
N PRO C 108 23.81 25.49 19.96
CA PRO C 108 25.16 25.91 20.28
C PRO C 108 26.18 24.99 19.63
N TRP C 109 25.84 24.40 18.49
CA TRP C 109 26.76 23.43 17.83
C TRP C 109 28.06 24.10 17.39
N VAL C 110 28.05 25.41 17.21
CA VAL C 110 29.28 26.15 16.83
C VAL C 110 30.20 26.23 18.06
N ASN C 112 30.11 24.37 20.65
CA ASN C 112 30.26 23.06 21.35
C ASN C 112 30.80 21.96 20.44
N ASP C 113 30.64 22.06 19.12
CA ASP C 113 30.96 20.92 18.22
C ASP C 113 31.81 21.37 17.03
N GLY C 114 32.04 22.68 16.84
CA GLY C 114 32.92 23.22 15.78
C GLY C 114 32.27 23.23 14.42
N VAL C 115 30.93 23.44 14.44
CA VAL C 115 30.11 23.48 13.20
C VAL C 115 30.54 24.68 12.38
N ASP C 116 30.83 24.44 11.11
CA ASP C 116 31.17 25.52 10.16
C ASP C 116 29.96 25.76 9.26
N PHE C 117 29.34 24.69 8.76
CA PHE C 117 28.21 24.82 7.80
C PHE C 117 26.93 24.16 8.35
N VAL C 118 25.77 24.70 7.97
CA VAL C 118 24.49 24.04 8.40
C VAL C 118 23.75 23.36 7.24
N LEU C 119 23.56 22.04 7.34
CA LEU C 119 22.70 21.31 6.39
C LEU C 119 21.27 21.49 6.91
N GLU C 120 20.50 22.38 6.32
CA GLU C 120 19.15 22.77 6.84
C GLU C 120 18.10 21.86 6.17
N CYS C 121 17.62 20.84 6.90
CA CYS C 121 16.74 19.77 6.36
C CYS C 121 15.40 19.69 7.11
N THR C 122 14.95 20.75 7.78
CA THR C 122 13.73 20.73 8.62
C THR C 122 12.47 21.02 7.79
N GLY C 123 12.61 21.78 6.70
CA GLY C 123 11.48 22.35 5.94
C GLY C 123 10.87 23.60 6.59
N PHE C 124 11.42 24.10 7.70
CA PHE C 124 10.87 25.25 8.47
C PHE C 124 11.75 26.50 8.35
N TYR C 125 12.86 26.43 7.58
CA TYR C 125 13.83 27.54 7.42
C TYR C 125 14.14 27.79 5.93
N THR C 126 13.10 27.77 5.12
CA THR C 126 13.17 27.61 3.64
C THR C 126 13.17 29.04 3.05
N SER C 127 14.06 29.89 3.55
CA SER C 127 14.17 31.36 3.29
C SER C 127 15.57 31.87 3.66
N LYS C 128 16.07 32.87 2.93
CA LYS C 128 17.29 33.63 3.32
C LYS C 128 17.09 34.18 4.74
N ALA C 129 15.94 34.83 4.97
CA ALA C 129 15.58 35.54 6.22
C ALA C 129 15.51 34.54 7.39
N LYS C 130 14.90 33.37 7.19
CA LYS C 130 14.77 32.34 8.24
C LYS C 130 16.13 31.69 8.49
N SER C 131 16.82 31.26 7.43
CA SER C 131 18.11 30.55 7.52
C SER C 131 19.19 31.50 8.05
N GLN C 132 18.96 32.81 8.03
CA GLN C 132 19.84 33.84 8.66
C GLN C 132 20.16 33.39 10.09
N ALA C 133 19.18 32.78 10.78
CA ALA C 133 19.30 32.31 12.18
C ALA C 133 20.58 31.46 12.35
N HIS C 134 20.94 30.64 11.37
CA HIS C 134 22.13 29.74 11.45
C HIS C 134 23.41 30.60 11.42
N LEU C 135 23.40 31.68 10.65
CA LEU C 135 24.55 32.62 10.55
C LEU C 135 24.66 33.37 11.89
N ASP C 136 23.53 33.66 12.55
CA ASP C 136 23.48 34.28 13.91
C ASP C 136 24.07 33.33 14.96
N ALA C 137 23.82 32.03 14.86
CA ALA C 137 24.36 30.99 15.79
C ALA C 137 25.85 30.74 15.48
N GLY C 138 26.39 31.34 14.41
CA GLY C 138 27.83 31.42 14.14
C GLY C 138 28.30 30.57 12.97
N ALA C 139 27.38 30.12 12.10
CA ALA C 139 27.73 29.28 10.93
C ALA C 139 28.37 30.14 9.85
N LYS C 140 29.39 29.64 9.15
CA LYS C 140 29.96 30.26 7.91
C LYS C 140 28.87 30.24 6.82
N ARG C 141 28.31 29.05 6.58
CA ARG C 141 27.46 28.78 5.39
C ARG C 141 26.25 27.94 5.80
N VAL C 142 25.19 28.03 5.01
CA VAL C 142 23.93 27.24 5.13
C VAL C 142 23.58 26.69 3.75
N LEU C 143 23.41 25.37 3.63
CA LEU C 143 22.81 24.73 2.43
C LEU C 143 21.43 24.19 2.81
N ILE C 144 20.38 24.71 2.18
CA ILE C 144 18.95 24.36 2.44
C ILE C 144 18.54 23.22 1.50
N SER C 145 17.97 22.15 2.03
CA SER C 145 17.61 20.89 1.31
C SER C 145 16.29 21.06 0.55
N ALA C 146 16.01 22.24 0.01
CA ALA C 146 14.69 22.54 -0.61
C ALA C 146 14.76 23.86 -1.36
N PRO C 147 13.78 24.15 -2.24
CA PRO C 147 13.62 25.50 -2.78
C PRO C 147 13.52 26.45 -1.59
N ALA C 148 14.09 27.66 -1.68
CA ALA C 148 14.17 28.59 -0.55
C ALA C 148 14.01 30.04 -1.02
N GLY C 149 13.20 30.24 -2.05
CA GLY C 149 12.91 31.56 -2.66
C GLY C 149 13.72 31.78 -3.92
N SER C 150 13.46 32.92 -4.57
CA SER C 150 14.07 33.33 -5.86
C SER C 150 15.24 34.29 -5.63
N ASP C 151 15.62 34.57 -4.38
CA ASP C 151 16.58 35.64 -4.02
C ASP C 151 17.87 35.03 -3.50
N LEU C 152 18.11 33.74 -3.73
CA LEU C 152 19.46 33.12 -3.50
C LEU C 152 19.73 32.09 -4.58
N LYS C 153 20.95 31.60 -4.63
CA LYS C 153 21.40 30.60 -5.63
C LYS C 153 20.76 29.25 -5.30
N THR C 154 20.17 28.61 -6.31
CA THR C 154 19.57 27.27 -6.26
C THR C 154 20.48 26.37 -7.09
N ILE C 155 21.19 25.43 -6.47
CA ILE C 155 22.24 24.62 -7.15
C ILE C 155 21.74 23.21 -7.42
N VAL C 156 21.77 22.81 -8.70
CA VAL C 156 21.68 21.40 -9.12
C VAL C 156 23.09 20.98 -9.52
N TYR C 157 23.73 20.14 -8.73
CA TYR C 157 25.11 19.70 -9.04
C TYR C 157 25.14 19.13 -10.46
N ASN C 158 26.18 19.49 -11.21
CA ASN C 158 26.43 19.10 -12.62
C ASN C 158 25.47 19.81 -13.59
N VAL C 159 24.76 20.84 -13.15
CA VAL C 159 24.13 21.81 -14.08
C VAL C 159 24.74 23.21 -13.83
N ASN C 160 24.75 23.72 -12.60
CA ASN C 160 25.13 25.13 -12.34
C ASN C 160 25.89 25.26 -11.01
N ASP C 161 26.54 24.19 -10.53
CA ASP C 161 27.38 24.27 -9.32
C ASP C 161 28.54 25.26 -9.55
N ASP C 162 28.76 25.70 -10.79
CA ASP C 162 29.85 26.64 -11.16
C ASP C 162 29.51 28.08 -10.79
N ILE C 163 28.24 28.42 -10.53
CA ILE C 163 27.85 29.81 -10.13
C ILE C 163 28.19 30.04 -8.64
N LEU C 164 28.59 29.00 -7.91
CA LEU C 164 28.98 29.10 -6.48
C LEU C 164 30.31 29.84 -6.37
N THR C 165 30.37 30.80 -5.44
CA THR C 165 31.58 31.61 -5.11
C THR C 165 31.78 31.61 -3.60
N ALA C 166 32.95 32.02 -3.14
CA ALA C 166 33.36 32.03 -1.71
C ALA C 166 32.53 33.06 -0.93
N ASP C 167 31.83 33.97 -1.59
CA ASP C 167 30.95 34.99 -0.96
C ASP C 167 29.59 34.40 -0.58
N ASP C 168 29.19 33.28 -1.19
CA ASP C 168 27.84 32.67 -0.98
C ASP C 168 27.74 32.11 0.43
N ARG C 169 26.74 32.58 1.21
CA ARG C 169 26.54 32.17 2.63
C ARG C 169 25.31 31.25 2.74
N ILE C 170 24.20 31.56 2.07
CA ILE C 170 22.92 30.80 2.17
C ILE C 170 22.50 30.36 0.75
N VAL C 171 22.53 29.05 0.51
CA VAL C 171 22.32 28.41 -0.83
C VAL C 171 21.20 27.36 -0.70
N SER C 172 20.37 27.25 -1.72
CA SER C 172 19.34 26.18 -1.88
C SER C 172 19.93 25.08 -2.74
N ALA C 173 19.79 23.82 -2.31
CA ALA C 173 20.12 22.60 -3.08
C ALA C 173 18.95 22.24 -4.02
N GLY C 174 17.93 23.08 -4.10
CA GLY C 174 16.76 22.85 -4.95
C GLY C 174 15.86 21.78 -4.38
N SER C 175 14.82 21.37 -5.11
CA SER C 175 13.96 20.22 -4.75
C SER C 175 14.51 18.97 -5.45
N CYS C 176 14.02 17.79 -5.05
CA CYS C 176 14.21 16.51 -5.74
C CYS C 176 13.79 16.65 -7.20
N THR C 177 12.61 17.21 -7.47
CA THR C 177 12.09 17.37 -8.84
C THR C 177 13.04 18.29 -9.64
N THR C 178 13.58 19.33 -9.03
CA THR C 178 14.53 20.28 -9.68
C THR C 178 15.78 19.51 -10.11
N ASN C 179 16.26 18.60 -9.27
CA ASN C 179 17.51 17.85 -9.55
C ASN C 179 17.24 16.80 -10.62
N CYS C 180 15.99 16.37 -10.78
CA CYS C 180 15.60 15.42 -11.84
C CYS C 180 15.40 16.19 -13.16
N LEU C 181 14.55 17.21 -13.15
CA LEU C 181 14.19 18.01 -14.35
C LEU C 181 15.39 18.76 -14.92
N ALA C 182 16.23 19.36 -14.07
CA ALA C 182 17.24 20.35 -14.51
C ALA C 182 18.12 19.74 -15.60
N PRO C 183 18.79 18.59 -15.38
CA PRO C 183 19.72 18.06 -16.37
C PRO C 183 18.98 17.63 -17.65
N LEU C 184 17.80 17.04 -17.52
CA LEU C 184 16.98 16.64 -18.68
C LEU C 184 16.70 17.88 -19.53
N ALA C 185 16.20 18.96 -18.92
CA ALA C 185 15.87 20.22 -19.62
C ALA C 185 17.16 20.91 -20.13
N PHE C 186 18.20 20.99 -19.31
CA PHE C 186 19.49 21.64 -19.67
C PHE C 186 20.05 21.03 -20.97
N PHE C 187 20.18 19.70 -21.02
CA PHE C 187 20.81 19.00 -22.17
C PHE C 187 19.84 18.93 -23.34
N GLU C 188 18.55 18.75 -23.09
CA GLU C 188 17.52 18.76 -24.17
C GLU C 188 17.56 20.15 -24.83
N ASN C 189 17.57 21.21 -24.03
CA ASN C 189 17.58 22.61 -24.55
C ASN C 189 18.90 22.89 -25.31
N LYS C 190 20.04 22.48 -24.77
CA LYS C 190 21.36 22.65 -25.42
C LYS C 190 21.31 22.03 -26.83
N GLU C 191 20.77 20.83 -26.97
CA GLU C 191 20.79 20.05 -28.24
C GLU C 191 19.73 20.53 -29.22
N PHE C 192 18.57 21.00 -28.77
CA PHE C 192 17.39 21.19 -29.64
C PHE C 192 16.70 22.54 -29.45
N GLY C 193 16.95 23.23 -28.34
CA GLY C 193 16.27 24.50 -28.00
C GLY C 193 14.83 24.28 -27.55
N ILE C 194 14.55 24.42 -26.27
CA ILE C 194 13.16 24.36 -25.72
C ILE C 194 12.53 25.73 -25.88
N LYS C 195 11.48 25.86 -26.67
CA LYS C 195 10.70 27.13 -26.78
C LYS C 195 9.82 27.25 -25.54
N VAL C 196 9.15 26.16 -25.21
CA VAL C 196 8.19 26.09 -24.10
C VAL C 196 8.00 24.61 -23.74
N GLY C 197 7.79 24.33 -22.45
CA GLY C 197 7.57 22.97 -21.92
C GLY C 197 6.60 22.95 -20.76
N THR C 198 5.91 21.81 -20.58
CA THR C 198 5.15 21.50 -19.34
C THR C 198 5.64 20.16 -18.79
N MET C 199 5.64 20.04 -17.47
CA MET C 199 6.14 18.88 -16.70
C MET C 199 4.98 18.29 -15.89
N THR C 200 4.90 16.97 -15.82
CA THR C 200 4.18 16.25 -14.75
C THR C 200 5.14 15.26 -14.10
N THR C 201 5.31 15.37 -12.77
CA THR C 201 6.09 14.40 -11.97
C THR C 201 5.09 13.46 -11.28
N ILE C 202 5.19 12.16 -11.61
CA ILE C 202 4.48 11.09 -10.88
C ILE C 202 5.38 10.71 -9.71
N HIS C 203 5.01 11.20 -8.52
CA HIS C 203 5.92 11.41 -7.38
C HIS C 203 5.44 10.59 -6.17
N ALA C 204 6.36 9.88 -5.53
CA ALA C 204 6.13 9.16 -4.24
C ALA C 204 5.52 10.13 -3.24
N TYR C 205 4.71 9.62 -2.32
CA TYR C 205 4.19 10.44 -1.20
C TYR C 205 5.37 10.81 -0.29
N THR C 206 5.24 11.94 0.40
CA THR C 206 6.26 12.53 1.30
C THR C 206 5.64 12.82 2.67
N SER C 207 6.49 13.20 3.62
CA SER C 207 6.15 13.30 5.07
C SER C 207 5.18 14.43 5.34
N THR C 208 5.02 15.41 4.44
CA THR C 208 4.02 16.51 4.59
C THR C 208 2.62 16.00 4.28
N GLN C 209 2.48 14.84 3.62
CA GLN C 209 1.14 14.31 3.25
C GLN C 209 0.50 13.65 4.49
N MET C 210 -0.78 13.33 4.38
CA MET C 210 -1.63 12.73 5.42
C MET C 210 -1.68 11.22 5.22
N LEU C 211 -1.58 10.45 6.30
CA LEU C 211 -1.77 8.98 6.29
C LEU C 211 -3.26 8.67 6.08
N LEU C 212 -4.14 9.45 6.70
CA LEU C 212 -5.59 9.32 6.55
C LEU C 212 -6.17 10.71 6.38
N ASP C 213 -7.30 10.80 5.68
CA ASP C 213 -7.97 12.10 5.40
C ASP C 213 -8.00 12.91 6.70
N GLY C 214 -7.52 14.14 6.69
CA GLY C 214 -7.63 14.99 7.88
C GLY C 214 -6.98 16.37 7.73
N PRO C 215 -7.18 17.25 8.74
CA PRO C 215 -6.54 18.56 8.79
C PRO C 215 -5.02 18.43 8.57
N VAL C 216 -4.48 19.25 7.67
CA VAL C 216 -3.06 19.28 7.25
C VAL C 216 -2.61 20.75 7.35
N ARG C 217 -1.35 21.00 7.69
CA ARG C 217 -0.86 22.41 7.77
C ARG C 217 -0.90 23.00 6.35
N GLY C 218 -1.37 24.25 6.23
CA GLY C 218 -1.59 24.90 4.93
C GLY C 218 -3.03 24.80 4.47
N GLY C 219 -3.79 23.81 4.94
CA GLY C 219 -5.24 23.74 4.70
C GLY C 219 -5.60 23.24 3.31
N ASN C 220 -4.62 22.78 2.51
CA ASN C 220 -4.84 22.38 1.10
C ASN C 220 -5.81 21.18 1.04
N PHE C 221 -6.84 21.25 0.18
CA PHE C 221 -7.92 20.24 0.05
C PHE C 221 -7.36 18.89 -0.40
N ARG C 222 -6.24 18.90 -1.13
CA ARG C 222 -5.65 17.68 -1.74
C ARG C 222 -4.59 17.09 -0.82
N ALA C 223 -3.70 17.93 -0.24
CA ALA C 223 -2.65 17.49 0.72
C ALA C 223 -3.31 16.84 1.94
N ALA C 224 -4.58 17.17 2.23
CA ALA C 224 -5.37 16.64 3.37
C ALA C 224 -5.70 15.15 3.20
N ARG C 225 -5.60 14.59 1.99
CA ARG C 225 -6.19 13.27 1.65
C ARG C 225 -5.16 12.14 1.85
N ALA C 226 -5.66 10.99 2.30
CA ALA C 226 -4.92 9.73 2.55
C ALA C 226 -3.95 9.44 1.39
N ALA C 227 -2.65 9.47 1.67
CA ALA C 227 -1.60 9.43 0.63
C ALA C 227 -1.50 8.04 -0.02
N GLY C 228 -1.73 6.97 0.74
CA GLY C 228 -1.47 5.58 0.31
C GLY C 228 -2.53 5.04 -0.65
N VAL C 229 -3.71 5.66 -0.70
CA VAL C 229 -4.88 5.12 -1.45
C VAL C 229 -5.44 6.17 -2.38
N ASN C 230 -4.61 7.17 -2.76
CA ASN C 230 -5.03 8.25 -3.68
C ASN C 230 -3.89 8.64 -4.60
N THR C 231 -4.23 8.93 -5.85
CA THR C 231 -3.49 9.85 -6.75
C THR C 231 -3.94 11.28 -6.42
N ILE C 232 -2.99 12.11 -6.00
CA ILE C 232 -3.26 13.46 -5.44
C ILE C 232 -2.54 14.50 -6.28
N PRO C 233 -3.26 15.33 -7.07
CA PRO C 233 -2.62 16.45 -7.77
C PRO C 233 -1.99 17.38 -6.74
N HIS C 234 -0.83 17.95 -7.07
CA HIS C 234 0.04 18.66 -6.10
C HIS C 234 0.94 19.65 -6.83
N SER C 235 1.16 20.82 -6.23
CA SER C 235 2.08 21.88 -6.75
C SER C 235 3.52 21.42 -6.64
N THR C 236 4.33 21.79 -7.63
CA THR C 236 5.81 21.92 -7.54
C THR C 236 6.16 23.22 -8.26
N GLY C 237 7.13 23.97 -7.73
CA GLY C 237 7.72 25.14 -8.41
C GLY C 237 8.88 24.71 -9.29
N ALA C 238 9.20 23.41 -9.34
CA ALA C 238 10.40 22.88 -10.00
C ALA C 238 10.48 23.44 -11.43
N ALA C 239 9.37 23.45 -12.17
CA ALA C 239 9.33 23.92 -13.57
C ALA C 239 9.36 25.45 -13.58
N LYS C 240 8.41 26.10 -12.88
CA LYS C 240 8.21 27.57 -12.91
C LYS C 240 9.54 28.27 -12.55
N ALA C 241 10.23 27.76 -11.52
CA ALA C 241 11.45 28.37 -10.92
C ALA C 241 12.72 27.79 -11.54
N LEU C 242 12.65 27.03 -12.63
CA LEU C 242 13.84 26.31 -13.15
C LEU C 242 14.83 27.33 -13.72
N GLY C 243 14.32 28.52 -14.08
CA GLY C 243 15.09 29.73 -14.41
C GLY C 243 16.24 30.00 -13.44
N LEU C 244 16.09 29.66 -12.15
CA LEU C 244 17.13 29.94 -11.13
C LEU C 244 18.34 29.06 -11.41
N VAL C 245 18.11 27.86 -11.97
CA VAL C 245 19.17 26.84 -12.21
C VAL C 245 19.68 26.98 -13.65
N ILE C 246 18.74 27.13 -14.58
CA ILE C 246 19.01 27.26 -16.05
C ILE C 246 18.40 28.59 -16.51
N PRO C 247 19.16 29.70 -16.41
CA PRO C 247 18.67 31.01 -16.85
C PRO C 247 18.01 31.01 -18.25
N GLU C 248 18.54 30.26 -19.23
CA GLU C 248 18.00 30.22 -20.62
C GLU C 248 16.58 29.60 -20.66
N LEU C 249 16.13 28.91 -19.62
CA LEU C 249 14.78 28.30 -19.58
C LEU C 249 13.86 29.16 -18.74
N ASN C 250 14.35 30.32 -18.31
CA ASN C 250 13.59 31.18 -17.37
C ASN C 250 12.25 31.54 -17.98
N GLY C 251 11.16 31.31 -17.27
CA GLY C 251 9.78 31.62 -17.71
C GLY C 251 9.27 30.70 -18.82
N LYS C 252 9.99 29.63 -19.19
CA LYS C 252 9.64 28.78 -20.37
C LYS C 252 8.91 27.48 -19.96
N LEU C 253 8.96 27.10 -18.68
CA LEU C 253 8.37 25.82 -18.20
C LEU C 253 7.35 26.08 -17.11
N GLN C 254 6.33 25.25 -17.06
CA GLN C 254 5.41 25.09 -15.90
C GLN C 254 5.18 23.61 -15.67
N GLY C 255 4.45 23.26 -14.62
CA GLY C 255 4.23 21.85 -14.28
C GLY C 255 3.69 21.68 -12.90
N HIS C 256 3.45 20.43 -12.55
CA HIS C 256 2.76 20.04 -11.30
C HIS C 256 3.10 18.57 -11.07
N ALA C 257 2.68 18.05 -9.93
CA ALA C 257 2.95 16.67 -9.50
C ALA C 257 1.62 15.95 -9.36
N GLN C 258 1.66 14.63 -9.53
CA GLN C 258 0.63 13.70 -9.05
C GLN C 258 1.30 12.87 -7.96
N ARG C 259 0.89 13.04 -6.70
CA ARG C 259 1.42 12.24 -5.57
C ARG C 259 0.70 10.89 -5.63
N VAL C 260 1.46 9.80 -5.68
CA VAL C 260 0.89 8.42 -5.85
C VAL C 260 1.38 7.53 -4.71
N GLY C 261 0.84 6.31 -4.63
CA GLY C 261 0.84 5.50 -3.39
C GLY C 261 2.09 4.66 -3.20
N VAL C 262 3.28 5.20 -3.45
CA VAL C 262 4.56 4.52 -3.11
C VAL C 262 5.36 5.41 -2.17
N VAL C 263 6.22 4.78 -1.36
CA VAL C 263 7.03 5.42 -0.29
C VAL C 263 8.16 6.29 -0.86
N ASP C 264 8.58 6.02 -2.09
CA ASP C 264 9.81 6.62 -2.69
C ASP C 264 9.95 6.16 -4.14
N GLY C 265 10.65 6.94 -4.95
CA GLY C 265 10.83 6.69 -6.39
C GLY C 265 9.79 7.46 -7.18
N SER C 266 10.26 8.32 -8.07
CA SER C 266 9.45 9.30 -8.81
C SER C 266 9.96 9.35 -10.25
N LEU C 267 9.13 9.82 -11.16
CA LEU C 267 9.60 10.16 -12.53
C LEU C 267 9.00 11.51 -12.93
N THR C 268 9.77 12.23 -13.76
CA THR C 268 9.38 13.53 -14.34
C THR C 268 9.16 13.30 -15.84
N GLU C 269 7.97 13.62 -16.32
CA GLU C 269 7.64 13.71 -17.76
C GLU C 269 7.73 15.19 -18.16
N LEU C 270 8.48 15.48 -19.23
CA LEU C 270 8.61 16.81 -19.86
C LEU C 270 7.98 16.73 -21.25
N VAL C 271 6.98 17.57 -21.52
CA VAL C 271 6.41 17.78 -22.88
C VAL C 271 6.82 19.17 -23.34
N ALA C 272 7.50 19.27 -24.50
CA ALA C 272 8.17 20.51 -24.97
C ALA C 272 7.93 20.70 -26.47
N ILE C 273 7.84 21.98 -26.88
CA ILE C 273 8.01 22.45 -28.28
C ILE C 273 9.50 22.82 -28.42
N LEU C 274 10.20 22.18 -29.35
CA LEU C 274 11.66 22.38 -29.61
C LEU C 274 11.85 23.24 -30.86
N ASP C 275 13.04 23.84 -31.02
CA ASP C 275 13.43 24.62 -32.22
C ASP C 275 13.57 23.68 -33.41
N LYS C 276 14.07 22.48 -33.18
CA LYS C 276 14.44 21.52 -34.25
C LYS C 276 13.34 20.47 -34.42
N LYS C 277 13.09 20.07 -35.67
CA LYS C 277 12.31 18.84 -35.99
C LYS C 277 13.18 17.66 -35.58
N VAL C 278 12.64 16.69 -34.84
CA VAL C 278 13.40 15.53 -34.30
C VAL C 278 12.60 14.24 -34.48
N THR C 279 13.28 13.11 -34.36
CA THR C 279 12.72 11.76 -34.09
C THR C 279 13.08 11.34 -32.65
N ALA C 280 12.39 10.34 -32.11
CA ALA C 280 12.64 9.76 -30.78
C ALA C 280 14.10 9.28 -30.67
N ASP C 281 14.59 8.56 -31.68
CA ASP C 281 15.98 8.02 -31.71
C ASP C 281 16.99 9.15 -31.59
N GLU C 282 16.74 10.24 -32.32
CA GLU C 282 17.61 11.43 -32.37
C GLU C 282 17.62 12.12 -31.00
N VAL C 283 16.45 12.30 -30.37
CA VAL C 283 16.33 12.87 -28.99
C VAL C 283 17.12 11.99 -28.01
N ASN C 284 16.94 10.67 -28.07
CA ASN C 284 17.54 9.69 -27.13
C ASN C 284 19.07 9.67 -27.26
N ALA C 285 19.62 9.63 -28.47
CA ALA C 285 21.08 9.59 -28.70
C ALA C 285 21.71 10.91 -28.22
N ALA C 286 21.05 12.04 -28.49
CA ALA C 286 21.57 13.38 -28.16
C ALA C 286 21.63 13.55 -26.63
N ILE C 287 20.56 13.16 -25.92
CA ILE C 287 20.49 13.30 -24.44
C ILE C 287 21.42 12.27 -23.80
N LYS C 288 21.45 11.05 -24.32
CA LYS C 288 22.24 9.94 -23.77
C LYS C 288 23.73 10.33 -23.69
N LYS C 289 24.24 11.04 -24.69
CA LYS C 289 25.69 11.35 -24.74
C LYS C 289 26.04 12.20 -23.51
N HIS C 290 25.10 13.01 -23.02
CA HIS C 290 25.32 13.89 -21.84
C HIS C 290 25.22 13.10 -20.52
N THR C 291 24.89 11.80 -20.55
CA THR C 291 24.87 10.90 -19.37
C THR C 291 26.17 10.12 -19.25
N GLU C 292 27.01 10.08 -20.29
CA GLU C 292 28.26 9.27 -20.28
C GLU C 292 29.16 9.81 -19.17
N GLY C 293 29.44 9.00 -18.14
CA GLY C 293 30.31 9.36 -17.02
C GLY C 293 29.66 10.38 -16.09
N ASN C 294 28.35 10.57 -16.19
CA ASN C 294 27.62 11.61 -15.42
C ASN C 294 27.06 11.03 -14.12
N GLU C 295 27.60 11.40 -12.97
CA GLU C 295 27.18 10.79 -11.67
C GLU C 295 25.90 11.47 -11.16
N SER C 296 25.48 12.54 -11.82
CA SER C 296 24.25 13.29 -11.45
C SER C 296 23.09 12.97 -12.38
N PHE C 297 23.39 12.68 -13.65
CA PHE C 297 22.39 12.46 -14.73
C PHE C 297 22.71 11.13 -15.39
N GLY C 298 22.05 10.06 -14.93
CA GLY C 298 22.29 8.69 -15.37
C GLY C 298 21.42 8.30 -16.55
N TYR C 299 21.51 7.04 -16.95
CA TYR C 299 20.84 6.47 -18.14
C TYR C 299 20.33 5.09 -17.79
N ASN C 300 19.12 4.74 -18.22
CA ASN C 300 18.65 3.33 -18.09
C ASN C 300 17.62 3.01 -19.19
N ASP C 301 17.88 1.95 -19.94
CA ASP C 301 17.01 1.49 -21.06
C ASP C 301 16.59 0.03 -20.86
N ASP C 302 16.58 -0.45 -19.60
CA ASP C 302 16.16 -1.82 -19.24
C ASP C 302 14.64 -1.90 -18.96
N GLU C 303 13.91 -0.79 -19.09
CA GLU C 303 12.45 -0.74 -18.82
C GLU C 303 12.22 -0.96 -17.33
N ILE C 304 12.88 -0.12 -16.52
CA ILE C 304 12.76 -0.14 -15.04
C ILE C 304 11.40 0.45 -14.63
N VAL C 305 11.09 0.33 -13.35
CA VAL C 305 9.88 0.91 -12.69
C VAL C 305 10.36 1.59 -11.42
N SER C 306 9.47 2.30 -10.73
CA SER C 306 9.86 3.28 -9.66
C SER C 306 10.77 2.61 -8.63
N SER C 307 10.52 1.38 -8.22
CA SER C 307 11.24 0.82 -7.05
C SER C 307 12.70 0.54 -7.43
N ASP C 308 13.00 0.37 -8.72
CA ASP C 308 14.37 0.11 -9.22
C ASP C 308 15.29 1.31 -8.96
N VAL C 309 14.77 2.51 -8.75
CA VAL C 309 15.64 3.72 -8.56
C VAL C 309 15.86 3.97 -7.06
N ILE C 310 15.14 3.26 -6.19
CA ILE C 310 15.28 3.43 -4.71
C ILE C 310 16.71 3.04 -4.34
N GLY C 311 17.51 3.98 -3.84
CA GLY C 311 18.91 3.71 -3.43
C GLY C 311 19.92 4.12 -4.49
N THR C 312 19.49 4.59 -5.67
CA THR C 312 20.40 5.08 -6.74
C THR C 312 20.94 6.47 -6.34
N THR C 313 22.09 6.85 -6.92
CA THR C 313 22.95 7.97 -6.49
C THR C 313 22.88 9.13 -7.49
N PHE C 314 22.14 8.94 -8.59
CA PHE C 314 21.83 10.00 -9.60
C PHE C 314 20.70 10.90 -9.07
N GLY C 315 20.73 12.19 -9.44
CA GLY C 315 19.61 13.12 -9.20
C GLY C 315 18.51 12.92 -10.21
N SER C 316 18.86 12.25 -11.31
CA SER C 316 18.05 12.12 -12.54
C SER C 316 18.55 10.92 -13.32
N ILE C 317 17.64 10.09 -13.82
CA ILE C 317 18.01 8.93 -14.67
C ILE C 317 17.17 9.01 -15.95
N PHE C 318 17.79 9.37 -17.07
CA PHE C 318 17.11 9.46 -18.38
C PHE C 318 16.62 8.06 -18.78
N ASP C 319 15.36 7.98 -19.23
CA ASP C 319 14.73 6.73 -19.68
C ASP C 319 14.31 6.89 -21.13
N PRO C 320 15.17 6.51 -22.11
CA PRO C 320 14.83 6.64 -23.52
C PRO C 320 13.58 5.87 -23.95
N THR C 321 13.17 4.83 -23.21
CA THR C 321 12.10 3.89 -23.61
C THR C 321 10.74 4.63 -23.59
N GLN C 322 10.67 5.78 -22.92
CA GLN C 322 9.40 6.55 -22.76
C GLN C 322 9.42 7.79 -23.65
N THR C 323 10.49 8.02 -24.42
CA THR C 323 10.59 9.17 -25.35
C THR C 323 9.46 9.04 -26.40
N GLU C 324 8.80 10.15 -26.70
CA GLU C 324 7.66 10.14 -27.66
C GLU C 324 7.63 11.48 -28.40
N VAL C 325 7.65 11.42 -29.73
CA VAL C 325 7.56 12.61 -30.63
C VAL C 325 6.28 12.49 -31.43
N THR C 326 5.35 13.44 -31.25
CA THR C 326 4.04 13.47 -31.94
C THR C 326 4.06 14.63 -32.95
N SER C 327 3.82 14.34 -34.23
CA SER C 327 3.98 15.27 -35.39
C SER C 327 2.73 15.26 -36.27
N ASP C 328 2.17 16.43 -36.55
CA ASP C 328 1.06 16.59 -37.53
C ASP C 328 1.39 17.84 -38.33
N GLY C 329 1.75 17.64 -39.61
CA GLY C 329 2.40 18.65 -40.45
C GLY C 329 3.63 19.21 -39.76
N ASP C 330 3.53 20.48 -39.35
CA ASP C 330 4.64 21.32 -38.81
C ASP C 330 4.62 21.39 -37.28
N ASN C 331 3.57 20.85 -36.63
CA ASN C 331 3.41 20.93 -35.16
C ASN C 331 3.96 19.66 -34.53
N GLN C 332 4.92 19.81 -33.61
CA GLN C 332 5.65 18.68 -33.00
C GLN C 332 5.73 18.85 -31.47
N LEU C 333 5.31 17.81 -30.73
CA LEU C 333 5.44 17.70 -29.25
C LEU C 333 6.45 16.60 -28.94
N VAL C 334 7.35 16.86 -28.00
CA VAL C 334 8.44 15.91 -27.61
C VAL C 334 8.27 15.64 -26.12
N LYS C 335 8.02 14.37 -25.79
CA LYS C 335 7.93 13.87 -24.40
C LYS C 335 9.25 13.16 -24.06
N THR C 336 9.90 13.61 -22.98
CA THR C 336 11.07 12.93 -22.40
C THR C 336 10.78 12.73 -20.91
N VAL C 337 11.43 11.72 -20.34
CA VAL C 337 11.15 11.21 -18.98
C VAL C 337 12.49 10.92 -18.33
N ALA C 338 12.63 11.26 -17.06
CA ALA C 338 13.75 10.84 -16.21
C ALA C 338 13.20 10.40 -14.85
N TRP C 339 13.72 9.29 -14.34
CA TRP C 339 13.43 8.76 -12.99
C TRP C 339 14.27 9.50 -11.95
N TYR C 340 13.88 9.41 -10.68
CA TYR C 340 14.69 9.90 -9.55
C TYR C 340 14.23 9.27 -8.25
N ASP C 341 15.22 8.91 -7.44
CA ASP C 341 15.04 8.60 -6.01
C ASP C 341 14.97 9.95 -5.32
N ASN C 342 13.75 10.44 -5.11
CA ASN C 342 13.50 11.80 -4.56
C ASN C 342 14.11 11.89 -3.16
N GLU C 343 14.33 10.76 -2.51
CA GLU C 343 15.07 10.72 -1.22
C GLU C 343 16.58 10.66 -1.50
N TYR C 344 17.14 9.50 -1.83
CA TYR C 344 18.60 9.25 -1.79
C TYR C 344 19.30 9.87 -2.98
N GLY C 345 18.64 9.92 -4.15
CA GLY C 345 19.19 10.48 -5.39
C GLY C 345 19.46 11.97 -5.23
N PHE C 346 18.43 12.69 -4.82
CA PHE C 346 18.48 14.12 -4.45
C PHE C 346 19.53 14.33 -3.36
N THR C 347 19.55 13.46 -2.33
CA THR C 347 20.47 13.58 -1.18
C THR C 347 21.94 13.48 -1.67
N CYS C 348 22.22 12.59 -2.62
CA CYS C 348 23.57 12.42 -3.19
C CYS C 348 23.96 13.69 -3.96
N GLN C 349 22.99 14.36 -4.59
CA GLN C 349 23.18 15.67 -5.26
C GLN C 349 23.50 16.74 -4.21
N MET C 350 22.74 16.80 -3.12
CA MET C 350 22.91 17.76 -2.00
C MET C 350 24.32 17.58 -1.43
N VAL C 351 24.76 16.33 -1.26
CA VAL C 351 26.09 16.04 -0.66
C VAL C 351 27.18 16.49 -1.63
N ARG C 352 27.02 16.25 -2.94
CA ARG C 352 27.97 16.75 -3.98
C ARG C 352 28.07 18.27 -3.84
N THR C 353 26.95 18.96 -3.74
CA THR C 353 26.88 20.43 -3.61
C THR C 353 27.52 20.85 -2.28
N LEU C 354 27.34 20.05 -1.21
CA LEU C 354 27.95 20.27 0.12
C LEU C 354 29.47 20.25 -0.02
N LEU C 355 30.01 19.26 -0.72
CA LEU C 355 31.48 19.02 -0.81
C LEU C 355 32.12 20.16 -1.60
N LYS C 356 31.42 20.68 -2.61
CA LYS C 356 31.89 21.81 -3.46
C LYS C 356 32.04 23.08 -2.60
N PHE C 357 31.12 23.29 -1.66
CA PHE C 357 31.20 24.44 -0.72
C PHE C 357 32.53 24.47 0.04
N ALA C 358 33.30 23.38 0.05
CA ALA C 358 34.60 23.33 0.77
C ALA C 358 35.68 23.74 -0.21
N MET D 21 32.97 -30.65 -11.20
CA MET D 21 33.05 -31.95 -10.46
C MET D 21 32.09 -31.93 -9.26
N SER D 22 31.08 -31.04 -9.30
CA SER D 22 30.12 -30.75 -8.20
C SER D 22 28.70 -31.17 -8.63
N VAL D 23 27.74 -31.19 -7.70
CA VAL D 23 26.30 -31.48 -7.94
C VAL D 23 25.66 -30.31 -8.71
N LYS D 24 25.03 -30.67 -9.82
CA LYS D 24 24.47 -29.75 -10.83
C LYS D 24 22.96 -29.66 -10.62
N ILE D 25 22.47 -28.43 -10.47
CA ILE D 25 21.09 -28.10 -10.06
C ILE D 25 20.31 -27.61 -11.27
N GLY D 26 19.11 -28.18 -11.44
CA GLY D 26 18.05 -27.61 -12.26
C GLY D 26 17.00 -26.96 -11.38
N ILE D 27 16.71 -25.67 -11.60
CA ILE D 27 15.64 -24.93 -10.86
C ILE D 27 14.39 -25.01 -11.72
N ASN D 28 13.35 -25.64 -11.20
CA ASN D 28 12.00 -25.63 -11.84
C ASN D 28 11.15 -24.57 -11.13
N GLY D 29 10.76 -23.53 -11.86
CA GLY D 29 10.06 -22.36 -11.31
C GLY D 29 11.05 -21.30 -10.89
N PHE D 30 11.28 -20.35 -11.79
CA PHE D 30 12.16 -19.18 -11.57
C PHE D 30 11.30 -18.02 -11.10
N GLY D 31 10.52 -18.27 -10.05
CA GLY D 31 9.60 -17.33 -9.41
C GLY D 31 10.29 -16.65 -8.23
N ARG D 32 9.51 -16.20 -7.26
CA ARG D 32 10.06 -15.48 -6.08
C ARG D 32 11.16 -16.35 -5.46
N ILE D 33 10.82 -17.60 -5.13
CA ILE D 33 11.75 -18.47 -4.37
C ILE D 33 12.89 -18.92 -5.29
N GLY D 34 12.57 -19.28 -6.54
CA GLY D 34 13.57 -19.78 -7.51
C GLY D 34 14.65 -18.76 -7.78
N ARG D 35 14.23 -17.50 -8.01
CA ARG D 35 15.19 -16.42 -8.36
C ARG D 35 15.98 -16.05 -7.10
N LEU D 36 15.34 -16.03 -5.93
CA LEU D 36 16.09 -15.71 -4.69
C LEU D 36 17.07 -16.84 -4.35
N ALA D 37 16.70 -18.11 -4.58
CA ALA D 37 17.59 -19.28 -4.37
C ALA D 37 18.85 -19.07 -5.24
N PHE D 38 18.65 -18.71 -6.51
CA PHE D 38 19.73 -18.40 -7.48
C PHE D 38 20.59 -17.27 -6.90
N ARG D 39 19.99 -16.16 -6.46
CA ARG D 39 20.75 -15.03 -5.85
C ARG D 39 21.52 -15.52 -4.63
N ARG D 40 20.92 -16.34 -3.79
CA ARG D 40 21.57 -16.79 -2.53
C ARG D 40 22.77 -17.67 -2.89
N ILE D 41 22.58 -18.65 -3.78
CA ILE D 41 23.67 -19.57 -4.22
C ILE D 41 24.80 -18.72 -4.81
N LEU D 42 24.47 -17.76 -5.67
CA LEU D 42 25.46 -16.83 -6.28
C LEU D 42 26.23 -16.07 -5.18
N GLU D 43 25.54 -15.44 -4.23
CA GLU D 43 26.20 -14.58 -3.22
C GLU D 43 27.04 -15.42 -2.25
N LEU D 44 26.72 -16.71 -2.05
CA LEU D 44 27.50 -17.58 -1.15
C LEU D 44 28.87 -17.87 -1.80
N GLY D 45 28.95 -17.86 -3.13
CA GLY D 45 30.22 -18.04 -3.87
C GLY D 45 30.87 -19.36 -3.51
N GLU D 46 31.96 -19.32 -2.73
CA GLU D 46 32.81 -20.50 -2.41
C GLU D 46 32.12 -21.39 -1.37
N LYS D 47 31.34 -20.79 -0.46
CA LYS D 47 30.50 -21.50 0.55
C LYS D 47 29.43 -22.34 -0.17
N SER D 48 29.17 -22.05 -1.45
CA SER D 48 28.24 -22.85 -2.29
C SER D 48 29.02 -23.61 -3.40
N SER D 49 30.35 -23.68 -3.32
CA SER D 49 31.19 -24.26 -4.40
C SER D 49 30.84 -25.73 -4.68
N ASP D 50 30.31 -26.49 -3.70
CA ASP D 50 29.97 -27.91 -3.95
C ASP D 50 28.56 -27.99 -4.55
N ILE D 51 27.90 -26.87 -4.86
CA ILE D 51 26.68 -26.77 -5.72
C ILE D 51 27.08 -25.96 -6.99
N GLU D 52 26.42 -26.21 -8.12
CA GLU D 52 26.31 -25.20 -9.20
C GLU D 52 24.99 -25.38 -9.98
N VAL D 53 24.27 -24.27 -10.18
CA VAL D 53 23.03 -24.22 -11.02
C VAL D 53 23.46 -24.25 -12.48
N VAL D 54 22.80 -25.02 -13.33
CA VAL D 54 23.18 -25.17 -14.78
C VAL D 54 22.00 -24.84 -15.67
N ALA D 55 20.77 -24.87 -15.15
CA ALA D 55 19.58 -24.78 -16.02
C ALA D 55 18.35 -24.42 -15.20
N ILE D 56 17.38 -23.84 -15.89
CA ILE D 56 16.16 -23.21 -15.33
C ILE D 56 14.99 -23.63 -16.21
N ASN D 57 13.83 -23.88 -15.62
CA ASN D 57 12.60 -24.15 -16.39
C ASN D 57 11.49 -23.26 -15.81
N ASP D 58 10.69 -22.67 -16.69
CA ASP D 58 9.54 -21.82 -16.31
C ASP D 58 8.55 -21.84 -17.48
N LEU D 59 7.71 -20.82 -17.61
CA LEU D 59 6.62 -20.72 -18.62
C LEU D 59 6.84 -19.47 -19.48
N THR D 60 8.08 -18.98 -19.61
CA THR D 60 8.37 -17.61 -20.08
C THR D 60 9.67 -17.53 -20.88
N SER D 61 9.83 -16.41 -21.60
CA SER D 61 11.06 -16.01 -22.32
C SER D 61 12.25 -15.92 -21.35
N PRO D 62 13.44 -16.33 -21.81
CA PRO D 62 14.67 -16.04 -21.08
C PRO D 62 14.89 -14.54 -20.85
N ALA D 63 14.47 -13.68 -21.80
CA ALA D 63 14.61 -12.22 -21.69
C ALA D 63 13.90 -11.74 -20.41
N LEU D 64 12.66 -12.15 -20.18
CA LEU D 64 11.89 -11.73 -18.98
C LEU D 64 12.51 -12.36 -17.71
N LEU D 65 12.92 -13.62 -17.76
CA LEU D 65 13.52 -14.28 -16.57
C LEU D 65 14.79 -13.53 -16.14
N ALA D 66 15.62 -13.11 -17.09
CA ALA D 66 16.88 -12.35 -16.84
C ALA D 66 16.52 -10.99 -16.24
N HIS D 67 15.45 -10.36 -16.76
CA HIS D 67 14.95 -9.04 -16.29
C HIS D 67 14.50 -9.14 -14.83
N LEU D 68 13.73 -10.17 -14.47
CA LEU D 68 13.15 -10.37 -13.12
C LEU D 68 14.29 -10.73 -12.13
N LEU D 69 15.27 -11.51 -12.56
CA LEU D 69 16.47 -11.82 -11.73
C LEU D 69 17.23 -10.52 -11.42
N LYS D 70 17.41 -9.67 -12.42
CA LYS D 70 18.19 -8.40 -12.30
C LYS D 70 17.46 -7.41 -11.38
N TYR D 71 16.18 -7.15 -11.65
CA TYR D 71 15.39 -6.09 -10.99
C TYR D 71 14.32 -6.75 -10.14
N ASP D 72 14.39 -6.51 -8.83
CA ASP D 72 13.48 -7.11 -7.84
C ASP D 72 12.89 -5.99 -7.00
N SER D 73 11.58 -5.79 -7.11
CA SER D 73 10.78 -4.77 -6.41
C SER D 73 10.94 -4.91 -4.89
N THR D 74 11.09 -6.12 -4.36
CA THR D 74 11.25 -6.34 -2.90
C THR D 74 12.73 -6.22 -2.49
N HIS D 75 13.65 -6.86 -3.20
CA HIS D 75 15.04 -7.09 -2.69
C HIS D 75 16.07 -6.23 -3.41
N GLY D 76 15.67 -5.43 -4.39
CA GLY D 76 16.56 -4.48 -5.08
C GLY D 76 17.28 -5.12 -6.26
N THR D 77 18.22 -4.38 -6.81
CA THR D 77 18.88 -4.68 -8.09
C THR D 77 20.05 -5.60 -7.82
N LEU D 78 20.18 -6.68 -8.58
CA LEU D 78 21.29 -7.66 -8.42
C LEU D 78 22.59 -6.94 -8.79
N ASN D 79 23.57 -6.93 -7.89
CA ASN D 79 24.91 -6.38 -8.20
C ASN D 79 25.67 -7.43 -9.01
N ALA D 80 25.36 -7.55 -10.29
CA ALA D 80 25.94 -8.54 -11.23
C ALA D 80 25.56 -8.16 -12.65
N ASP D 81 26.32 -8.70 -13.62
CA ASP D 81 26.06 -8.53 -15.07
C ASP D 81 25.01 -9.56 -15.49
N VAL D 82 23.79 -9.13 -15.80
CA VAL D 82 22.68 -10.05 -16.15
C VAL D 82 22.23 -9.72 -17.56
N SER D 83 22.09 -10.75 -18.41
CA SER D 83 21.62 -10.64 -19.81
C SER D 83 20.90 -11.93 -20.19
N ALA D 84 20.35 -11.98 -21.40
CA ALA D 84 19.59 -13.13 -21.94
C ALA D 84 20.09 -13.40 -23.36
N THR D 85 19.89 -14.64 -23.84
CA THR D 85 20.02 -15.06 -25.25
C THR D 85 18.65 -15.64 -25.63
N ASP D 86 18.52 -16.23 -26.82
CA ASP D 86 17.24 -16.81 -27.30
C ASP D 86 16.82 -17.97 -26.39
N ASP D 87 17.76 -18.60 -25.68
CA ASP D 87 17.50 -19.89 -24.97
C ASP D 87 18.13 -19.95 -23.58
N SER D 88 18.56 -18.84 -22.99
CA SER D 88 19.30 -18.86 -21.72
C SER D 88 19.36 -17.48 -21.06
N ILE D 89 19.84 -17.48 -19.82
CA ILE D 89 20.19 -16.28 -19.01
C ILE D 89 21.69 -16.32 -18.78
N VAL D 90 22.33 -15.15 -18.77
CA VAL D 90 23.79 -15.03 -18.59
C VAL D 90 24.01 -14.17 -17.35
N VAL D 91 24.70 -14.68 -16.34
CA VAL D 91 25.08 -13.92 -15.11
C VAL D 91 26.60 -14.03 -14.94
N ASN D 92 27.30 -12.89 -14.98
CA ASN D 92 28.76 -12.80 -14.70
C ASN D 92 29.50 -13.81 -15.57
N GLY D 93 29.22 -13.80 -16.88
CA GLY D 93 29.96 -14.56 -17.90
C GLY D 93 29.58 -16.01 -17.91
N LYS D 94 28.53 -16.41 -17.19
CA LYS D 94 28.17 -17.83 -17.01
C LYS D 94 26.78 -18.04 -17.63
N ASN D 95 26.60 -19.11 -18.39
CA ASN D 95 25.38 -19.37 -19.18
C ASN D 95 24.47 -20.33 -18.40
N TYR D 96 23.19 -20.02 -18.32
CA TYR D 96 22.18 -20.85 -17.63
C TYR D 96 21.03 -21.10 -18.60
N ARG D 97 20.97 -22.34 -19.10
CA ARG D 97 19.99 -22.77 -20.13
C ARG D 97 18.59 -22.60 -19.53
N VAL D 98 17.67 -22.02 -20.31
CA VAL D 98 16.26 -21.82 -19.91
C VAL D 98 15.38 -22.70 -20.79
N TYR D 99 14.59 -23.58 -20.17
CA TYR D 99 13.49 -24.32 -20.82
C TYR D 99 12.15 -23.70 -20.44
N ALA D 100 11.13 -24.01 -21.23
CA ALA D 100 9.71 -23.63 -20.98
C ALA D 100 8.81 -24.86 -21.17
N GLU D 101 9.14 -25.98 -20.50
CA GLU D 101 8.34 -27.24 -20.51
C GLU D 101 7.39 -27.27 -19.31
N PRO D 102 6.07 -27.10 -19.51
CA PRO D 102 5.13 -27.14 -18.39
C PRO D 102 5.09 -28.51 -17.67
N GLN D 103 5.45 -29.59 -18.38
CA GLN D 103 5.53 -30.99 -17.88
C GLN D 103 6.97 -31.32 -17.47
N ALA D 104 7.19 -31.54 -16.17
CA ALA D 104 8.51 -31.77 -15.57
C ALA D 104 9.21 -32.97 -16.23
N GLN D 105 8.47 -33.99 -16.67
CA GLN D 105 9.06 -35.23 -17.25
C GLN D 105 9.72 -34.93 -18.60
N ASN D 106 9.32 -33.86 -19.28
CA ASN D 106 9.80 -33.47 -20.64
C ASN D 106 10.94 -32.44 -20.57
N ILE D 107 11.42 -32.06 -19.39
CA ILE D 107 12.57 -31.10 -19.27
C ILE D 107 13.82 -31.92 -19.57
N PRO D 108 14.53 -31.62 -20.69
CA PRO D 108 15.68 -32.42 -21.09
C PRO D 108 17.01 -32.04 -20.41
N TRP D 109 16.95 -31.42 -19.22
CA TRP D 109 18.14 -30.80 -18.59
C TRP D 109 19.11 -31.85 -18.09
N VAL D 110 18.68 -33.11 -17.85
CA VAL D 110 19.61 -34.18 -17.37
C VAL D 110 20.63 -34.47 -18.49
N LYS D 111 20.14 -34.87 -19.66
CA LYS D 111 21.02 -35.22 -20.81
C LYS D 111 21.68 -33.96 -21.39
N ASN D 112 20.96 -32.83 -21.44
CA ASN D 112 21.43 -31.57 -22.09
C ASN D 112 22.40 -30.81 -21.19
N ASP D 113 22.18 -30.78 -19.87
CA ASP D 113 22.88 -29.86 -18.94
C ASP D 113 23.53 -30.60 -17.77
N GLY D 114 23.30 -31.92 -17.65
CA GLY D 114 23.93 -32.75 -16.61
C GLY D 114 23.29 -32.58 -15.25
N VAL D 115 22.00 -32.19 -15.19
CA VAL D 115 21.28 -31.91 -13.91
C VAL D 115 21.29 -33.19 -13.08
N ASP D 116 21.83 -33.08 -11.86
CA ASP D 116 21.86 -34.12 -10.82
C ASP D 116 20.54 -34.03 -10.06
N PHE D 117 20.18 -32.81 -9.69
CA PHE D 117 19.25 -32.50 -8.58
C PHE D 117 18.30 -31.38 -9.00
N VAL D 118 16.99 -31.57 -8.81
CA VAL D 118 15.96 -30.55 -9.16
C VAL D 118 15.55 -29.79 -7.88
N LEU D 119 15.75 -28.47 -7.88
CA LEU D 119 15.12 -27.51 -6.91
C LEU D 119 13.73 -27.16 -7.44
N GLU D 120 12.69 -27.74 -6.85
CA GLU D 120 11.30 -27.67 -7.37
C GLU D 120 10.60 -26.48 -6.70
N CYS D 121 10.48 -25.36 -7.42
CA CYS D 121 9.99 -24.06 -6.88
C CYS D 121 8.75 -23.54 -7.64
N THR D 122 7.99 -24.40 -8.31
CA THR D 122 6.84 -23.97 -9.15
C THR D 122 5.56 -23.85 -8.32
N GLY D 123 5.43 -24.63 -7.24
CA GLY D 123 4.18 -24.84 -6.49
C GLY D 123 3.22 -25.82 -7.15
N PHE D 124 3.59 -26.44 -8.29
CA PHE D 124 2.70 -27.32 -9.09
C PHE D 124 3.11 -28.79 -9.00
N TYR D 125 4.15 -29.10 -8.23
CA TYR D 125 4.72 -30.47 -8.03
C TYR D 125 4.90 -30.76 -6.55
N THR D 126 3.91 -30.39 -5.75
CA THR D 126 3.99 -30.28 -4.27
C THR D 126 3.51 -31.62 -3.67
N SER D 127 4.06 -32.72 -4.20
CA SER D 127 3.71 -34.15 -3.88
C SER D 127 4.86 -35.08 -4.24
N LYS D 128 4.99 -36.20 -3.52
CA LYS D 128 5.93 -37.28 -3.92
C LYS D 128 5.56 -37.77 -5.33
N ALA D 129 4.27 -38.02 -5.55
CA ALA D 129 3.67 -38.52 -6.80
C ALA D 129 3.92 -37.56 -7.97
N LYS D 130 3.73 -36.26 -7.76
CA LYS D 130 3.95 -35.22 -8.81
C LYS D 130 5.45 -35.05 -9.06
N SER D 131 6.24 -34.89 -8.00
CA SER D 131 7.70 -34.64 -8.10
C SER D 131 8.41 -35.88 -8.65
N GLN D 132 7.74 -37.04 -8.62
CA GLN D 132 8.22 -38.29 -9.26
C GLN D 132 8.62 -37.99 -10.70
N ALA D 133 7.90 -37.09 -11.38
CA ALA D 133 8.15 -36.67 -12.78
C ALA D 133 9.63 -36.32 -12.98
N HIS D 134 10.27 -35.67 -12.01
CA HIS D 134 11.70 -35.25 -12.11
C HIS D 134 12.59 -36.49 -12.10
N LEU D 135 12.22 -37.50 -11.32
CA LEU D 135 12.98 -38.78 -11.23
C LEU D 135 12.81 -39.54 -12.55
N ASP D 136 11.64 -39.43 -13.19
CA ASP D 136 11.35 -40.01 -14.53
C ASP D 136 12.20 -39.33 -15.61
N ALA D 137 12.42 -38.00 -15.53
CA ALA D 137 13.25 -37.23 -16.48
C ALA D 137 14.73 -37.52 -16.22
N GLY D 138 15.07 -38.23 -15.14
CA GLY D 138 16.43 -38.76 -14.89
C GLY D 138 17.16 -38.06 -13.76
N ALA D 139 16.47 -37.33 -12.88
CA ALA D 139 17.09 -36.61 -11.75
C ALA D 139 17.35 -37.63 -10.63
N LYS D 140 18.47 -37.52 -9.92
CA LYS D 140 18.78 -38.36 -8.74
C LYS D 140 17.88 -37.92 -7.59
N ARG D 141 17.79 -36.63 -7.33
CA ARG D 141 17.10 -36.07 -6.13
C ARG D 141 16.25 -34.84 -6.48
N VAL D 142 15.24 -34.59 -5.64
CA VAL D 142 14.31 -33.43 -5.74
C VAL D 142 14.15 -32.80 -4.35
N LEU D 143 14.42 -31.50 -4.21
CA LEU D 143 14.08 -30.70 -2.99
C LEU D 143 12.94 -29.74 -3.33
N ILE D 144 11.79 -29.90 -2.70
CA ILE D 144 10.53 -29.13 -2.95
C ILE D 144 10.51 -27.92 -2.00
N SER D 145 10.30 -26.72 -2.55
CA SER D 145 10.36 -25.41 -1.83
C SER D 145 9.04 -25.17 -1.09
N ALA D 146 8.38 -26.19 -0.56
CA ALA D 146 7.03 -26.06 0.05
C ALA D 146 6.67 -27.33 0.78
N PRO D 147 5.61 -27.31 1.63
CA PRO D 147 5.04 -28.54 2.18
C PRO D 147 4.69 -29.42 0.96
N ALA D 148 4.86 -30.74 1.06
CA ALA D 148 4.58 -31.66 -0.05
C ALA D 148 3.95 -32.97 0.46
N GLY D 149 3.21 -32.89 1.56
CA GLY D 149 2.47 -34.02 2.15
C GLY D 149 3.18 -34.61 3.36
N SER D 150 2.58 -35.65 3.94
CA SER D 150 3.04 -36.31 5.19
C SER D 150 3.81 -37.60 4.86
N ASP D 151 4.07 -37.89 3.59
CA ASP D 151 4.69 -39.16 3.14
C ASP D 151 6.11 -38.93 2.63
N LEU D 152 6.71 -37.78 2.93
CA LEU D 152 8.18 -37.57 2.73
C LEU D 152 8.72 -36.70 3.87
N LYS D 153 10.03 -36.61 3.97
CA LYS D 153 10.70 -35.83 5.04
C LYS D 153 10.54 -34.35 4.74
N THR D 154 10.17 -33.57 5.76
CA THR D 154 10.07 -32.10 5.74
C THR D 154 11.21 -31.59 6.61
N ILE D 155 12.20 -30.89 6.01
CA ILE D 155 13.41 -30.43 6.73
C ILE D 155 13.36 -28.94 7.03
N VAL D 156 13.48 -28.57 8.30
CA VAL D 156 13.82 -27.19 8.75
C VAL D 156 15.29 -27.23 9.17
N TYR D 157 16.18 -26.61 8.39
CA TYR D 157 17.62 -26.64 8.75
C TYR D 157 17.80 -26.10 10.16
N ASN D 158 18.65 -26.78 10.94
CA ASN D 158 19.00 -26.49 12.35
C ASN D 158 17.84 -26.87 13.29
N VAL D 159 16.85 -27.61 12.82
CA VAL D 159 15.93 -28.33 13.74
C VAL D 159 16.09 -29.85 13.50
N ASN D 160 15.94 -30.34 12.27
CA ASN D 160 15.87 -31.80 12.00
C ASN D 160 16.59 -32.17 10.70
N ASP D 161 17.55 -31.36 10.26
CA ASP D 161 18.33 -31.69 9.04
C ASP D 161 19.10 -33.01 9.25
N ASP D 162 19.16 -33.50 10.49
CA ASP D 162 19.89 -34.76 10.86
C ASP D 162 19.10 -36.01 10.42
N ILE D 163 17.80 -35.92 10.13
CA ILE D 163 17.00 -37.12 9.71
C ILE D 163 17.26 -37.42 8.23
N LEU D 164 17.99 -36.55 7.52
CA LEU D 164 18.37 -36.78 6.09
C LEU D 164 19.39 -37.91 6.00
N THR D 165 19.16 -38.84 5.06
CA THR D 165 20.05 -39.99 4.74
C THR D 165 20.26 -40.03 3.22
N ALA D 166 21.29 -40.76 2.77
CA ALA D 166 21.68 -40.85 1.34
C ALA D 166 20.59 -41.57 0.53
N ASP D 167 19.64 -42.25 1.17
CA ASP D 167 18.51 -42.97 0.53
C ASP D 167 17.40 -41.97 0.11
N ASP D 168 17.34 -40.78 0.73
CA ASP D 168 16.26 -39.78 0.51
C ASP D 168 16.33 -39.23 -0.93
N ARG D 169 15.23 -39.36 -1.69
CA ARG D 169 15.15 -38.96 -3.13
C ARG D 169 14.33 -37.67 -3.30
N ILE D 170 13.17 -37.58 -2.64
CA ILE D 170 12.23 -36.42 -2.75
C ILE D 170 11.95 -35.89 -1.34
N VAL D 171 12.42 -34.66 -1.06
CA VAL D 171 12.39 -34.01 0.28
C VAL D 171 11.68 -32.66 0.18
N SER D 172 10.92 -32.27 1.20
CA SER D 172 10.29 -30.95 1.36
C SER D 172 11.19 -30.10 2.26
N ALA D 173 11.45 -28.85 1.85
CA ALA D 173 12.13 -27.81 2.65
C ALA D 173 11.12 -27.12 3.59
N GLY D 174 9.88 -27.61 3.65
CA GLY D 174 8.82 -27.03 4.48
C GLY D 174 8.29 -25.76 3.87
N SER D 175 7.39 -25.06 4.60
CA SER D 175 6.95 -23.68 4.23
C SER D 175 7.83 -22.68 4.96
N CYS D 176 7.73 -21.41 4.55
CA CYS D 176 8.30 -20.23 5.25
C CYS D 176 7.82 -20.24 6.71
N THR D 177 6.51 -20.41 6.94
CA THR D 177 5.94 -20.42 8.30
C THR D 177 6.54 -21.56 9.14
N THR D 178 6.76 -22.73 8.53
CA THR D 178 7.37 -23.92 9.20
C THR D 178 8.77 -23.54 9.67
N ASN D 179 9.53 -22.84 8.84
CA ASN D 179 10.94 -22.52 9.15
C ASN D 179 10.99 -21.43 10.21
N CYS D 180 9.93 -20.64 10.33
CA CYS D 180 9.82 -19.61 11.39
C CYS D 180 9.37 -20.28 12.70
N LEU D 181 8.23 -20.98 12.67
CA LEU D 181 7.61 -21.64 13.86
C LEU D 181 8.53 -22.73 14.46
N ALA D 182 9.15 -23.56 13.64
CA ALA D 182 9.80 -24.82 14.09
C ALA D 182 10.79 -24.50 15.21
N PRO D 183 11.80 -23.62 15.00
CA PRO D 183 12.82 -23.40 16.02
C PRO D 183 12.23 -22.74 17.28
N LEU D 184 11.30 -21.80 17.11
CA LEU D 184 10.62 -21.15 18.27
C LEU D 184 9.93 -22.24 19.10
N ALA D 185 9.14 -23.12 18.48
CA ALA D 185 8.41 -24.21 19.18
C ALA D 185 9.40 -25.25 19.72
N PHE D 186 10.38 -25.68 18.92
CA PHE D 186 11.41 -26.68 19.33
C PHE D 186 12.08 -26.26 20.63
N PHE D 187 12.63 -25.05 20.70
CA PHE D 187 13.43 -24.57 21.85
C PHE D 187 12.50 -24.18 23.01
N GLU D 188 11.33 -23.61 22.73
CA GLU D 188 10.31 -23.30 23.78
C GLU D 188 9.90 -24.63 24.44
N ASN D 189 9.62 -25.66 23.64
CA ASN D 189 9.20 -26.98 24.17
C ASN D 189 10.34 -27.64 24.95
N LYS D 190 11.57 -27.59 24.43
CA LYS D 190 12.76 -28.16 25.10
C LYS D 190 12.87 -27.56 26.52
N GLU D 191 12.71 -26.24 26.65
CA GLU D 191 12.98 -25.51 27.91
C GLU D 191 11.80 -25.64 28.88
N PHE D 192 10.56 -25.71 28.40
CA PHE D 192 9.37 -25.53 29.27
C PHE D 192 8.30 -26.60 29.07
N GLY D 193 8.35 -27.34 27.96
CA GLY D 193 7.33 -28.35 27.62
C GLY D 193 6.01 -27.72 27.14
N ILE D 194 5.73 -27.77 25.84
CA ILE D 194 4.45 -27.27 25.25
C ILE D 194 3.42 -28.39 25.37
N LYS D 195 2.37 -28.18 26.15
CA LYS D 195 1.24 -29.14 26.27
C LYS D 195 0.35 -28.98 25.03
N VAL D 196 0.06 -27.73 24.68
CA VAL D 196 -0.83 -27.39 23.54
C VAL D 196 -0.52 -25.96 23.14
N GLY D 197 -0.65 -25.65 21.85
CA GLY D 197 -0.43 -24.30 21.31
C GLY D 197 -1.32 -24.00 20.12
N THR D 198 -1.58 -22.72 19.90
CA THR D 198 -2.17 -22.19 18.65
C THR D 198 -1.25 -21.09 18.10
N MET D 199 -1.20 -21.00 16.78
CA MET D 199 -0.34 -20.06 16.03
C MET D 199 -1.25 -19.13 15.20
N THR D 200 -0.91 -17.83 15.14
CA THR D 200 -1.36 -16.95 14.04
C THR D 200 -0.11 -16.32 13.41
N THR D 201 0.04 -16.48 12.09
CA THR D 201 1.07 -15.75 11.31
C THR D 201 0.42 -14.55 10.62
N ILE D 202 0.88 -13.35 10.94
CA ILE D 202 0.57 -12.10 10.22
C ILE D 202 1.58 -12.01 9.08
N HIS D 203 1.12 -12.36 7.87
CA HIS D 203 1.96 -12.84 6.75
C HIS D 203 1.78 -11.92 5.53
N ALA D 204 2.89 -11.52 4.93
CA ALA D 204 2.93 -10.78 3.63
C ALA D 204 2.06 -11.53 2.62
N TYR D 205 1.52 -10.80 1.65
CA TYR D 205 0.78 -11.42 0.54
C TYR D 205 1.81 -12.12 -0.36
N THR D 206 1.35 -13.17 -1.05
CA THR D 206 2.16 -14.05 -1.93
C THR D 206 1.51 -14.14 -3.31
N SER D 207 2.25 -14.76 -4.24
CA SER D 207 1.94 -14.73 -5.70
C SER D 207 0.67 -15.53 -6.02
N THR D 208 0.20 -16.41 -5.15
CA THR D 208 -1.07 -17.15 -5.33
C THR D 208 -2.28 -16.25 -5.04
N GLN D 209 -2.07 -15.10 -4.37
CA GLN D 209 -3.20 -14.21 -4.01
C GLN D 209 -3.57 -13.37 -5.23
N MET D 210 -4.71 -12.67 -5.14
CA MET D 210 -5.30 -11.88 -6.24
C MET D 210 -4.90 -10.41 -6.08
N LEU D 211 -4.54 -9.76 -7.19
CA LEU D 211 -4.26 -8.30 -7.21
C LEU D 211 -5.59 -7.54 -7.02
N LEU D 212 -6.66 -8.02 -7.64
CA LEU D 212 -8.02 -7.45 -7.49
C LEU D 212 -8.99 -8.62 -7.36
N ASP D 213 -10.11 -8.41 -6.66
CA ASP D 213 -11.13 -9.44 -6.39
C ASP D 213 -11.39 -10.19 -7.71
N GLY D 214 -11.30 -11.51 -7.71
CA GLY D 214 -11.75 -12.30 -8.86
C GLY D 214 -11.43 -13.79 -8.74
N PRO D 215 -11.81 -14.57 -9.79
CA PRO D 215 -11.58 -16.01 -9.82
C PRO D 215 -10.11 -16.34 -9.54
N VAL D 216 -9.90 -17.29 -8.63
CA VAL D 216 -8.57 -17.74 -8.14
C VAL D 216 -8.58 -19.27 -8.24
N ARG D 217 -7.44 -19.88 -8.54
CA ARG D 217 -7.40 -21.37 -8.65
C ARG D 217 -7.66 -21.95 -7.25
N GLY D 218 -8.49 -22.99 -7.17
CA GLY D 218 -8.94 -23.60 -5.91
C GLY D 218 -10.27 -23.05 -5.44
N GLY D 219 -10.70 -21.87 -5.91
CA GLY D 219 -12.05 -21.35 -5.67
C GLY D 219 -12.26 -20.79 -4.26
N ASN D 220 -11.21 -20.64 -3.44
CA ASN D 220 -11.35 -20.16 -2.03
C ASN D 220 -11.92 -18.73 -2.01
N PHE D 221 -12.95 -18.48 -1.19
CA PHE D 221 -13.70 -17.19 -1.11
C PHE D 221 -12.77 -16.04 -0.63
N ARG D 222 -11.73 -16.37 0.13
CA ARG D 222 -10.82 -15.39 0.77
C ARG D 222 -9.59 -15.17 -0.12
N ALA D 223 -8.99 -16.23 -0.66
CA ALA D 223 -7.83 -16.13 -1.61
C ALA D 223 -8.23 -15.32 -2.85
N ALA D 224 -9.53 -15.25 -3.16
CA ALA D 224 -10.09 -14.52 -4.33
C ALA D 224 -9.96 -12.99 -4.18
N ARG D 225 -9.69 -12.49 -2.97
CA ARG D 225 -9.86 -11.05 -2.63
C ARG D 225 -8.55 -10.26 -2.78
N ALA D 226 -8.66 -9.03 -3.26
CA ALA D 226 -7.56 -8.05 -3.50
C ALA D 226 -6.60 -8.04 -2.30
N ALA D 227 -5.35 -8.46 -2.53
CA ALA D 227 -4.37 -8.73 -1.45
C ALA D 227 -3.90 -7.43 -0.80
N GLY D 228 -3.78 -6.32 -1.56
CA GLY D 228 -3.13 -5.07 -1.13
C GLY D 228 -4.01 -4.25 -0.18
N VAL D 229 -5.31 -4.48 -0.18
CA VAL D 229 -6.30 -3.62 0.54
C VAL D 229 -7.17 -4.48 1.44
N ASN D 230 -6.68 -5.66 1.84
CA ASN D 230 -7.42 -6.56 2.76
C ASN D 230 -6.47 -7.25 3.72
N THR D 231 -6.94 -7.42 4.94
CA THR D 231 -6.54 -8.52 5.86
C THR D 231 -7.39 -9.75 5.52
N ILE D 232 -6.72 -10.83 5.11
CA ILE D 232 -7.38 -12.02 4.54
C ILE D 232 -7.02 -13.23 5.40
N PRO D 233 -7.97 -13.80 6.18
CA PRO D 233 -7.72 -15.05 6.88
C PRO D 233 -7.39 -16.13 5.86
N HIS D 234 -6.49 -17.04 6.22
CA HIS D 234 -5.85 -17.99 5.28
C HIS D 234 -5.34 -19.21 6.03
N SER D 235 -5.47 -20.39 5.43
CA SER D 235 -4.94 -21.70 5.92
C SER D 235 -3.41 -21.68 5.89
N THR D 236 -2.78 -22.28 6.89
CA THR D 236 -1.41 -22.85 6.83
C THR D 236 -1.50 -24.21 7.52
N GLY D 237 -0.76 -25.21 7.03
CA GLY D 237 -0.58 -26.50 7.73
C GLY D 237 0.60 -26.44 8.68
N ALA D 238 1.30 -25.30 8.75
CA ALA D 238 2.60 -25.18 9.45
C ALA D 238 2.45 -25.72 10.88
N ALA D 239 1.37 -25.37 11.59
CA ALA D 239 1.16 -25.80 12.99
C ALA D 239 0.68 -27.26 13.00
N LYS D 240 -0.41 -27.59 12.27
CA LYS D 240 -1.06 -28.93 12.28
C LYS D 240 -0.02 -29.99 11.96
N ALA D 241 0.83 -29.74 10.95
CA ALA D 241 1.81 -30.70 10.40
C ALA D 241 3.21 -30.53 11.02
N LEU D 242 3.35 -29.77 12.12
CA LEU D 242 4.69 -29.45 12.66
C LEU D 242 5.32 -30.73 13.23
N GLY D 243 4.48 -31.70 13.56
CA GLY D 243 4.83 -33.10 13.88
C GLY D 243 5.86 -33.69 12.94
N LEU D 244 5.84 -33.33 11.64
CA LEU D 244 6.78 -33.89 10.64
C LEU D 244 8.21 -33.43 10.95
N VAL D 245 8.35 -32.24 11.54
CA VAL D 245 9.67 -31.61 11.82
C VAL D 245 10.06 -31.90 13.26
N ILE D 246 9.11 -31.76 14.18
CA ILE D 246 9.27 -31.95 15.66
C ILE D 246 8.27 -33.01 16.08
N PRO D 247 8.62 -34.31 16.02
CA PRO D 247 7.72 -35.40 16.43
C PRO D 247 7.02 -35.18 17.78
N GLU D 248 7.72 -34.66 18.80
CA GLU D 248 7.15 -34.47 20.17
C GLU D 248 6.04 -33.40 20.18
N LEU D 249 5.91 -32.57 19.14
CA LEU D 249 4.82 -31.55 19.08
C LEU D 249 3.68 -32.06 18.20
N ASN D 250 3.80 -33.30 17.73
CA ASN D 250 2.82 -33.90 16.80
C ASN D 250 1.43 -33.85 17.44
N GLY D 251 0.46 -33.29 16.74
CA GLY D 251 -0.95 -33.20 17.19
C GLY D 251 -1.17 -32.22 18.33
N LYS D 252 -0.17 -31.39 18.70
CA LYS D 252 -0.26 -30.46 19.85
C LYS D 252 -0.56 -29.01 19.39
N LEU D 253 -0.36 -28.70 18.11
CA LEU D 253 -0.50 -27.32 17.61
C LEU D 253 -1.52 -27.27 16.46
N GLN D 254 -2.21 -26.14 16.38
CA GLN D 254 -3.00 -25.71 15.20
C GLN D 254 -2.74 -24.23 14.96
N GLY D 255 -3.31 -23.67 13.91
CA GLY D 255 -3.07 -22.27 13.57
C GLY D 255 -3.45 -21.95 12.15
N HIS D 256 -3.31 -20.68 11.80
CA HIS D 256 -3.81 -20.10 10.54
C HIS D 256 -3.03 -18.81 10.31
N ALA D 257 -3.25 -18.20 9.16
CA ALA D 257 -2.56 -16.98 8.74
C ALA D 257 -3.59 -15.87 8.58
N GLN D 258 -3.15 -14.64 8.76
CA GLN D 258 -3.82 -13.42 8.24
C GLN D 258 -2.90 -12.85 7.18
N ARG D 259 -3.31 -12.89 5.92
CA ARG D 259 -2.54 -12.27 4.81
C ARG D 259 -2.82 -10.77 4.84
N VAL D 260 -1.77 -9.97 4.93
CA VAL D 260 -1.88 -8.48 5.07
C VAL D 260 -1.12 -7.79 3.94
N GLY D 261 -1.29 -6.47 3.83
CA GLY D 261 -0.97 -5.68 2.62
C GLY D 261 0.48 -5.26 2.51
N VAL D 262 1.45 -6.15 2.77
CA VAL D 262 2.89 -5.89 2.48
C VAL D 262 3.41 -6.98 1.53
N VAL D 263 4.45 -6.67 0.77
CA VAL D 263 5.01 -7.53 -0.31
C VAL D 263 5.80 -8.71 0.28
N ASP D 264 6.26 -8.58 1.53
CA ASP D 264 7.24 -9.49 2.15
C ASP D 264 7.47 -9.09 3.61
N GLY D 265 7.89 -10.07 4.43
CA GLY D 265 8.12 -9.88 5.87
C GLY D 265 6.89 -10.27 6.65
N SER D 266 7.03 -11.23 7.56
CA SER D 266 5.93 -11.91 8.26
C SER D 266 6.34 -12.12 9.72
N LEU D 267 5.37 -12.32 10.60
CA LEU D 267 5.69 -12.78 11.97
C LEU D 267 4.70 -13.87 12.38
N THR D 268 5.19 -14.78 13.20
CA THR D 268 4.43 -15.91 13.79
C THR D 268 4.25 -15.61 15.27
N GLU D 269 2.98 -15.57 15.71
CA GLU D 269 2.61 -15.57 17.15
C GLU D 269 2.27 -17.00 17.55
N LEU D 270 2.88 -17.50 18.61
CA LEU D 270 2.57 -18.82 19.25
C LEU D 270 1.98 -18.53 20.63
N VAL D 271 0.76 -19.02 20.87
CA VAL D 271 0.12 -19.02 22.21
C VAL D 271 0.08 -20.46 22.70
N ALA D 272 0.70 -20.74 23.86
CA ALA D 272 0.91 -22.10 24.38
C ALA D 272 0.60 -22.18 25.87
N ILE D 273 0.11 -23.36 26.29
CA ILE D 273 0.13 -23.87 27.69
C ILE D 273 1.42 -24.65 27.86
N LEU D 274 2.27 -24.25 28.80
CA LEU D 274 3.58 -24.89 29.10
C LEU D 274 3.47 -25.74 30.37
N ASP D 275 4.41 -26.67 30.58
CA ASP D 275 4.53 -27.48 31.82
C ASP D 275 4.91 -26.61 33.00
N LYS D 276 5.76 -25.63 32.78
CA LYS D 276 6.43 -24.84 33.85
C LYS D 276 5.71 -23.51 34.02
N LYS D 277 5.56 -23.04 35.27
CA LYS D 277 5.21 -21.63 35.56
C LYS D 277 6.41 -20.78 35.15
N VAL D 278 6.18 -19.72 34.37
CA VAL D 278 7.28 -18.86 33.82
C VAL D 278 6.89 -17.40 33.98
N THR D 279 7.91 -16.53 33.87
CA THR D 279 7.78 -15.07 33.60
C THR D 279 8.27 -14.78 32.17
N ALA D 280 7.92 -13.64 31.62
CA ALA D 280 8.37 -13.16 30.29
C ALA D 280 9.90 -13.15 30.22
N ASP D 281 10.58 -12.61 31.24
CA ASP D 281 12.07 -12.51 31.30
C ASP D 281 12.68 -13.90 31.20
N GLU D 282 12.09 -14.87 31.90
CA GLU D 282 12.56 -16.27 31.96
C GLU D 282 12.37 -16.93 30.59
N VAL D 283 11.20 -16.74 29.95
CA VAL D 283 10.95 -17.26 28.57
C VAL D 283 11.98 -16.67 27.60
N ASN D 284 12.22 -15.35 27.66
CA ASN D 284 13.12 -14.63 26.73
C ASN D 284 14.58 -15.09 26.88
N ALA D 285 15.08 -15.20 28.11
CA ALA D 285 16.48 -15.64 28.39
C ALA D 285 16.66 -17.08 27.91
N ALA D 286 15.68 -17.95 28.15
CA ALA D 286 15.78 -19.40 27.84
C ALA D 286 15.79 -19.59 26.32
N ILE D 287 14.93 -18.89 25.58
CA ILE D 287 14.84 -19.00 24.10
C ILE D 287 16.07 -18.33 23.48
N LYS D 288 16.46 -17.18 24.01
CA LYS D 288 17.59 -16.38 23.47
C LYS D 288 18.87 -17.21 23.42
N LYS D 289 19.10 -18.05 24.43
CA LYS D 289 20.39 -18.79 24.50
C LYS D 289 20.48 -19.70 23.28
N HIS D 290 19.34 -20.17 22.75
CA HIS D 290 19.32 -21.09 21.58
C HIS D 290 19.49 -20.32 20.26
N THR D 291 19.57 -18.98 20.29
CA THR D 291 19.87 -18.12 19.12
C THR D 291 21.38 -17.80 19.02
N GLU D 292 22.16 -18.04 20.07
CA GLU D 292 23.60 -17.68 20.10
C GLU D 292 24.30 -18.49 19.01
N GLY D 293 24.87 -17.80 18.02
CA GLY D 293 25.61 -18.40 16.90
C GLY D 293 24.70 -19.16 15.93
N ASN D 294 23.38 -18.91 16.00
CA ASN D 294 22.40 -19.69 15.22
C ASN D 294 22.06 -18.95 13.91
N GLU D 295 22.50 -19.49 12.78
CA GLU D 295 22.35 -18.84 11.45
C GLU D 295 20.90 -19.00 10.96
N SER D 296 20.12 -19.90 11.57
CA SER D 296 18.74 -20.26 11.18
C SER D 296 17.70 -19.60 12.10
N PHE D 297 18.05 -19.41 13.37
CA PHE D 297 17.16 -18.88 14.44
C PHE D 297 17.87 -17.70 15.10
N GLY D 298 17.57 -16.50 14.64
CA GLY D 298 18.21 -15.27 15.10
C GLY D 298 17.44 -14.60 16.22
N TYR D 299 17.90 -13.42 16.62
CA TYR D 299 17.40 -12.68 17.81
C TYR D 299 17.34 -11.21 17.46
N ASN D 300 16.29 -10.50 17.87
CA ASN D 300 16.27 -9.03 17.73
C ASN D 300 15.39 -8.39 18.80
N ASP D 301 15.95 -7.45 19.58
CA ASP D 301 15.25 -6.76 20.69
C ASP D 301 15.30 -5.25 20.49
N ASP D 302 15.44 -4.78 19.25
CA ASP D 302 15.44 -3.34 18.88
C ASP D 302 14.02 -2.83 18.59
N GLU D 303 12.98 -3.65 18.73
CA GLU D 303 11.56 -3.25 18.44
C GLU D 303 11.41 -2.97 16.94
N ILE D 304 11.77 -3.95 16.13
CA ILE D 304 11.74 -3.85 14.65
C ILE D 304 10.29 -4.01 14.18
N VAL D 305 10.07 -3.80 12.88
CA VAL D 305 8.74 -3.98 12.20
C VAL D 305 9.04 -4.76 10.93
N SER D 306 8.00 -5.18 10.20
CA SER D 306 8.09 -6.23 9.16
C SER D 306 9.21 -5.91 8.16
N SER D 307 9.34 -4.67 7.72
CA SER D 307 10.24 -4.37 6.59
C SER D 307 11.71 -4.56 7.02
N ASP D 308 12.00 -4.50 8.33
CA ASP D 308 13.36 -4.64 8.87
C ASP D 308 13.92 -6.05 8.61
N VAL D 309 13.05 -7.05 8.39
CA VAL D 309 13.54 -8.45 8.22
C VAL D 309 13.69 -8.78 6.72
N ILE D 310 13.26 -7.89 5.84
CA ILE D 310 13.35 -8.11 4.36
C ILE D 310 14.85 -8.17 4.01
N GLY D 311 15.33 -9.32 3.55
CA GLY D 311 16.74 -9.50 3.14
C GLY D 311 17.56 -10.17 4.23
N THR D 312 16.97 -10.49 5.39
CA THR D 312 17.66 -11.26 6.47
C THR D 312 17.75 -12.74 6.08
N THR D 313 18.71 -13.45 6.65
CA THR D 313 19.19 -14.80 6.21
C THR D 313 18.76 -15.89 7.21
N PHE D 314 18.10 -15.49 8.30
CA PHE D 314 17.47 -16.39 9.30
C PHE D 314 16.13 -16.91 8.76
N GLY D 315 15.75 -18.13 9.13
CA GLY D 315 14.42 -18.70 8.86
C GLY D 315 13.43 -18.15 9.86
N SER D 316 13.94 -17.63 10.97
CA SER D 316 13.16 -17.23 12.17
C SER D 316 14.00 -16.23 12.97
N ILE D 317 13.37 -15.17 13.46
CA ILE D 317 14.06 -14.17 14.31
C ILE D 317 13.19 -13.97 15.55
N PHE D 318 13.66 -14.48 16.69
CA PHE D 318 12.95 -14.36 17.98
C PHE D 318 12.90 -12.88 18.37
N ASP D 319 11.72 -12.41 18.79
CA ASP D 319 11.49 -11.00 19.21
C ASP D 319 11.02 -11.00 20.66
N PRO D 320 11.93 -10.90 21.65
CA PRO D 320 11.53 -10.92 23.06
C PRO D 320 10.57 -9.80 23.47
N THR D 321 10.52 -8.70 22.71
CA THR D 321 9.76 -7.47 23.07
C THR D 321 8.26 -7.75 23.01
N GLN D 322 7.85 -8.84 22.36
CA GLN D 322 6.41 -9.18 22.18
C GLN D 322 6.02 -10.34 23.10
N THR D 323 6.96 -10.88 23.89
CA THR D 323 6.68 -12.01 24.81
C THR D 323 5.65 -11.55 25.85
N GLU D 324 4.67 -12.41 26.13
CA GLU D 324 3.57 -12.07 27.06
C GLU D 324 3.13 -13.35 27.80
N VAL D 325 3.15 -13.28 29.12
CA VAL D 325 2.66 -14.37 30.04
C VAL D 325 1.44 -13.83 30.79
N THR D 326 0.28 -14.45 30.61
CA THR D 326 -0.98 -14.12 31.31
C THR D 326 -1.26 -15.23 32.32
N SER D 327 -1.42 -14.87 33.60
CA SER D 327 -1.58 -15.79 34.77
C SER D 327 -2.82 -15.40 35.60
N ASP D 328 -3.65 -16.38 35.92
CA ASP D 328 -4.72 -16.28 36.95
C ASP D 328 -4.56 -17.55 37.78
N GLY D 329 -3.78 -17.44 38.85
CA GLY D 329 -3.46 -18.60 39.68
C GLY D 329 -2.55 -19.59 38.98
N ASP D 330 -3.09 -20.76 38.61
CA ASP D 330 -2.31 -21.84 37.97
C ASP D 330 -2.64 -21.93 36.47
N ASN D 331 -3.54 -21.08 36.00
CA ASN D 331 -3.78 -21.04 34.53
C ASN D 331 -2.88 -19.98 33.89
N GLN D 332 -2.07 -20.41 32.94
CA GLN D 332 -1.02 -19.57 32.31
C GLN D 332 -1.03 -19.75 30.77
N LEU D 333 -1.10 -18.63 30.05
CA LEU D 333 -0.90 -18.52 28.58
C LEU D 333 0.41 -17.80 28.31
N VAL D 334 1.24 -18.34 27.42
CA VAL D 334 2.55 -17.77 27.02
C VAL D 334 2.49 -17.49 25.53
N LYS D 335 2.65 -16.21 25.18
CA LYS D 335 2.73 -15.71 23.79
C LYS D 335 4.20 -15.42 23.46
N THR D 336 4.69 -16.06 22.42
CA THR D 336 6.02 -15.80 21.86
C THR D 336 5.85 -15.55 20.36
N VAL D 337 6.80 -14.81 19.82
CA VAL D 337 6.71 -14.21 18.46
C VAL D 337 8.09 -14.32 17.83
N ALA D 338 8.14 -14.69 16.56
CA ALA D 338 9.37 -14.66 15.74
C ALA D 338 9.01 -14.09 14.36
N TRP D 339 9.86 -13.18 13.88
CA TRP D 339 9.75 -12.58 12.53
C TRP D 339 10.37 -13.56 11.52
N TYR D 340 10.05 -13.36 10.24
CA TYR D 340 10.71 -14.08 9.14
C TYR D 340 10.51 -13.33 7.84
N ASP D 341 11.60 -13.28 7.07
CA ASP D 341 11.55 -12.98 5.63
C ASP D 341 11.08 -14.24 4.94
N ASN D 342 9.77 -14.33 4.69
CA ASN D 342 9.11 -15.53 4.13
C ASN D 342 9.71 -15.80 2.75
N GLU D 343 10.29 -14.80 2.10
CA GLU D 343 11.02 -15.01 0.84
C GLU D 343 12.48 -15.41 1.15
N TYR D 344 13.34 -14.45 1.49
CA TYR D 344 14.82 -14.66 1.46
C TYR D 344 15.28 -15.49 2.65
N GLY D 345 14.61 -15.33 3.81
CA GLY D 345 14.93 -16.05 5.05
C GLY D 345 14.72 -17.55 4.87
N PHE D 346 13.52 -17.91 4.44
CA PHE D 346 13.14 -19.29 4.07
C PHE D 346 14.08 -19.81 3.00
N THR D 347 14.39 -18.99 1.98
CA THR D 347 15.26 -19.38 0.84
C THR D 347 16.65 -19.75 1.36
N CYS D 348 17.20 -19.00 2.33
CA CYS D 348 18.52 -19.25 2.92
C CYS D 348 18.48 -20.58 3.69
N GLN D 349 17.34 -20.90 4.32
CA GLN D 349 17.10 -22.21 4.98
C GLN D 349 17.09 -23.33 3.93
N MET D 350 16.36 -23.15 2.84
CA MET D 350 16.26 -24.12 1.73
C MET D 350 17.66 -24.36 1.15
N VAL D 351 18.46 -23.32 1.00
CA VAL D 351 19.81 -23.46 0.40
C VAL D 351 20.71 -24.20 1.39
N ARG D 352 20.61 -23.93 2.70
CA ARG D 352 21.36 -24.70 3.74
C ARG D 352 21.01 -26.19 3.58
N THR D 353 19.71 -26.50 3.48
CA THR D 353 19.20 -27.88 3.33
C THR D 353 19.69 -28.47 2.00
N LEU D 354 19.77 -27.65 0.94
CA LEU D 354 20.25 -28.03 -0.42
C LEU D 354 21.70 -28.48 -0.30
N LEU D 355 22.52 -27.71 0.40
CA LEU D 355 23.98 -27.95 0.44
C LEU D 355 24.25 -29.23 1.23
N LYS D 356 23.45 -29.52 2.24
CA LYS D 356 23.54 -30.80 2.99
C LYS D 356 23.00 -31.95 2.10
N PHE D 357 21.80 -31.78 1.51
CA PHE D 357 21.03 -32.87 0.86
C PHE D 357 21.85 -33.43 -0.31
N ALA D 358 22.51 -32.55 -1.06
CA ALA D 358 23.31 -32.88 -2.28
C ALA D 358 24.63 -33.53 -1.87
N THR D 359 25.20 -33.14 -0.73
CA THR D 359 26.55 -33.57 -0.24
C THR D 359 26.40 -34.81 0.67
N LEU D 360 25.51 -35.73 0.31
CA LEU D 360 25.16 -36.91 1.14
C LEU D 360 25.55 -38.20 0.41
#